data_5XJY
#
_entry.id   5XJY
#
_cell.length_a   1.0
_cell.length_b   1.0
_cell.length_c   1.0
_cell.angle_alpha   90.0
_cell.angle_beta   90.0
_cell.angle_gamma   90.0
#
_symmetry.space_group_name_H-M   'P 1'
#
loop_
_entity.id
_entity.type
_entity.pdbx_description
1 polymer 'ATP-binding cassette sub-family A member 1'
2 branched beta-D-mannopyranose-(1-3)-[beta-D-mannopyranose-(1-6)]beta-D-mannopyranose-(1-4)-2-acetamido-2-deoxy-beta-D-glucopyranose-(1-4)-2-acetamido-2-deoxy-beta-D-glucopyranose
3 branched 2-acetamido-2-deoxy-beta-D-glucopyranose-(1-4)-2-acetamido-2-deoxy-beta-D-glucopyranose
4 non-polymer 2-acetamido-2-deoxy-beta-D-glucopyranose
#
_entity_poly.entity_id   1
_entity_poly.type   'polypeptide(L)'
_entity_poly.pdbx_seq_one_letter_code
;MADYKDDDDKSGPDEVDASGRMACWPQLRLLLWKNLTFRRRQTCQLLLEVAWPLFIFLILISVRLSYPPYEQHECHFPNK
AMPSAGTLPWVQGIICNANNPCFRYPTPGEAPGVVGNFNKSIVARLFSDARRLLLYSQKDTSMKDMRKVLRTLQQIKKSS
SNLKLQDFLVDNETFSGFLYHNLSLPKSTVDKMLRADVILHKVFLQGYQLHLTSLCNGSKSEEMIQLGDQEVSELCGLPR
EKLAAAERVLRSNMDILKPILRTLNSTSPFPSKELAEATKTLLHSLGTLAQELFSMRSWSDMRQEVMFLTNVNSSSSSTQ
IYQAVSRIVCGHPEGGGLKIKSLNWYEDNNYKALFGGNGTEEDAETFYDNSTTPYCNDLMKNLESSPLSRIIWKALKPLL
VGKILYTPDTPATRQVMAEVNKTFQELAVFHDLEGMWEELSPKIWTFMENSQEMDLVRMLLDSRDNDHFWEQQLDGLDWT
AQDIVAFLAKHPEDVQSSNGSVYTWREAFNETNQAIRTISRFMECVNLNKLEPIATEVWLINKSMELLDERKFWAGIVFT
GITPGSIELPHHVKYKIRMDIDNVERTNKIKDGYWDPGPRADPFEDMRYVWGGFAYLQDVVEQAIIRVLTGTEKKTGVYM
QQMPYPCYVDDIFLRVMSRSMPLFMTLAWIYSVAVIIKGIVYEKEARLKETMRIMGLDNSILWFSWFISSLIPLLVSAGL
LVVILKLGNLLPYSDPSVVFVFLSVFAVVTILQCFLISTLFSRANLAAACGGIIYFTLYLPYVLCVAWQDYVGFTLKIFA
SLLSPVAFGFGCEYFALFEEQGIGVQWDNLFESPVEEDGFNLTTSVSMMLFDTFLYGVMTWYIEAVFPGQYGIPRPWYFP
CTKSYWFGEESDEKSHPGSNQKRISEICMEEEPTHLKLGVSIQNLVKVYRDGMKVAVDGLALNFYEGQITSFLGHNGAGK
TTTMSILTGLFPPTSGTAYILGKDIRSEMSTIRQNLGVCPQHNVLFDMLTVEEHIWFYARLKGLSEKHVKAEMEQMALDV
GLPSSKLKSKTSQLSGGMQRKLSVALAFVGGSKVVILDEPTAGVDPYSRRGIWELLLKYRQGRTIILSTHHMDEADVLGD
RIAIISHGKLCCVGSSLFLKNQLGTGYYLTLVKKDVESSLSSCRNSSSTVSYLKKEDSVSQSSSDAGLGSDHESDTLTID
VSAISNLIRKHVSEARLVEDIGHELTYVLPYEAAKEGAFVELFHEIDDRLSDLGISSYGISETTLEEIFLKVAEESGVDA
ETSDGTLPARRNRRAFGDKQSCLRPFTEDDAADPNDSDIDPESRETDLLSGMDGKGSYQVKGWKLTQQQFVALLWKRLLI
ARRSRKGFFAQIVLPAVFVCIALVFSLIVPPFGKYPSLELQPWMYNEQYTFVSNDAPEDTGTLELLNALTKDPGFGTRCM
EGNPIPDTPCQAGEEEWTTAPVPQTIMDLFQNGNWTMQNPSPACQCSSDKIKKMLPVCPPGAGGLPPPQRKQNTADILQD
LTGRNISDYLVKTYVQIIAKSLKNKIWVNEFRYGGFSLGVSNTQALPPSQEVNDAIKQMKKHLKLAKDSSADRFLNSLGR
FMTGLDTKNNVKVWFNNKGWHAISSFLNVINNAILRANLQKGENPSHYGITAFNHPLNLTKQQLSEVALMTTSVDVLVSI
CVIFAMSFVPASFVVFLIQERVSKAKHLQFISGVKPVIYWLSNFVWDMCNYVVPATLVIIIFICFQQKSYVSSTNLPVLA
LLLLLYGWSITPLMYPASFVFKIPSTAYVVLTSVNLFIGINGSVATFVLELFTDNKLNNINDILKSVFLIFPHFCLGRGL
IDMVKNQAMADALERFGENRFVSPLSWDLVGRNLFAMAVEGVVFFLITVLIQYRFFIRPRPVNAKLSPLNDEDEDVRRER
QRILDGGGQNDILEIKELTKIYRRKRKPAVDRICVGIPPGECFGLLGVNGAGKSSTFKMLTGDTTVTRGDAFLNKNSILS
NIHEVHQNMGYCPQFDAITELLTGREHVEFFALLRGVPEKEVGKVGEWAIRKLGLVKYGEKYAGNYSGGNKRKLSTAMAL
IGGPPVVFLDEPTTGMDPKARRFLWNCALSVVKEGRSVVLTSHSMEECEALCTRMAIMVNGRFRCLGSVQHLKNRFGDGY
TIVVRIAGSNPDLKPVQDFFGLAFPGSVLKEKHRNMLQYQLPSSLSSLARIFSILSQSKKRLHIEDYSVSQTTLDQVFVN
FAKDQSDDDHLKDLSLHKNQTVVDVAVLTSFLQDEKVKESYVLEGSDEVDAVEGSHHHHHHHHHH
;
_entity_poly.pdbx_strand_id   A
#
loop_
_chem_comp.id
_chem_comp.type
_chem_comp.name
_chem_comp.formula
BMA D-saccharide, beta linking beta-D-mannopyranose 'C6 H12 O6'
NAG D-saccharide, beta linking 2-acetamido-2-deoxy-beta-D-glucopyranose 'C8 H15 N O6'
#
# COMPACT_ATOMS: atom_id res chain seq x y z
N CYS A 24 37.05 -29.79 14.71
CA CYS A 24 36.63 -28.40 14.64
C CYS A 24 35.13 -28.32 14.81
N TRP A 25 34.50 -29.48 14.95
CA TRP A 25 33.08 -29.54 15.29
C TRP A 25 32.73 -28.84 16.61
N PRO A 26 33.23 -29.27 17.79
CA PRO A 26 32.50 -28.97 19.03
C PRO A 26 32.57 -27.51 19.45
N GLN A 27 33.52 -26.74 18.90
CA GLN A 27 33.46 -25.31 19.08
C GLN A 27 32.29 -24.73 18.29
N LEU A 28 31.92 -25.36 17.18
CA LEU A 28 30.78 -24.89 16.44
C LEU A 28 29.49 -25.48 16.99
N ARG A 29 29.55 -26.65 17.60
CA ARG A 29 28.36 -27.15 18.27
C ARG A 29 28.06 -26.31 19.52
N LEU A 30 29.09 -25.97 20.27
CA LEU A 30 28.87 -25.10 21.42
C LEU A 30 28.61 -23.67 20.96
N LEU A 31 29.09 -23.31 19.78
CA LEU A 31 28.84 -21.98 19.28
C LEU A 31 27.38 -21.83 18.85
N LEU A 32 26.84 -22.88 18.23
CA LEU A 32 25.40 -22.96 18.04
C LEU A 32 24.65 -23.11 19.34
N TRP A 33 25.29 -23.63 20.39
CA TRP A 33 24.64 -23.60 21.68
C TRP A 33 24.54 -22.18 22.19
N LYS A 34 25.52 -21.33 21.87
CA LYS A 34 25.41 -19.93 22.21
C LYS A 34 24.28 -19.26 21.44
N ASN A 35 24.25 -19.45 20.11
CA ASN A 35 23.27 -18.75 19.29
C ASN A 35 21.85 -19.24 19.56
N LEU A 36 21.67 -20.56 19.60
CA LEU A 36 20.36 -21.11 19.88
C LEU A 36 19.94 -20.86 21.32
N THR A 37 20.88 -20.88 22.25
CA THR A 37 20.52 -20.68 23.64
C THR A 37 20.15 -19.22 23.91
N PHE A 38 20.69 -18.29 23.09
CA PHE A 38 20.21 -16.90 23.10
C PHE A 38 18.71 -16.80 22.86
N ARG A 39 18.15 -17.68 22.05
CA ARG A 39 16.72 -17.65 21.77
C ARG A 39 15.92 -18.58 22.67
N ARG A 40 16.54 -19.66 23.16
CA ARG A 40 15.86 -20.52 24.12
C ARG A 40 15.62 -19.78 25.43
N ARG A 41 16.51 -18.87 25.80
CA ARG A 41 16.32 -18.11 27.02
C ARG A 41 15.49 -16.84 26.84
N GLN A 42 14.80 -16.67 25.72
CA GLN A 42 13.94 -15.50 25.53
C GLN A 42 12.45 -15.84 25.47
N THR A 43 12.07 -16.82 24.65
CA THR A 43 10.72 -17.38 24.52
C THR A 43 9.64 -16.35 24.17
N CYS A 44 10.02 -15.23 23.60
CA CYS A 44 9.02 -14.32 23.05
C CYS A 44 9.35 -13.91 21.63
N GLN A 45 10.64 -13.70 21.33
CA GLN A 45 11.05 -13.37 19.98
C GLN A 45 10.97 -14.58 19.06
N LEU A 46 11.13 -15.78 19.62
CA LEU A 46 10.86 -16.98 18.84
C LEU A 46 9.38 -17.12 18.52
N LEU A 47 8.51 -16.71 19.43
CA LEU A 47 7.10 -16.93 19.17
C LEU A 47 6.52 -15.85 18.28
N LEU A 48 6.97 -14.60 18.43
CA LEU A 48 6.64 -13.57 17.46
C LEU A 48 7.22 -13.94 16.10
N GLU A 49 8.42 -14.53 16.11
CA GLU A 49 9.11 -15.00 14.93
C GLU A 49 8.33 -16.07 14.18
N VAL A 50 8.09 -17.23 14.80
CA VAL A 50 7.42 -18.31 14.08
C VAL A 50 5.91 -18.16 14.05
N ALA A 51 5.36 -17.16 14.73
CA ALA A 51 3.91 -16.97 14.72
C ALA A 51 3.48 -15.77 13.89
N TRP A 52 4.39 -14.91 13.48
CA TRP A 52 4.03 -13.80 12.60
C TRP A 52 3.68 -14.21 11.16
N PRO A 53 4.40 -15.12 10.48
CA PRO A 53 3.92 -15.55 9.16
C PRO A 53 2.67 -16.40 9.20
N LEU A 54 2.43 -17.14 10.28
CA LEU A 54 1.15 -17.80 10.49
C LEU A 54 0.00 -16.81 10.41
N PHE A 55 0.14 -15.69 11.13
CA PHE A 55 -0.94 -14.71 11.20
C PHE A 55 -1.12 -13.99 9.88
N ILE A 56 -0.02 -13.55 9.26
CA ILE A 56 -0.15 -12.77 8.03
C ILE A 56 -0.61 -13.64 6.86
N PHE A 57 -0.04 -14.83 6.73
CA PHE A 57 -0.45 -15.69 5.62
C PHE A 57 -1.82 -16.31 5.83
N LEU A 58 -2.26 -16.46 7.07
CA LEU A 58 -3.65 -16.89 7.24
C LEU A 58 -4.64 -15.76 7.03
N ILE A 59 -4.27 -14.51 7.34
CA ILE A 59 -5.16 -13.40 7.00
C ILE A 59 -5.23 -13.22 5.49
N LEU A 60 -4.10 -13.31 4.81
CA LEU A 60 -4.12 -13.18 3.36
C LEU A 60 -4.82 -14.37 2.69
N ILE A 61 -4.71 -15.56 3.28
CA ILE A 61 -5.43 -16.70 2.73
C ILE A 61 -6.93 -16.55 3.00
N SER A 62 -7.31 -15.79 4.03
CA SER A 62 -8.72 -15.42 4.17
C SER A 62 -9.14 -14.45 3.06
N VAL A 63 -8.26 -13.53 2.67
CA VAL A 63 -8.59 -12.61 1.58
C VAL A 63 -8.69 -13.35 0.25
N ARG A 64 -8.00 -14.50 0.09
CA ARG A 64 -8.38 -15.41 -0.99
C ARG A 64 -9.78 -15.98 -0.77
N LEU A 65 -10.03 -16.60 0.38
CA LEU A 65 -11.24 -17.41 0.46
C LEU A 65 -12.50 -16.56 0.67
N SER A 66 -12.38 -15.23 0.61
CA SER A 66 -13.55 -14.38 0.44
C SER A 66 -13.96 -14.25 -1.03
N TYR A 67 -13.02 -14.36 -1.97
CA TYR A 67 -13.28 -14.12 -3.40
C TYR A 67 -13.00 -15.41 -4.16
N PRO A 68 -14.01 -16.25 -4.39
CA PRO A 68 -13.80 -17.48 -5.16
C PRO A 68 -13.54 -17.16 -6.62
N PRO A 69 -12.97 -18.10 -7.38
CA PRO A 69 -12.72 -17.84 -8.81
C PRO A 69 -14.00 -17.65 -9.60
N TYR A 70 -13.93 -16.75 -10.58
CA TYR A 70 -15.07 -16.41 -11.43
C TYR A 70 -14.87 -17.01 -12.80
N GLU A 71 -15.89 -17.73 -13.28
CA GLU A 71 -15.80 -18.50 -14.50
C GLU A 71 -16.83 -18.03 -15.50
N GLN A 72 -16.49 -18.10 -16.77
CA GLN A 72 -17.38 -17.78 -17.86
C GLN A 72 -17.19 -18.78 -18.97
N HIS A 73 -18.30 -19.19 -19.58
CA HIS A 73 -18.26 -20.00 -20.78
C HIS A 73 -17.80 -19.17 -21.97
N GLU A 74 -17.58 -19.84 -23.09
CA GLU A 74 -17.07 -19.20 -24.29
C GLU A 74 -18.15 -18.28 -24.83
N CYS A 75 -18.04 -17.01 -24.49
CA CYS A 75 -19.13 -16.08 -24.73
C CYS A 75 -19.17 -15.72 -26.21
N HIS A 76 -20.33 -15.93 -26.83
CA HIS A 76 -20.65 -15.41 -28.15
C HIS A 76 -21.79 -14.40 -28.03
N PHE A 77 -21.83 -13.42 -28.93
CA PHE A 77 -22.64 -12.22 -28.77
C PHE A 77 -23.64 -12.01 -29.89
N PRO A 78 -24.82 -11.50 -29.59
CA PRO A 78 -25.78 -11.17 -30.66
C PRO A 78 -25.30 -9.96 -31.41
N ASN A 79 -25.85 -9.75 -32.59
CA ASN A 79 -25.52 -8.54 -33.30
C ASN A 79 -26.50 -7.44 -32.99
N LYS A 80 -25.98 -6.26 -32.74
CA LYS A 80 -26.87 -5.11 -32.68
C LYS A 80 -27.27 -4.72 -34.08
N ALA A 81 -28.20 -3.79 -34.19
CA ALA A 81 -28.53 -3.26 -35.50
C ALA A 81 -28.41 -1.76 -35.43
N MET A 82 -28.24 -1.12 -36.58
CA MET A 82 -28.06 0.31 -36.55
C MET A 82 -28.90 0.94 -37.65
N PRO A 83 -29.47 2.14 -37.42
CA PRO A 83 -30.62 2.58 -38.20
C PRO A 83 -30.40 2.88 -39.66
N SER A 84 -29.23 2.60 -40.17
CA SER A 84 -29.19 2.48 -41.61
C SER A 84 -29.57 1.09 -42.06
N ALA A 85 -29.67 0.12 -41.16
CA ALA A 85 -30.16 -1.19 -41.54
C ALA A 85 -31.64 -1.11 -41.87
N GLY A 86 -32.42 -0.74 -40.87
CA GLY A 86 -33.85 -0.62 -41.02
C GLY A 86 -34.41 -0.30 -39.66
N THR A 87 -35.55 0.37 -39.58
CA THR A 87 -36.00 0.83 -38.28
C THR A 87 -36.52 -0.32 -37.42
N LEU A 88 -37.20 -1.29 -38.01
CA LEU A 88 -37.65 -2.45 -37.23
C LEU A 88 -36.52 -3.34 -36.70
N PRO A 89 -35.47 -3.70 -37.46
CA PRO A 89 -34.41 -4.48 -36.83
C PRO A 89 -33.68 -3.78 -35.73
N TRP A 90 -33.58 -2.45 -35.72
CA TRP A 90 -32.86 -1.90 -34.57
C TRP A 90 -33.76 -1.51 -33.43
N VAL A 91 -35.07 -1.33 -33.64
CA VAL A 91 -35.87 -1.21 -32.43
C VAL A 91 -36.08 -2.56 -31.80
N GLN A 92 -35.98 -3.64 -32.58
CA GLN A 92 -35.78 -4.93 -31.95
C GLN A 92 -34.38 -5.02 -31.36
N GLY A 93 -33.43 -4.28 -31.92
CA GLY A 93 -32.11 -4.23 -31.35
C GLY A 93 -32.06 -3.54 -30.01
N ILE A 94 -33.02 -2.69 -29.72
CA ILE A 94 -33.06 -2.05 -28.42
C ILE A 94 -33.87 -2.85 -27.43
N ILE A 95 -35.04 -3.32 -27.85
CA ILE A 95 -35.90 -4.00 -26.89
C ILE A 95 -35.38 -5.40 -26.61
N CYS A 96 -34.75 -6.04 -27.58
CA CYS A 96 -34.44 -7.45 -27.44
C CYS A 96 -33.23 -7.69 -26.55
N ASN A 97 -32.07 -7.23 -26.99
CA ASN A 97 -30.82 -7.58 -26.34
C ASN A 97 -30.17 -6.33 -25.75
N ALA A 98 -30.62 -5.96 -24.55
CA ALA A 98 -29.86 -4.98 -23.80
C ALA A 98 -28.79 -5.66 -23.00
N ASN A 99 -29.09 -6.85 -22.48
CA ASN A 99 -28.25 -7.52 -21.50
C ASN A 99 -26.95 -8.09 -22.06
N ASN A 100 -26.84 -8.26 -23.39
CA ASN A 100 -25.72 -8.89 -24.08
C ASN A 100 -25.41 -10.25 -23.49
N PRO A 101 -26.21 -11.27 -23.78
CA PRO A 101 -26.40 -12.38 -22.83
C PRO A 101 -25.47 -13.58 -22.96
N CYS A 102 -24.40 -13.55 -23.76
CA CYS A 102 -23.36 -14.59 -23.80
C CYS A 102 -23.93 -15.98 -24.13
N PHE A 103 -24.35 -16.15 -25.39
CA PHE A 103 -25.15 -17.31 -25.74
C PHE A 103 -24.43 -18.65 -25.71
N ARG A 104 -23.09 -18.68 -25.59
CA ARG A 104 -22.24 -19.86 -25.42
C ARG A 104 -22.14 -20.72 -26.70
N TYR A 105 -22.95 -20.43 -27.71
CA TYR A 105 -22.93 -21.18 -28.93
C TYR A 105 -23.29 -20.15 -29.98
N PRO A 106 -22.61 -20.14 -31.13
CA PRO A 106 -22.70 -18.99 -32.03
C PRO A 106 -24.08 -18.72 -32.63
N THR A 107 -24.64 -17.65 -32.12
CA THR A 107 -25.90 -17.11 -32.61
C THR A 107 -25.76 -16.72 -34.07
N PRO A 108 -26.65 -17.18 -34.97
CA PRO A 108 -26.36 -17.20 -36.41
C PRO A 108 -26.14 -15.86 -37.10
N GLY A 109 -26.13 -14.77 -36.35
CA GLY A 109 -25.50 -13.57 -36.85
C GLY A 109 -24.01 -13.71 -37.02
N GLU A 110 -23.39 -14.59 -36.26
CA GLU A 110 -21.95 -14.82 -36.37
C GLU A 110 -21.61 -15.91 -37.36
N ALA A 111 -22.46 -16.11 -38.32
CA ALA A 111 -22.20 -17.02 -39.41
C ALA A 111 -21.62 -16.15 -40.52
N PRO A 112 -21.12 -16.71 -41.61
CA PRO A 112 -20.75 -15.88 -42.75
C PRO A 112 -21.90 -15.14 -43.40
N GLY A 113 -22.93 -15.83 -43.83
CA GLY A 113 -23.89 -15.19 -44.69
C GLY A 113 -25.12 -14.64 -44.01
N VAL A 114 -25.75 -15.47 -43.19
CA VAL A 114 -27.01 -15.10 -42.57
C VAL A 114 -26.76 -14.06 -41.49
N VAL A 115 -27.55 -13.00 -41.50
CA VAL A 115 -27.35 -11.88 -40.61
C VAL A 115 -28.50 -11.70 -39.64
N GLY A 116 -29.74 -11.89 -40.09
CA GLY A 116 -30.88 -11.16 -39.58
C GLY A 116 -31.23 -11.43 -38.13
N ASN A 117 -31.04 -12.67 -37.67
CA ASN A 117 -31.32 -13.14 -36.30
C ASN A 117 -32.80 -13.08 -35.92
N PHE A 118 -33.69 -12.63 -36.79
CA PHE A 118 -35.08 -12.44 -36.41
C PHE A 118 -36.06 -12.87 -37.50
N ASN A 119 -35.87 -14.05 -38.07
CA ASN A 119 -37.03 -14.74 -38.64
C ASN A 119 -38.08 -14.97 -37.57
N LYS A 120 -37.65 -15.46 -36.41
CA LYS A 120 -38.51 -15.99 -35.37
C LYS A 120 -39.37 -14.93 -34.71
N SER A 121 -39.07 -13.66 -34.90
CA SER A 121 -39.86 -12.60 -34.28
C SER A 121 -41.19 -12.44 -34.99
N ILE A 122 -42.28 -12.64 -34.24
CA ILE A 122 -43.60 -12.58 -34.82
C ILE A 122 -44.02 -11.15 -35.16
N VAL A 123 -43.31 -10.16 -34.63
CA VAL A 123 -43.56 -8.79 -35.06
C VAL A 123 -43.05 -8.59 -36.47
N ALA A 124 -41.97 -9.28 -36.82
CA ALA A 124 -41.46 -9.18 -38.18
C ALA A 124 -42.40 -9.83 -39.18
N ARG A 125 -43.06 -10.92 -38.78
CA ARG A 125 -44.00 -11.56 -39.68
C ARG A 125 -45.24 -10.70 -39.91
N LEU A 126 -45.56 -9.80 -38.96
CA LEU A 126 -46.68 -8.89 -39.15
C LEU A 126 -46.43 -7.96 -40.33
N PHE A 127 -45.30 -7.28 -40.35
CA PHE A 127 -45.08 -6.36 -41.46
C PHE A 127 -44.66 -7.11 -42.72
N SER A 128 -44.19 -8.34 -42.58
CA SER A 128 -44.09 -9.23 -43.73
C SER A 128 -45.46 -9.45 -44.34
N ASP A 129 -46.48 -9.61 -43.50
CA ASP A 129 -47.84 -9.74 -44.01
C ASP A 129 -48.39 -8.44 -44.52
N ALA A 130 -47.93 -7.30 -43.99
CA ALA A 130 -48.30 -6.03 -44.58
C ALA A 130 -47.78 -5.93 -46.00
N ARG A 131 -46.57 -6.41 -46.23
CA ARG A 131 -46.03 -6.44 -47.58
C ARG A 131 -46.78 -7.42 -48.46
N ARG A 132 -47.22 -8.56 -47.90
CA ARG A 132 -47.96 -9.51 -48.73
C ARG A 132 -49.35 -9.00 -49.07
N LEU A 133 -50.04 -8.40 -48.12
CA LEU A 133 -51.39 -7.93 -48.39
C LEU A 133 -51.38 -6.72 -49.32
N LEU A 134 -50.44 -5.80 -49.12
CA LEU A 134 -50.37 -4.67 -50.04
C LEU A 134 -49.96 -5.13 -51.43
N LEU A 135 -48.97 -6.01 -51.52
CA LEU A 135 -48.48 -6.40 -52.83
C LEU A 135 -49.40 -7.39 -53.52
N TYR A 136 -50.35 -7.98 -52.80
CA TYR A 136 -51.41 -8.65 -53.53
C TYR A 136 -52.51 -7.69 -53.93
N SER A 137 -52.82 -6.72 -53.07
CA SER A 137 -53.89 -5.78 -53.37
C SER A 137 -53.51 -4.83 -54.49
N GLN A 138 -52.23 -4.79 -54.86
CA GLN A 138 -51.83 -4.17 -56.11
C GLN A 138 -52.38 -4.93 -57.32
N LYS A 139 -52.62 -6.24 -57.18
CA LYS A 139 -53.03 -7.12 -58.28
C LYS A 139 -54.30 -7.89 -57.96
N ASP A 140 -55.35 -7.20 -57.53
CA ASP A 140 -56.60 -7.88 -57.25
C ASP A 140 -57.77 -7.13 -57.87
N THR A 141 -58.69 -7.87 -58.46
CA THR A 141 -59.86 -7.32 -59.12
C THR A 141 -61.16 -7.80 -58.50
N SER A 142 -61.12 -8.27 -57.25
CA SER A 142 -62.21 -9.08 -56.70
C SER A 142 -63.47 -8.25 -56.49
N MET A 143 -63.37 -7.18 -55.71
CA MET A 143 -64.56 -6.47 -55.26
C MET A 143 -65.25 -5.70 -56.39
N LYS A 144 -64.49 -5.27 -57.40
CA LYS A 144 -65.12 -4.62 -58.54
C LYS A 144 -65.72 -5.62 -59.50
N ASP A 145 -65.19 -6.84 -59.54
CA ASP A 145 -65.90 -7.88 -60.27
C ASP A 145 -67.14 -8.32 -59.52
N MET A 146 -67.13 -8.19 -58.19
CA MET A 146 -68.37 -8.32 -57.44
C MET A 146 -69.33 -7.20 -57.76
N ARG A 147 -68.79 -6.00 -58.02
CA ARG A 147 -69.63 -4.88 -58.42
C ARG A 147 -70.31 -5.17 -59.75
N LYS A 148 -69.57 -5.73 -60.72
CA LYS A 148 -70.23 -6.04 -61.98
C LYS A 148 -71.09 -7.29 -61.91
N VAL A 149 -70.86 -8.17 -60.92
CA VAL A 149 -71.88 -9.17 -60.62
C VAL A 149 -73.15 -8.50 -60.16
N LEU A 150 -73.01 -7.47 -59.31
CA LEU A 150 -74.19 -6.79 -58.79
C LEU A 150 -74.90 -6.01 -59.89
N ARG A 151 -74.15 -5.46 -60.85
CA ARG A 151 -74.77 -4.70 -61.92
C ARG A 151 -75.37 -5.61 -62.99
N THR A 152 -74.79 -6.80 -63.21
CA THR A 152 -75.48 -7.82 -63.98
C THR A 152 -76.59 -8.50 -63.18
N LEU A 153 -76.74 -8.15 -61.91
CA LEU A 153 -77.91 -8.45 -61.12
C LEU A 153 -78.82 -7.24 -60.94
N GLN A 154 -78.28 -6.03 -61.05
CA GLN A 154 -79.09 -4.82 -60.94
C GLN A 154 -79.88 -4.55 -62.22
N GLN A 155 -79.34 -4.93 -63.37
CA GLN A 155 -79.93 -4.57 -64.66
C GLN A 155 -80.74 -5.70 -65.26
N ILE A 156 -80.11 -6.85 -65.51
CA ILE A 156 -80.79 -7.92 -66.20
C ILE A 156 -81.66 -8.71 -65.23
N LYS A 157 -81.07 -9.21 -64.16
CA LYS A 157 -81.85 -9.91 -63.14
C LYS A 157 -82.73 -8.95 -62.36
N LYS A 158 -82.25 -7.71 -62.15
CA LYS A 158 -83.01 -6.52 -61.82
C LYS A 158 -83.59 -6.49 -60.40
N SER A 159 -83.59 -7.64 -59.71
CA SER A 159 -83.99 -7.72 -58.31
C SER A 159 -83.47 -9.06 -57.80
N SER A 160 -82.45 -9.02 -56.94
CA SER A 160 -82.16 -10.13 -56.04
C SER A 160 -81.66 -9.54 -54.72
N SER A 161 -82.14 -8.34 -54.41
CA SER A 161 -81.95 -7.76 -53.09
C SER A 161 -82.83 -8.52 -52.13
N ASN A 162 -82.26 -9.53 -51.46
CA ASN A 162 -83.02 -10.51 -50.72
C ASN A 162 -82.48 -10.65 -49.31
N LEU A 163 -83.28 -10.20 -48.35
CA LEU A 163 -83.00 -10.37 -46.93
C LEU A 163 -83.83 -11.53 -46.42
N LYS A 164 -83.86 -11.69 -45.10
CA LYS A 164 -84.64 -12.73 -44.43
C LYS A 164 -86.13 -12.64 -44.74
N LEU A 165 -86.69 -11.43 -44.77
CA LEU A 165 -88.14 -11.27 -44.80
C LEU A 165 -88.75 -11.63 -46.16
N GLN A 166 -88.38 -10.88 -47.21
CA GLN A 166 -89.06 -11.01 -48.49
C GLN A 166 -88.07 -11.27 -49.61
N ASP A 167 -88.61 -11.55 -50.79
CA ASP A 167 -87.82 -11.96 -51.95
C ASP A 167 -88.10 -11.04 -53.13
N PHE A 168 -87.04 -10.47 -53.69
CA PHE A 168 -87.11 -9.58 -54.83
C PHE A 168 -86.64 -10.33 -56.07
N LEU A 169 -87.45 -10.31 -57.12
CA LEU A 169 -87.15 -10.96 -58.38
C LEU A 169 -87.90 -10.25 -59.50
N VAL A 170 -87.16 -9.65 -60.43
CA VAL A 170 -87.74 -8.92 -61.55
C VAL A 170 -87.14 -9.45 -62.84
N ASP A 171 -87.80 -10.45 -63.43
CA ASP A 171 -87.30 -11.09 -64.64
C ASP A 171 -88.47 -11.72 -65.40
N ASN A 172 -88.16 -12.63 -66.32
CA ASN A 172 -89.20 -13.42 -66.98
C ASN A 172 -89.69 -14.60 -66.14
N GLU A 173 -89.33 -14.66 -64.85
CA GLU A 173 -89.70 -15.71 -63.89
C GLU A 173 -89.22 -17.09 -64.39
N THR A 174 -87.90 -17.21 -64.48
CA THR A 174 -87.28 -18.45 -64.90
C THR A 174 -87.47 -19.57 -63.88
N PHE A 175 -87.36 -19.26 -62.57
CA PHE A 175 -87.72 -20.22 -61.51
C PHE A 175 -88.52 -19.47 -60.45
N SER A 176 -89.85 -19.37 -60.67
CA SER A 176 -90.80 -18.75 -59.76
C SER A 176 -90.40 -17.33 -59.34
N GLY A 177 -90.07 -16.50 -60.33
CA GLY A 177 -89.71 -15.13 -60.05
C GLY A 177 -90.88 -14.32 -59.56
N PHE A 178 -90.93 -14.08 -58.24
CA PHE A 178 -92.10 -13.51 -57.61
C PHE A 178 -91.67 -12.89 -56.28
N LEU A 179 -92.62 -12.60 -55.42
CA LEU A 179 -92.34 -12.11 -54.09
C LEU A 179 -93.21 -12.83 -53.07
N TYR A 180 -92.73 -12.86 -51.83
CA TYR A 180 -93.44 -13.44 -50.70
C TYR A 180 -92.84 -12.84 -49.45
N HIS A 181 -93.64 -12.16 -48.64
CA HIS A 181 -93.14 -11.28 -47.60
C HIS A 181 -93.39 -11.88 -46.22
N ASN A 182 -92.30 -12.15 -45.50
CA ASN A 182 -92.37 -12.35 -44.05
C ASN A 182 -92.48 -10.96 -43.45
N LEU A 183 -93.72 -10.50 -43.29
CA LEU A 183 -93.99 -9.11 -42.99
C LEU A 183 -94.85 -9.06 -41.72
N SER A 184 -95.48 -7.92 -41.46
CA SER A 184 -96.40 -7.78 -40.33
C SER A 184 -97.64 -8.66 -40.47
N LEU A 185 -97.97 -9.12 -41.67
CA LEU A 185 -98.97 -10.14 -41.91
C LEU A 185 -98.45 -11.06 -43.01
N PRO A 186 -98.95 -12.31 -43.07
CA PRO A 186 -98.45 -13.24 -44.10
C PRO A 186 -98.95 -12.88 -45.48
N LYS A 187 -98.05 -12.32 -46.29
CA LYS A 187 -98.37 -11.88 -47.64
C LYS A 187 -97.57 -12.72 -48.64
N SER A 188 -98.27 -13.32 -49.58
CA SER A 188 -97.65 -14.07 -50.68
C SER A 188 -98.05 -13.39 -51.98
N THR A 189 -97.09 -12.77 -52.65
CA THR A 189 -97.38 -11.96 -53.84
C THR A 189 -97.41 -12.80 -55.11
N VAL A 190 -98.15 -13.91 -55.08
CA VAL A 190 -98.41 -14.69 -56.29
C VAL A 190 -99.89 -14.96 -56.50
N ASP A 191 -100.72 -14.91 -55.46
CA ASP A 191 -102.16 -15.11 -55.55
C ASP A 191 -102.81 -14.42 -54.36
N LYS A 192 -104.07 -14.73 -54.10
CA LYS A 192 -104.78 -14.20 -52.94
C LYS A 192 -104.27 -14.88 -51.69
N MET A 193 -103.43 -14.19 -50.92
CA MET A 193 -102.83 -14.79 -49.73
C MET A 193 -103.86 -14.97 -48.62
N LEU A 194 -104.42 -13.87 -48.13
CA LEU A 194 -105.51 -13.81 -47.14
C LEU A 194 -105.14 -14.56 -45.86
N ARG A 195 -104.14 -14.02 -45.17
CA ARG A 195 -103.62 -14.52 -43.88
C ARG A 195 -103.15 -15.98 -43.95
N SER A 219 -104.23 -13.89 -36.88
CA SER A 219 -103.98 -15.17 -36.24
C SER A 219 -102.91 -15.94 -36.99
N LYS A 220 -103.33 -16.58 -38.09
CA LYS A 220 -102.40 -17.30 -38.93
C LYS A 220 -101.54 -16.38 -39.78
N SER A 221 -101.90 -15.11 -39.89
CA SER A 221 -101.08 -14.16 -40.64
C SER A 221 -99.80 -13.83 -39.89
N GLU A 222 -99.93 -13.24 -38.70
CA GLU A 222 -98.76 -12.92 -37.90
C GLU A 222 -98.17 -14.17 -37.27
N GLU A 223 -98.98 -15.19 -37.04
CA GLU A 223 -98.45 -16.48 -36.62
C GLU A 223 -97.70 -17.17 -37.75
N MET A 224 -97.98 -16.79 -39.00
CA MET A 224 -97.28 -17.38 -40.12
C MET A 224 -95.99 -16.63 -40.44
N ILE A 225 -96.06 -15.31 -40.58
CA ILE A 225 -94.87 -14.56 -40.95
C ILE A 225 -93.97 -14.31 -39.75
N GLN A 226 -94.50 -14.36 -38.53
CA GLN A 226 -93.67 -14.26 -37.34
C GLN A 226 -92.76 -15.48 -37.20
N LEU A 227 -93.27 -16.65 -37.57
CA LEU A 227 -92.40 -17.82 -37.68
C LEU A 227 -91.59 -17.76 -38.96
N GLY A 228 -92.10 -17.09 -40.00
CA GLY A 228 -91.43 -17.09 -41.28
C GLY A 228 -90.13 -16.29 -41.28
N ASP A 229 -90.16 -15.10 -40.69
CA ASP A 229 -88.91 -14.36 -40.47
C ASP A 229 -88.04 -15.04 -39.43
N GLN A 230 -88.64 -15.81 -38.52
CA GLN A 230 -87.86 -16.61 -37.58
C GLN A 230 -87.22 -17.80 -38.28
N GLU A 231 -87.98 -18.51 -39.10
CA GLU A 231 -87.48 -19.63 -39.89
C GLU A 231 -87.05 -19.20 -41.28
N VAL A 232 -86.54 -17.99 -41.42
CA VAL A 232 -85.97 -17.55 -42.69
C VAL A 232 -84.56 -18.09 -42.77
N SER A 233 -84.41 -19.28 -43.32
CA SER A 233 -83.10 -19.89 -43.49
C SER A 233 -83.04 -20.54 -44.86
N GLU A 234 -81.89 -21.10 -45.19
CA GLU A 234 -81.76 -21.83 -46.45
C GLU A 234 -82.53 -23.13 -46.42
N LEU A 235 -82.65 -23.74 -45.24
CA LEU A 235 -83.40 -24.99 -45.09
C LEU A 235 -84.73 -24.83 -44.37
N CYS A 236 -84.93 -23.73 -43.64
CA CYS A 236 -86.16 -23.57 -42.88
C CYS A 236 -87.25 -22.86 -43.66
N GLY A 237 -87.06 -22.63 -44.96
CA GLY A 237 -88.16 -22.15 -45.78
C GLY A 237 -89.19 -23.23 -46.04
N LEU A 238 -88.75 -24.46 -46.30
CA LEU A 238 -89.62 -25.60 -46.52
C LEU A 238 -90.17 -26.10 -45.20
N PRO A 239 -89.38 -26.05 -44.12
CA PRO A 239 -89.89 -26.53 -42.83
C PRO A 239 -90.88 -25.59 -42.19
N ARG A 240 -90.84 -24.29 -42.54
CA ARG A 240 -91.86 -23.37 -42.03
C ARG A 240 -93.21 -23.66 -42.66
N GLU A 241 -93.24 -23.93 -43.97
CA GLU A 241 -94.48 -24.32 -44.63
C GLU A 241 -94.83 -25.77 -44.34
N LYS A 242 -93.89 -26.53 -43.78
CA LYS A 242 -94.16 -27.93 -43.45
C LYS A 242 -94.81 -28.04 -42.07
N LEU A 243 -94.15 -27.49 -41.04
CA LEU A 243 -94.73 -27.47 -39.70
C LEU A 243 -95.92 -26.53 -39.65
N ALA A 244 -95.93 -25.51 -40.51
CA ALA A 244 -97.14 -24.72 -40.68
C ALA A 244 -98.23 -25.54 -41.37
N ALA A 245 -97.86 -26.28 -42.42
CA ALA A 245 -98.86 -27.00 -43.22
C ALA A 245 -99.40 -28.22 -42.48
N ALA A 246 -98.75 -28.61 -41.38
CA ALA A 246 -99.39 -29.54 -40.46
C ALA A 246 -100.60 -28.90 -39.80
N GLU A 247 -100.50 -27.62 -39.46
CA GLU A 247 -101.59 -26.87 -38.87
C GLU A 247 -102.30 -25.97 -39.86
N ARG A 248 -101.87 -25.94 -41.13
CA ARG A 248 -102.51 -25.15 -42.16
C ARG A 248 -102.89 -26.09 -43.29
N VAL A 249 -103.25 -25.57 -44.46
CA VAL A 249 -103.90 -26.35 -45.51
C VAL A 249 -103.10 -26.23 -46.80
N LEU A 250 -103.67 -26.69 -47.90
CA LEU A 250 -102.98 -26.69 -49.20
C LEU A 250 -102.87 -25.29 -49.81
N ARG A 251 -103.27 -24.25 -49.08
CA ARG A 251 -102.82 -22.89 -49.35
C ARG A 251 -101.31 -22.82 -49.23
N SER A 252 -100.75 -23.59 -48.28
CA SER A 252 -99.32 -23.77 -48.17
C SER A 252 -98.79 -24.88 -49.08
N ASN A 253 -99.50 -25.22 -50.16
CA ASN A 253 -98.97 -26.18 -51.12
C ASN A 253 -98.53 -25.49 -52.41
N MET A 254 -99.33 -24.56 -52.91
CA MET A 254 -98.88 -23.76 -54.04
C MET A 254 -97.87 -22.70 -53.61
N ASP A 255 -98.08 -22.14 -52.41
CA ASP A 255 -97.16 -21.14 -51.89
C ASP A 255 -95.81 -21.75 -51.57
N ILE A 256 -95.80 -22.96 -51.01
CA ILE A 256 -94.56 -23.70 -50.87
C ILE A 256 -94.07 -24.26 -52.20
N LEU A 257 -94.96 -24.39 -53.19
CA LEU A 257 -94.54 -24.85 -54.51
C LEU A 257 -93.78 -23.79 -55.28
N LYS A 258 -94.03 -22.52 -55.02
CA LYS A 258 -93.20 -21.48 -55.62
C LYS A 258 -91.86 -21.39 -54.87
N PRO A 259 -91.89 -21.49 -53.54
CA PRO A 259 -90.64 -21.28 -52.78
C PRO A 259 -89.64 -22.40 -52.93
N ILE A 260 -90.10 -23.62 -53.24
CA ILE A 260 -89.19 -24.70 -53.57
C ILE A 260 -88.52 -24.43 -54.91
N LEU A 261 -89.24 -23.74 -55.80
CA LEU A 261 -88.62 -23.30 -57.05
C LEU A 261 -87.73 -22.08 -56.83
N ARG A 262 -87.87 -21.40 -55.69
CA ARG A 262 -86.91 -20.37 -55.34
C ARG A 262 -85.64 -20.99 -54.77
N THR A 263 -85.78 -21.77 -53.69
CA THR A 263 -84.75 -22.67 -53.14
C THR A 263 -83.51 -21.92 -52.64
N LEU A 264 -83.73 -20.72 -52.08
CA LEU A 264 -82.76 -20.00 -51.23
C LEU A 264 -81.47 -19.62 -51.96
N ASN A 265 -81.63 -18.88 -53.07
CA ASN A 265 -80.56 -18.16 -53.76
C ASN A 265 -79.45 -19.00 -54.36
N SER A 266 -79.61 -20.33 -54.37
CA SER A 266 -78.61 -21.18 -55.00
C SER A 266 -79.09 -21.72 -56.33
N THR A 267 -80.36 -22.13 -56.39
CA THR A 267 -80.97 -22.52 -57.65
C THR A 267 -81.13 -21.32 -58.57
N SER A 268 -81.37 -20.15 -58.00
CA SER A 268 -81.40 -18.92 -58.78
C SER A 268 -80.04 -18.55 -59.36
N PRO A 269 -78.91 -18.99 -58.78
CA PRO A 269 -77.60 -18.63 -59.35
C PRO A 269 -77.34 -19.33 -60.68
N PHE A 270 -78.01 -20.45 -60.90
CA PHE A 270 -77.97 -21.23 -62.12
C PHE A 270 -78.61 -20.51 -63.30
N PRO A 271 -79.52 -19.55 -63.06
CA PRO A 271 -80.44 -19.09 -64.13
C PRO A 271 -79.78 -18.44 -65.34
N SER A 272 -78.96 -17.41 -65.15
CA SER A 272 -78.33 -16.74 -66.28
C SER A 272 -76.89 -17.23 -66.40
N LYS A 273 -76.34 -17.12 -67.62
CA LYS A 273 -74.99 -17.63 -67.86
C LYS A 273 -73.94 -16.54 -67.69
N GLU A 274 -74.32 -15.29 -67.94
CA GLU A 274 -73.38 -14.17 -67.76
C GLU A 274 -73.04 -13.95 -66.30
N LEU A 275 -73.97 -14.27 -65.40
CA LEU A 275 -73.64 -14.29 -63.98
C LEU A 275 -72.71 -15.45 -63.65
N ALA A 276 -72.87 -16.58 -64.35
CA ALA A 276 -72.17 -17.82 -63.98
C ALA A 276 -70.66 -17.71 -64.17
N GLU A 277 -70.23 -17.08 -65.27
CA GLU A 277 -68.81 -16.84 -65.44
C GLU A 277 -68.32 -15.77 -64.47
N ALA A 278 -69.16 -14.75 -64.24
CA ALA A 278 -68.77 -13.68 -63.33
C ALA A 278 -68.73 -14.17 -61.89
N THR A 279 -69.69 -15.01 -61.51
CA THR A 279 -69.62 -15.62 -60.18
C THR A 279 -68.56 -16.71 -60.11
N LYS A 280 -68.11 -17.24 -61.24
CA LYS A 280 -66.94 -18.10 -61.22
C LYS A 280 -65.69 -17.30 -60.91
N THR A 281 -65.59 -16.09 -61.46
CA THR A 281 -64.51 -15.18 -61.08
C THR A 281 -64.66 -14.75 -59.63
N LEU A 282 -65.90 -14.68 -59.13
CA LEU A 282 -66.11 -14.40 -57.72
C LEU A 282 -65.58 -15.54 -56.86
N LEU A 283 -65.91 -16.78 -57.21
CA LEU A 283 -65.50 -17.92 -56.40
C LEU A 283 -64.00 -18.14 -56.47
N HIS A 284 -63.36 -17.80 -57.59
CA HIS A 284 -61.91 -17.90 -57.65
C HIS A 284 -61.26 -16.76 -56.88
N SER A 285 -61.84 -15.56 -56.97
CA SER A 285 -61.30 -14.40 -56.28
C SER A 285 -61.38 -14.58 -54.77
N LEU A 286 -62.51 -15.08 -54.28
CA LEU A 286 -62.60 -15.40 -52.87
C LEU A 286 -61.82 -16.65 -52.52
N GLY A 287 -61.50 -17.47 -53.50
CA GLY A 287 -60.57 -18.56 -53.29
C GLY A 287 -59.21 -18.04 -52.88
N THR A 288 -58.62 -17.20 -53.74
CA THR A 288 -57.27 -16.74 -53.46
C THR A 288 -57.23 -15.73 -52.30
N LEU A 289 -58.28 -14.93 -52.14
CA LEU A 289 -58.34 -14.05 -50.97
C LEU A 289 -58.56 -14.85 -49.69
N ALA A 290 -59.28 -15.97 -49.79
CA ALA A 290 -59.44 -16.82 -48.62
C ALA A 290 -58.11 -17.46 -48.24
N GLN A 291 -57.34 -17.87 -49.25
CA GLN A 291 -56.05 -18.49 -49.00
C GLN A 291 -55.07 -17.50 -48.39
N GLU A 292 -55.05 -16.27 -48.89
CA GLU A 292 -54.11 -15.29 -48.35
C GLU A 292 -54.53 -14.81 -46.98
N LEU A 293 -55.78 -14.34 -46.86
CA LEU A 293 -56.25 -13.74 -45.63
C LEU A 293 -56.36 -14.76 -44.50
N PHE A 294 -56.48 -16.05 -44.79
CA PHE A 294 -56.17 -16.97 -43.71
C PHE A 294 -54.67 -17.13 -43.54
N SER A 295 -53.92 -17.16 -44.64
CA SER A 295 -52.54 -17.63 -44.59
C SER A 295 -51.59 -16.65 -43.92
N MET A 296 -52.02 -15.41 -43.68
CA MET A 296 -51.15 -14.45 -43.02
C MET A 296 -50.81 -14.85 -41.61
N ARG A 297 -51.81 -15.34 -40.86
CA ARG A 297 -51.64 -16.14 -39.64
C ARG A 297 -51.07 -15.36 -38.44
N SER A 298 -50.63 -14.12 -38.64
CA SER A 298 -49.79 -13.51 -37.63
C SER A 298 -50.59 -12.85 -36.51
N TRP A 299 -51.51 -11.94 -36.85
CA TRP A 299 -52.31 -11.27 -35.82
C TRP A 299 -53.22 -12.26 -35.09
N SER A 300 -53.54 -13.38 -35.73
CA SER A 300 -54.14 -14.51 -35.04
C SER A 300 -53.25 -15.01 -33.93
N ASP A 301 -52.00 -15.34 -34.24
CA ASP A 301 -51.14 -15.85 -33.20
C ASP A 301 -50.68 -14.74 -32.25
N MET A 302 -50.74 -13.50 -32.70
CA MET A 302 -50.45 -12.36 -31.84
C MET A 302 -51.48 -12.24 -30.73
N ARG A 303 -52.78 -12.28 -31.08
CA ARG A 303 -53.79 -12.26 -30.03
C ARG A 303 -53.77 -13.56 -29.24
N GLN A 304 -53.45 -14.68 -29.89
CA GLN A 304 -53.39 -15.93 -29.16
C GLN A 304 -52.09 -16.10 -28.39
N GLU A 305 -51.24 -15.08 -28.32
CA GLU A 305 -50.31 -15.00 -27.21
C GLU A 305 -50.60 -13.86 -26.25
N VAL A 306 -51.14 -12.73 -26.69
CA VAL A 306 -51.32 -11.67 -25.71
C VAL A 306 -52.57 -11.84 -24.85
N MET A 307 -53.53 -12.68 -25.24
CA MET A 307 -54.81 -12.68 -24.54
C MET A 307 -54.82 -13.43 -23.22
N PHE A 308 -53.83 -14.27 -22.93
CA PHE A 308 -53.98 -15.05 -21.69
C PHE A 308 -53.58 -14.25 -20.45
N LEU A 309 -52.68 -13.28 -20.59
CA LEU A 309 -51.97 -12.76 -19.43
C LEU A 309 -52.83 -11.81 -18.59
N THR A 310 -53.68 -10.99 -19.20
CA THR A 310 -54.38 -9.95 -18.47
C THR A 310 -55.89 -10.20 -18.35
N ASN A 311 -56.31 -11.46 -18.24
CA ASN A 311 -57.72 -11.74 -18.07
C ASN A 311 -57.98 -12.67 -16.88
N VAL A 312 -57.04 -13.60 -16.62
CA VAL A 312 -57.20 -14.61 -15.57
C VAL A 312 -57.19 -13.94 -14.19
N ASN A 313 -57.77 -14.64 -13.19
CA ASN A 313 -58.19 -14.04 -11.93
C ASN A 313 -57.02 -13.50 -11.11
N SER A 314 -56.00 -14.33 -10.87
CA SER A 314 -54.87 -13.89 -10.07
C SER A 314 -54.02 -12.87 -10.83
N SER A 315 -53.59 -13.23 -12.05
CA SER A 315 -52.91 -12.36 -13.01
C SER A 315 -51.63 -11.74 -12.43
N SER A 316 -50.97 -12.47 -11.54
CA SER A 316 -49.84 -11.92 -10.81
C SER A 316 -48.62 -11.82 -11.72
N SER A 317 -47.68 -10.98 -11.30
CA SER A 317 -46.46 -10.81 -12.06
C SER A 317 -45.54 -12.01 -11.85
N SER A 318 -44.68 -12.24 -12.84
CA SER A 318 -43.68 -13.29 -12.83
C SER A 318 -42.62 -12.88 -13.85
N THR A 319 -41.80 -13.84 -14.28
CA THR A 319 -41.11 -13.67 -15.55
C THR A 319 -42.07 -13.66 -16.71
N GLN A 320 -43.24 -14.29 -16.57
CA GLN A 320 -44.13 -14.64 -17.68
C GLN A 320 -44.66 -13.43 -18.45
N ILE A 321 -44.67 -12.24 -17.85
CA ILE A 321 -45.05 -11.06 -18.62
C ILE A 321 -43.99 -10.74 -19.67
N TYR A 322 -42.74 -10.54 -19.27
CA TYR A 322 -41.73 -10.29 -20.29
C TYR A 322 -41.12 -11.57 -20.83
N GLN A 323 -41.50 -12.73 -20.30
CA GLN A 323 -41.24 -13.97 -21.01
C GLN A 323 -42.05 -14.01 -22.30
N ALA A 324 -43.37 -13.81 -22.18
CA ALA A 324 -44.24 -13.85 -23.34
C ALA A 324 -44.00 -12.67 -24.26
N VAL A 325 -43.73 -11.49 -23.70
CA VAL A 325 -43.35 -10.34 -24.52
C VAL A 325 -42.02 -10.62 -25.22
N SER A 326 -41.10 -11.30 -24.53
CA SER A 326 -39.85 -11.68 -25.15
C SER A 326 -40.05 -12.73 -26.24
N ARG A 327 -41.16 -13.46 -26.21
CA ARG A 327 -41.51 -14.28 -27.35
C ARG A 327 -42.22 -13.48 -28.44
N ILE A 328 -42.82 -12.36 -28.07
CA ILE A 328 -43.48 -11.54 -29.09
C ILE A 328 -42.45 -10.84 -29.94
N VAL A 329 -41.48 -10.17 -29.31
CA VAL A 329 -40.56 -9.38 -30.10
C VAL A 329 -39.31 -10.17 -30.48
N CYS A 330 -39.00 -11.27 -29.80
CA CYS A 330 -37.84 -12.11 -30.12
C CYS A 330 -38.21 -13.58 -30.00
N GLY A 331 -37.21 -14.45 -30.06
CA GLY A 331 -37.44 -15.89 -30.07
C GLY A 331 -37.46 -16.50 -28.70
N HIS A 332 -37.05 -17.76 -28.62
CA HIS A 332 -36.82 -18.39 -27.32
C HIS A 332 -35.53 -17.87 -26.69
N PRO A 333 -34.35 -17.95 -27.37
CA PRO A 333 -33.23 -17.55 -26.53
C PRO A 333 -32.94 -16.06 -26.66
N THR A 373 -50.40 13.51 -21.50
CA THR A 373 -49.20 13.68 -20.68
C THR A 373 -49.18 13.21 -19.19
N PRO A 374 -50.29 13.24 -18.43
CA PRO A 374 -50.19 12.68 -17.07
C PRO A 374 -50.08 11.17 -17.04
N TYR A 375 -50.79 10.47 -17.93
CA TYR A 375 -50.59 9.03 -18.08
C TYR A 375 -49.22 8.72 -18.66
N CYS A 376 -48.67 9.67 -19.43
CA CYS A 376 -47.32 9.52 -19.94
C CYS A 376 -46.30 9.54 -18.81
N ASN A 377 -46.45 10.49 -17.91
CA ASN A 377 -45.50 10.63 -16.81
C ASN A 377 -45.67 9.51 -15.79
N ASP A 378 -46.92 9.11 -15.54
CA ASP A 378 -47.17 7.95 -14.71
C ASP A 378 -46.58 6.70 -15.33
N LEU A 379 -46.70 6.58 -16.65
CA LEU A 379 -46.20 5.40 -17.35
C LEU A 379 -44.69 5.32 -17.32
N MET A 380 -44.00 6.46 -17.50
CA MET A 380 -42.54 6.42 -17.46
C MET A 380 -42.02 6.17 -16.05
N LYS A 381 -42.78 6.62 -15.03
CA LYS A 381 -42.43 6.24 -13.67
C LYS A 381 -42.61 4.75 -13.46
N ASN A 382 -43.67 4.17 -14.02
CA ASN A 382 -43.89 2.73 -13.86
C ASN A 382 -42.88 1.91 -14.66
N LEU A 383 -42.42 2.43 -15.80
CA LEU A 383 -41.43 1.70 -16.58
C LEU A 383 -40.06 1.76 -15.94
N GLU A 384 -39.74 2.85 -15.24
CA GLU A 384 -38.54 2.78 -14.42
C GLU A 384 -38.77 1.93 -13.18
N SER A 385 -40.02 1.79 -12.73
CA SER A 385 -40.32 1.01 -11.54
C SER A 385 -40.27 -0.49 -11.79
N SER A 386 -40.67 -0.94 -12.97
CA SER A 386 -40.84 -2.38 -13.23
C SER A 386 -39.49 -3.07 -13.36
N PRO A 387 -39.23 -4.13 -12.61
CA PRO A 387 -37.97 -4.87 -12.77
C PRO A 387 -37.93 -5.66 -14.06
N LEU A 388 -36.71 -6.06 -14.43
CA LEU A 388 -36.35 -6.64 -15.73
C LEU A 388 -36.75 -5.70 -16.87
N SER A 389 -36.76 -4.39 -16.58
CA SER A 389 -36.99 -3.34 -17.57
C SER A 389 -36.11 -2.13 -17.28
N ARG A 390 -35.09 -2.30 -16.46
CA ARG A 390 -34.20 -1.19 -16.12
C ARG A 390 -33.37 -0.78 -17.31
N ILE A 391 -32.59 -1.71 -17.86
CA ILE A 391 -31.59 -1.36 -18.85
C ILE A 391 -32.25 -0.92 -20.15
N ILE A 392 -33.40 -1.52 -20.50
CA ILE A 392 -34.12 -1.07 -21.68
C ILE A 392 -34.75 0.29 -21.44
N TRP A 393 -34.90 0.71 -20.19
CA TRP A 393 -35.39 2.06 -19.94
C TRP A 393 -34.27 3.07 -20.03
N LYS A 394 -33.09 2.70 -19.52
CA LYS A 394 -31.89 3.50 -19.76
C LYS A 394 -31.57 3.60 -21.25
N ALA A 395 -31.98 2.62 -22.04
CA ALA A 395 -31.67 2.63 -23.45
C ALA A 395 -32.75 3.29 -24.28
N LEU A 396 -34.01 3.15 -23.88
CA LEU A 396 -35.10 3.76 -24.64
C LEU A 396 -35.27 5.23 -24.34
N LYS A 397 -34.98 5.66 -23.11
CA LYS A 397 -35.01 7.07 -22.73
C LYS A 397 -34.25 8.01 -23.68
N PRO A 398 -33.11 7.61 -24.27
CA PRO A 398 -32.53 8.48 -25.30
C PRO A 398 -33.07 8.23 -26.69
N LEU A 399 -34.18 7.53 -26.83
CA LEU A 399 -34.83 7.39 -28.13
C LEU A 399 -36.10 8.21 -28.24
N LEU A 400 -36.89 8.21 -27.18
CA LEU A 400 -38.27 8.64 -27.27
C LEU A 400 -38.54 9.95 -26.53
N VAL A 401 -37.79 10.24 -25.47
CA VAL A 401 -37.94 11.50 -24.77
C VAL A 401 -37.02 12.57 -25.33
N GLY A 402 -35.76 12.21 -25.57
CA GLY A 402 -34.69 13.16 -25.75
C GLY A 402 -34.80 14.06 -26.96
N LYS A 403 -33.90 15.01 -27.02
CA LYS A 403 -34.00 16.07 -27.99
C LYS A 403 -32.61 16.39 -28.47
N ILE A 404 -32.44 16.62 -29.76
CA ILE A 404 -31.10 16.76 -30.29
C ILE A 404 -31.00 18.12 -30.97
N LEU A 405 -29.78 18.63 -31.04
CA LEU A 405 -29.52 19.98 -31.49
C LEU A 405 -28.24 19.96 -32.29
N TYR A 406 -27.74 21.12 -32.67
CA TYR A 406 -27.10 21.17 -33.97
C TYR A 406 -26.47 22.55 -34.17
N THR A 407 -25.52 22.66 -35.13
CA THR A 407 -24.76 23.90 -35.41
C THR A 407 -24.62 24.06 -36.92
N PRO A 408 -23.86 25.03 -37.47
CA PRO A 408 -24.44 26.08 -38.31
C PRO A 408 -25.49 25.66 -39.29
N ASP A 409 -26.58 26.42 -39.37
CA ASP A 409 -27.64 26.11 -40.32
C ASP A 409 -27.51 26.96 -41.58
N THR A 410 -26.67 26.48 -42.49
CA THR A 410 -26.63 26.78 -43.91
C THR A 410 -27.62 25.81 -44.53
N PRO A 411 -28.35 26.21 -45.58
CA PRO A 411 -29.38 25.32 -46.14
C PRO A 411 -28.89 23.96 -46.62
N ALA A 412 -27.64 23.85 -47.09
CA ALA A 412 -27.05 22.55 -47.35
C ALA A 412 -26.99 21.72 -46.07
N THR A 413 -26.57 22.35 -44.99
CA THR A 413 -26.51 21.61 -43.75
C THR A 413 -27.90 21.37 -43.19
N ARG A 414 -28.85 22.22 -43.57
CA ARG A 414 -30.24 21.90 -43.34
C ARG A 414 -30.72 20.72 -44.18
N GLN A 415 -30.06 20.41 -45.30
CA GLN A 415 -30.38 19.16 -45.96
C GLN A 415 -29.92 17.99 -45.12
N VAL A 416 -28.76 18.14 -44.45
CA VAL A 416 -28.30 17.09 -43.54
C VAL A 416 -29.30 16.87 -42.42
N MET A 417 -29.78 17.96 -41.82
CA MET A 417 -30.77 17.76 -40.77
C MET A 417 -32.13 17.31 -41.29
N ALA A 418 -32.45 17.63 -42.54
CA ALA A 418 -33.65 17.07 -43.15
C ALA A 418 -33.53 15.56 -43.27
N GLU A 419 -32.36 15.06 -43.61
CA GLU A 419 -32.29 13.64 -43.89
C GLU A 419 -32.13 12.79 -42.65
N VAL A 420 -31.50 13.31 -41.59
CA VAL A 420 -31.62 12.60 -40.32
C VAL A 420 -33.05 12.67 -39.81
N ASN A 421 -33.76 13.76 -40.13
CA ASN A 421 -35.18 13.78 -39.76
C ASN A 421 -35.97 12.76 -40.55
N LYS A 422 -35.54 12.44 -41.76
CA LYS A 422 -36.21 11.37 -42.52
C LYS A 422 -35.98 10.03 -41.86
N THR A 423 -34.77 9.79 -41.34
CA THR A 423 -34.53 8.50 -40.71
C THR A 423 -35.21 8.39 -39.36
N PHE A 424 -35.56 9.50 -38.71
CA PHE A 424 -36.45 9.33 -37.58
C PHE A 424 -37.90 9.20 -38.00
N GLN A 425 -38.32 9.88 -39.06
CA GLN A 425 -39.74 9.77 -39.37
C GLN A 425 -40.07 8.52 -40.17
N GLU A 426 -39.09 7.66 -40.46
CA GLU A 426 -39.42 6.29 -40.82
C GLU A 426 -39.94 5.49 -39.63
N LEU A 427 -39.99 6.06 -38.44
CA LEU A 427 -40.71 5.48 -37.31
C LEU A 427 -42.04 6.18 -37.10
N ALA A 428 -42.37 7.17 -37.91
CA ALA A 428 -43.49 8.06 -37.62
C ALA A 428 -44.76 7.67 -38.35
N VAL A 429 -45.03 6.38 -38.49
CA VAL A 429 -46.23 5.92 -39.16
C VAL A 429 -47.29 5.68 -38.09
N PHE A 430 -47.02 6.11 -36.88
CA PHE A 430 -47.92 5.81 -35.79
C PHE A 430 -48.75 6.98 -35.33
N HIS A 431 -48.42 8.21 -35.72
CA HIS A 431 -49.30 9.31 -35.35
C HIS A 431 -50.60 9.28 -36.13
N ASP A 432 -50.53 8.90 -37.41
CA ASP A 432 -51.71 8.91 -38.26
C ASP A 432 -52.65 7.75 -37.98
N LEU A 433 -52.20 6.78 -37.19
CA LEU A 433 -52.91 5.53 -37.05
C LEU A 433 -54.20 5.69 -36.28
N GLU A 434 -54.26 6.67 -35.39
CA GLU A 434 -55.56 7.14 -34.90
C GLU A 434 -56.34 7.80 -36.03
N GLY A 435 -55.63 8.47 -36.93
CA GLY A 435 -56.22 9.14 -38.07
C GLY A 435 -56.95 8.22 -39.01
N MET A 436 -56.62 6.94 -39.04
CA MET A 436 -57.48 6.01 -39.75
C MET A 436 -58.80 5.81 -39.05
N TRP A 437 -58.76 5.50 -37.76
CA TRP A 437 -59.98 5.12 -37.05
C TRP A 437 -60.89 6.29 -36.77
N GLU A 438 -60.45 7.52 -37.02
CA GLU A 438 -61.47 8.55 -37.23
C GLU A 438 -62.20 8.32 -38.54
N GLU A 439 -61.47 8.02 -39.61
CA GLU A 439 -62.00 8.15 -40.96
C GLU A 439 -62.52 6.83 -41.52
N LEU A 440 -61.73 5.78 -41.53
CA LEU A 440 -62.14 4.55 -42.20
C LEU A 440 -63.10 3.73 -41.35
N SER A 441 -63.24 4.05 -40.08
CA SER A 441 -63.90 3.15 -39.13
C SER A 441 -65.40 2.98 -39.37
N PRO A 442 -66.23 4.03 -39.52
CA PRO A 442 -67.64 3.73 -39.81
C PRO A 442 -67.87 3.21 -41.20
N LYS A 443 -66.97 3.53 -42.15
CA LYS A 443 -67.08 2.97 -43.49
C LYS A 443 -66.89 1.47 -43.46
N ILE A 444 -65.95 0.99 -42.65
CA ILE A 444 -65.80 -0.44 -42.44
C ILE A 444 -67.00 -1.01 -41.69
N TRP A 445 -67.45 -0.29 -40.65
CA TRP A 445 -68.52 -0.78 -39.80
C TRP A 445 -69.84 -0.94 -40.54
N THR A 446 -70.08 -0.12 -41.55
CA THR A 446 -71.28 -0.25 -42.35
C THR A 446 -71.07 -1.11 -43.59
N PHE A 447 -69.84 -1.12 -44.13
CA PHE A 447 -69.52 -2.02 -45.23
C PHE A 447 -69.66 -3.48 -44.80
N MET A 448 -69.34 -3.75 -43.54
CA MET A 448 -69.54 -5.05 -42.94
C MET A 448 -70.91 -5.12 -42.27
N GLU A 449 -71.77 -4.18 -42.55
CA GLU A 449 -73.14 -4.32 -42.09
C GLU A 449 -74.16 -4.19 -43.21
N ASN A 450 -73.97 -3.26 -44.13
CA ASN A 450 -75.04 -2.91 -45.06
C ASN A 450 -74.60 -2.80 -46.50
N SER A 451 -73.36 -3.13 -46.81
CA SER A 451 -72.97 -3.23 -48.20
C SER A 451 -73.58 -4.47 -48.80
N GLN A 452 -74.39 -4.30 -49.85
CA GLN A 452 -74.96 -5.46 -50.52
C GLN A 452 -73.91 -6.27 -51.26
N GLU A 453 -72.76 -5.66 -51.58
CA GLU A 453 -71.64 -6.42 -52.10
C GLU A 453 -71.14 -7.44 -51.08
N MET A 454 -71.05 -7.03 -49.81
CA MET A 454 -70.66 -7.97 -48.76
C MET A 454 -71.76 -8.95 -48.45
N ASP A 455 -73.01 -8.61 -48.79
CA ASP A 455 -74.10 -9.57 -48.64
C ASP A 455 -73.95 -10.71 -49.63
N LEU A 456 -73.48 -10.42 -50.84
CA LEU A 456 -73.19 -11.49 -51.78
C LEU A 456 -71.98 -12.30 -51.36
N VAL A 457 -71.04 -11.67 -50.65
CA VAL A 457 -69.90 -12.41 -50.11
C VAL A 457 -70.38 -13.35 -49.02
N ARG A 458 -71.33 -12.91 -48.21
CA ARG A 458 -71.95 -13.80 -47.25
C ARG A 458 -72.81 -14.85 -47.94
N MET A 459 -73.32 -14.55 -49.14
CA MET A 459 -74.14 -15.50 -49.86
C MET A 459 -73.30 -16.64 -50.42
N LEU A 460 -72.31 -16.28 -51.24
CA LEU A 460 -71.42 -17.28 -51.83
C LEU A 460 -70.46 -17.88 -50.82
N LEU A 461 -70.36 -17.31 -49.62
CA LEU A 461 -69.52 -17.90 -48.59
C LEU A 461 -70.07 -19.23 -48.08
N ASP A 462 -71.35 -19.51 -48.28
CA ASP A 462 -71.94 -20.77 -47.85
C ASP A 462 -72.96 -21.22 -48.88
N SER A 463 -72.70 -22.39 -49.47
CA SER A 463 -73.59 -23.11 -50.38
C SER A 463 -73.02 -24.51 -50.57
N ARG A 464 -73.85 -25.41 -51.11
CA ARG A 464 -73.37 -26.75 -51.40
C ARG A 464 -72.42 -26.74 -52.59
N ASP A 465 -72.75 -25.98 -53.63
CA ASP A 465 -71.82 -25.77 -54.73
C ASP A 465 -70.61 -24.97 -54.29
N ASN A 466 -70.77 -24.13 -53.28
CA ASN A 466 -69.63 -23.51 -52.63
C ASN A 466 -69.04 -24.38 -51.53
N ASP A 467 -69.70 -25.49 -51.17
CA ASP A 467 -69.02 -26.47 -50.32
C ASP A 467 -68.02 -27.26 -51.14
N HIS A 468 -68.45 -27.79 -52.28
CA HIS A 468 -67.52 -28.49 -53.16
C HIS A 468 -66.52 -27.52 -53.77
N PHE A 469 -67.00 -26.37 -54.23
CA PHE A 469 -66.11 -25.41 -54.90
C PHE A 469 -65.32 -24.58 -53.89
N TRP A 470 -66.03 -23.83 -53.05
CA TRP A 470 -65.37 -22.96 -52.07
C TRP A 470 -64.68 -23.76 -50.98
N GLU A 471 -65.17 -24.96 -50.67
CA GLU A 471 -64.42 -25.79 -49.73
C GLU A 471 -63.43 -26.69 -50.46
N GLN A 472 -63.48 -26.75 -51.78
CA GLN A 472 -62.37 -27.34 -52.52
C GLN A 472 -61.18 -26.39 -52.53
N GLN A 473 -61.42 -25.14 -52.94
CA GLN A 473 -60.34 -24.17 -52.99
C GLN A 473 -59.94 -23.71 -51.60
N LEU A 474 -60.86 -23.79 -50.63
CA LEU A 474 -60.54 -23.41 -49.26
C LEU A 474 -59.93 -24.57 -48.50
N ASP A 475 -60.40 -25.80 -48.77
CA ASP A 475 -59.74 -26.98 -48.21
C ASP A 475 -58.35 -27.13 -48.78
N GLY A 476 -58.16 -26.71 -50.03
CA GLY A 476 -56.86 -26.61 -50.64
C GLY A 476 -56.19 -25.26 -50.49
N LEU A 477 -56.83 -24.31 -49.80
CA LEU A 477 -56.13 -23.07 -49.46
C LEU A 477 -55.02 -23.33 -48.47
N ASP A 478 -55.38 -23.80 -47.28
CA ASP A 478 -54.44 -24.19 -46.23
C ASP A 478 -55.23 -25.00 -45.21
N TRP A 479 -54.61 -25.25 -44.06
CA TRP A 479 -55.32 -25.81 -42.91
C TRP A 479 -56.12 -24.69 -42.26
N THR A 480 -57.22 -24.33 -42.93
CA THR A 480 -57.98 -23.14 -42.59
C THR A 480 -58.82 -23.39 -41.34
N ALA A 481 -59.58 -22.39 -40.91
CA ALA A 481 -60.50 -22.58 -39.81
C ALA A 481 -61.58 -23.58 -40.20
N GLN A 482 -62.45 -23.18 -41.11
CA GLN A 482 -63.50 -24.00 -41.73
C GLN A 482 -64.23 -23.12 -42.73
N ASP A 483 -65.08 -23.75 -43.52
CA ASP A 483 -66.06 -22.98 -44.28
C ASP A 483 -67.18 -22.50 -43.36
N ILE A 484 -67.57 -23.33 -42.40
CA ILE A 484 -68.55 -22.91 -41.42
C ILE A 484 -67.98 -21.82 -40.52
N VAL A 485 -66.71 -21.96 -40.12
CA VAL A 485 -66.10 -20.97 -39.24
C VAL A 485 -65.81 -19.68 -40.00
N ALA A 486 -65.41 -19.80 -41.27
CA ALA A 486 -65.30 -18.62 -42.12
C ALA A 486 -66.64 -17.94 -42.28
N PHE A 487 -67.72 -18.71 -42.33
CA PHE A 487 -69.05 -18.12 -42.33
C PHE A 487 -69.38 -17.49 -40.98
N LEU A 488 -68.77 -17.98 -39.91
CA LEU A 488 -69.04 -17.43 -38.58
C LEU A 488 -68.41 -16.05 -38.44
N ALA A 489 -67.11 -15.94 -38.71
CA ALA A 489 -66.46 -14.66 -38.50
C ALA A 489 -66.70 -13.66 -39.62
N LYS A 490 -67.65 -13.90 -40.52
CA LYS A 490 -67.82 -13.03 -41.67
C LYS A 490 -68.90 -11.98 -41.48
N HIS A 491 -70.16 -12.39 -41.30
CA HIS A 491 -71.29 -11.48 -41.44
C HIS A 491 -72.40 -11.87 -40.47
N PRO A 492 -72.52 -11.18 -39.36
CA PRO A 492 -73.68 -11.40 -38.49
C PRO A 492 -74.82 -10.43 -38.75
N GLU A 493 -75.94 -10.67 -38.09
CA GLU A 493 -76.93 -9.64 -37.86
C GLU A 493 -76.90 -9.20 -36.40
N ASP A 494 -76.57 -10.14 -35.52
CA ASP A 494 -76.28 -9.92 -34.11
C ASP A 494 -75.47 -11.12 -33.65
N VAL A 495 -75.32 -11.27 -32.34
CA VAL A 495 -74.77 -12.52 -31.82
C VAL A 495 -75.78 -13.63 -32.02
N GLN A 496 -75.29 -14.81 -32.40
CA GLN A 496 -76.17 -15.97 -32.54
C GLN A 496 -76.48 -16.58 -31.17
N SER A 497 -75.45 -16.89 -30.41
CA SER A 497 -75.57 -17.34 -29.03
C SER A 497 -74.38 -16.81 -28.25
N SER A 498 -74.60 -16.49 -26.97
CA SER A 498 -73.55 -15.86 -26.19
C SER A 498 -72.55 -16.87 -25.64
N ASN A 499 -73.02 -18.03 -25.16
CA ASN A 499 -72.19 -18.90 -24.35
C ASN A 499 -71.28 -19.83 -25.16
N GLY A 500 -71.64 -20.17 -26.40
CA GLY A 500 -70.96 -21.26 -27.07
C GLY A 500 -69.54 -21.03 -27.53
N SER A 501 -69.33 -20.20 -28.56
CA SER A 501 -68.00 -19.95 -29.11
C SER A 501 -68.06 -18.69 -29.93
N VAL A 502 -67.32 -17.66 -29.52
CA VAL A 502 -67.35 -16.37 -30.18
C VAL A 502 -65.94 -16.05 -30.66
N TYR A 503 -65.77 -15.97 -31.98
CA TYR A 503 -64.50 -15.62 -32.59
C TYR A 503 -64.87 -14.88 -33.87
N THR A 504 -65.01 -13.56 -33.77
CA THR A 504 -65.71 -12.81 -34.79
C THR A 504 -65.21 -11.39 -34.88
N TRP A 505 -65.74 -10.67 -35.86
CA TRP A 505 -65.29 -9.32 -36.10
C TRP A 505 -65.89 -8.33 -35.12
N ARG A 506 -67.12 -8.60 -34.64
CA ARG A 506 -67.70 -7.80 -33.58
C ARG A 506 -66.84 -7.84 -32.32
N GLU A 507 -66.23 -8.99 -32.07
CA GLU A 507 -65.16 -9.08 -31.10
C GLU A 507 -63.93 -8.34 -31.61
N ALA A 508 -63.55 -8.57 -32.86
CA ALA A 508 -62.27 -8.10 -33.37
C ALA A 508 -62.25 -6.60 -33.57
N PHE A 509 -63.39 -5.99 -33.89
CA PHE A 509 -63.39 -4.57 -34.20
C PHE A 509 -63.10 -3.73 -32.96
N ASN A 510 -63.56 -4.17 -31.79
CA ASN A 510 -63.16 -3.43 -30.61
C ASN A 510 -61.89 -3.99 -30.00
N GLU A 511 -61.47 -5.19 -30.39
CA GLU A 511 -60.08 -5.59 -30.11
C GLU A 511 -59.09 -4.65 -30.77
N THR A 512 -59.20 -4.50 -32.09
CA THR A 512 -58.31 -3.59 -32.79
C THR A 512 -58.58 -2.14 -32.44
N ASN A 513 -59.80 -1.81 -32.00
CA ASN A 513 -60.05 -0.43 -31.60
C ASN A 513 -59.32 -0.13 -30.30
N GLN A 514 -59.37 -1.06 -29.33
CA GLN A 514 -58.54 -0.92 -28.12
C GLN A 514 -57.07 -0.82 -28.48
N ALA A 515 -56.64 -1.62 -29.44
CA ALA A 515 -55.23 -1.63 -29.84
C ALA A 515 -54.79 -0.27 -30.34
N ILE A 516 -55.57 0.34 -31.22
CA ILE A 516 -55.13 1.64 -31.72
C ILE A 516 -55.34 2.73 -30.69
N ARG A 517 -56.19 2.51 -29.67
CA ARG A 517 -56.19 3.47 -28.56
C ARG A 517 -54.89 3.42 -27.80
N THR A 518 -54.42 2.21 -27.48
CA THR A 518 -53.21 2.09 -26.67
C THR A 518 -51.98 2.51 -27.46
N ILE A 519 -51.89 2.12 -28.73
CA ILE A 519 -50.76 2.55 -29.54
C ILE A 519 -50.84 4.04 -29.84
N SER A 520 -52.04 4.60 -29.87
CA SER A 520 -52.17 6.04 -30.05
C SER A 520 -51.65 6.79 -28.84
N ARG A 521 -52.11 6.43 -27.65
CA ARG A 521 -51.73 7.17 -26.45
C ARG A 521 -50.29 6.93 -26.06
N PHE A 522 -49.74 5.75 -26.39
CA PHE A 522 -48.31 5.55 -26.13
C PHE A 522 -47.46 6.32 -27.12
N MET A 523 -47.82 6.29 -28.41
CA MET A 523 -47.01 7.00 -29.38
C MET A 523 -47.34 8.47 -29.47
N GLU A 524 -48.16 8.99 -28.56
CA GLU A 524 -48.22 10.42 -28.27
C GLU A 524 -47.27 10.82 -27.14
N CYS A 525 -46.18 10.09 -26.95
CA CYS A 525 -45.14 10.39 -25.97
C CYS A 525 -43.76 10.30 -26.58
N VAL A 526 -43.65 10.46 -27.89
CA VAL A 526 -42.35 10.34 -28.54
C VAL A 526 -42.14 11.58 -29.39
N ASN A 527 -41.36 12.53 -28.90
CA ASN A 527 -41.19 13.81 -29.60
C ASN A 527 -40.30 13.61 -30.82
N LEU A 528 -40.93 13.18 -31.91
CA LEU A 528 -40.26 12.93 -33.17
C LEU A 528 -40.00 14.18 -33.97
N ASN A 529 -40.15 15.35 -33.36
CA ASN A 529 -39.78 16.61 -33.97
C ASN A 529 -38.45 17.09 -33.40
N LYS A 530 -37.55 16.15 -33.14
CA LYS A 530 -36.39 16.39 -32.27
C LYS A 530 -35.21 16.97 -33.04
N LEU A 531 -35.38 18.22 -33.46
CA LEU A 531 -34.30 18.95 -34.10
C LEU A 531 -34.44 20.42 -33.78
N GLU A 532 -33.35 21.06 -33.38
CA GLU A 532 -33.34 22.48 -33.08
C GLU A 532 -32.06 23.13 -33.56
N PRO A 533 -32.02 23.59 -34.81
CA PRO A 533 -30.86 24.35 -35.30
C PRO A 533 -30.56 25.59 -34.48
N ILE A 534 -29.28 25.92 -34.45
CA ILE A 534 -28.67 26.87 -33.53
C ILE A 534 -27.48 27.47 -34.24
N ALA A 535 -27.32 28.78 -34.15
CA ALA A 535 -26.28 29.44 -34.93
C ALA A 535 -24.93 29.48 -34.23
N THR A 536 -24.89 29.58 -32.90
CA THR A 536 -23.64 29.68 -32.16
C THR A 536 -23.54 28.56 -31.15
N GLU A 537 -22.43 27.83 -31.17
CA GLU A 537 -22.26 26.64 -30.37
C GLU A 537 -22.15 26.92 -28.88
N VAL A 538 -21.86 28.14 -28.47
CA VAL A 538 -21.85 28.41 -27.04
C VAL A 538 -23.28 28.49 -26.51
N TRP A 539 -24.22 28.96 -27.33
CA TRP A 539 -25.62 28.82 -26.97
C TRP A 539 -26.04 27.36 -26.99
N LEU A 540 -25.40 26.56 -27.83
CA LEU A 540 -25.65 25.14 -27.81
C LEU A 540 -25.16 24.49 -26.52
N ILE A 541 -24.06 24.97 -25.97
CA ILE A 541 -23.59 24.32 -24.76
C ILE A 541 -24.38 24.83 -23.56
N ASN A 542 -24.80 26.09 -23.59
CA ASN A 542 -25.54 26.62 -22.45
C ASN A 542 -26.96 26.09 -22.44
N LYS A 543 -27.63 26.17 -23.59
CA LYS A 543 -28.94 25.55 -23.77
C LYS A 543 -28.85 24.04 -23.59
N SER A 544 -27.71 23.46 -23.95
CA SER A 544 -27.46 22.06 -23.69
C SER A 544 -27.48 21.76 -22.20
N MET A 545 -26.88 22.64 -21.41
CA MET A 545 -26.87 22.42 -19.98
C MET A 545 -28.26 22.57 -19.38
N GLU A 546 -29.02 23.55 -19.86
CA GLU A 546 -30.39 23.72 -19.34
C GLU A 546 -31.27 22.54 -19.71
N LEU A 547 -31.18 22.07 -20.95
CA LEU A 547 -31.98 20.94 -21.37
C LEU A 547 -31.56 19.67 -20.65
N LEU A 548 -30.27 19.54 -20.36
CA LEU A 548 -29.78 18.39 -19.60
C LEU A 548 -30.33 18.39 -18.20
N ASP A 549 -30.43 19.57 -17.59
CA ASP A 549 -31.12 19.63 -16.31
C ASP A 549 -32.63 19.49 -16.46
N GLU A 550 -33.15 19.58 -17.67
CA GLU A 550 -34.57 19.40 -17.90
C GLU A 550 -34.91 17.96 -18.33
N ARG A 551 -34.06 16.99 -17.96
CA ARG A 551 -34.25 15.54 -18.06
C ARG A 551 -34.24 15.01 -19.52
N LYS A 552 -34.20 15.89 -20.52
CA LYS A 552 -34.29 15.45 -21.91
C LYS A 552 -33.15 16.02 -22.74
N PHE A 553 -32.18 15.16 -23.06
CA PHE A 553 -31.08 15.58 -23.92
C PHE A 553 -30.41 14.37 -24.53
N TRP A 554 -30.46 14.31 -25.84
CA TRP A 554 -29.67 13.38 -26.64
C TRP A 554 -28.41 14.15 -27.02
N ALA A 555 -27.76 13.77 -28.10
CA ALA A 555 -26.52 14.42 -28.47
C ALA A 555 -26.71 15.87 -28.91
N GLY A 556 -25.60 16.44 -29.30
CA GLY A 556 -25.59 17.69 -30.01
C GLY A 556 -24.50 17.61 -31.04
N ILE A 557 -24.82 17.87 -32.29
CA ILE A 557 -23.86 17.62 -33.35
C ILE A 557 -23.25 18.94 -33.78
N VAL A 558 -22.09 19.26 -33.23
CA VAL A 558 -21.34 20.44 -33.61
C VAL A 558 -20.68 20.15 -34.95
N PHE A 559 -20.95 20.96 -35.96
CA PHE A 559 -20.18 20.72 -37.17
C PHE A 559 -18.90 21.56 -37.17
N THR A 560 -18.24 21.58 -38.33
CA THR A 560 -17.24 22.60 -38.63
C THR A 560 -17.53 23.12 -40.03
N GLY A 561 -18.79 23.40 -40.32
CA GLY A 561 -19.14 23.99 -41.59
C GLY A 561 -18.53 25.36 -41.77
N ILE A 562 -18.46 25.79 -43.02
CA ILE A 562 -17.53 26.85 -43.35
C ILE A 562 -18.12 28.23 -43.13
N THR A 563 -19.11 28.58 -43.94
CA THR A 563 -19.78 29.87 -43.93
C THR A 563 -21.22 29.61 -44.33
N PRO A 564 -22.11 30.58 -44.12
CA PRO A 564 -23.44 30.45 -44.74
C PRO A 564 -23.41 30.58 -46.25
N GLY A 565 -22.94 29.52 -46.92
CA GLY A 565 -22.86 29.43 -48.35
C GLY A 565 -23.20 28.03 -48.81
N SER A 566 -24.09 27.91 -49.79
CA SER A 566 -24.71 26.64 -50.11
C SER A 566 -23.90 25.79 -51.07
N ILE A 567 -22.61 26.04 -51.21
CA ILE A 567 -21.72 24.98 -51.65
C ILE A 567 -21.82 23.89 -50.58
N GLU A 568 -22.14 22.67 -51.02
CA GLU A 568 -22.87 21.71 -50.19
C GLU A 568 -22.14 21.32 -48.91
N LEU A 569 -21.02 20.64 -49.01
CA LEU A 569 -20.13 20.39 -47.90
C LEU A 569 -18.73 20.51 -48.51
N PRO A 570 -17.71 20.75 -47.72
CA PRO A 570 -16.42 21.09 -48.33
C PRO A 570 -15.58 19.93 -48.85
N HIS A 571 -16.22 18.78 -49.15
CA HIS A 571 -15.66 17.48 -49.54
C HIS A 571 -15.03 16.75 -48.37
N HIS A 572 -14.90 17.40 -47.23
CA HIS A 572 -14.30 16.74 -46.08
C HIS A 572 -14.97 17.35 -44.87
N VAL A 573 -15.87 16.60 -44.25
CA VAL A 573 -16.57 17.11 -43.10
C VAL A 573 -15.98 16.49 -41.86
N LYS A 574 -15.89 17.28 -40.82
CA LYS A 574 -15.77 16.78 -39.48
C LYS A 574 -17.19 16.68 -38.96
N TYR A 575 -17.33 16.38 -37.67
CA TYR A 575 -18.43 16.74 -36.79
C TYR A 575 -18.10 16.25 -35.40
N LYS A 576 -18.91 16.59 -34.41
CA LYS A 576 -18.35 16.65 -33.09
C LYS A 576 -19.49 16.37 -32.11
N ILE A 577 -19.69 15.09 -31.80
CA ILE A 577 -20.98 14.65 -31.26
C ILE A 577 -20.90 14.82 -29.76
N ARG A 578 -21.12 16.04 -29.33
CA ARG A 578 -21.08 16.32 -27.91
C ARG A 578 -22.28 15.72 -27.22
N MET A 579 -22.01 14.92 -26.20
CA MET A 579 -23.06 14.37 -25.36
C MET A 579 -22.57 14.50 -23.94
N ASP A 580 -23.43 14.25 -22.97
CA ASP A 580 -22.99 14.40 -21.59
C ASP A 580 -22.11 13.25 -21.17
N ILE A 581 -21.70 13.27 -19.90
CA ILE A 581 -20.73 12.28 -19.45
C ILE A 581 -21.39 10.96 -19.14
N ASP A 582 -22.61 10.97 -18.61
CA ASP A 582 -23.22 9.72 -18.19
C ASP A 582 -23.73 8.87 -19.36
N ASN A 583 -23.51 9.28 -20.61
CA ASN A 583 -23.79 8.41 -21.74
C ASN A 583 -22.58 8.11 -22.62
N VAL A 584 -21.93 9.09 -23.14
CA VAL A 584 -20.79 8.81 -24.01
C VAL A 584 -19.62 8.39 -23.16
N GLU A 585 -18.80 7.48 -23.66
CA GLU A 585 -17.65 7.00 -22.89
C GLU A 585 -16.66 8.08 -22.54
N ARG A 586 -16.07 7.91 -21.37
CA ARG A 586 -15.13 8.84 -20.80
C ARG A 586 -13.90 8.86 -21.66
N THR A 587 -13.52 10.02 -22.18
CA THR A 587 -12.55 10.07 -23.26
C THR A 587 -11.13 10.34 -22.79
N ASN A 588 -10.81 10.01 -21.55
CA ASN A 588 -9.45 10.22 -21.09
C ASN A 588 -8.53 9.07 -21.49
N LYS A 589 -8.94 7.83 -21.21
CA LYS A 589 -8.13 6.66 -21.52
C LYS A 589 -8.72 5.85 -22.67
N ILE A 590 -7.85 5.39 -23.57
CA ILE A 590 -8.24 4.76 -24.82
C ILE A 590 -7.97 3.27 -24.80
N LYS A 591 -7.60 2.72 -23.65
CA LYS A 591 -7.34 1.30 -23.49
C LYS A 591 -7.62 0.98 -22.03
N ASP A 592 -7.65 -0.29 -21.68
CA ASP A 592 -8.17 -0.71 -20.38
C ASP A 592 -7.26 -0.31 -19.20
N GLY A 593 -6.06 0.15 -19.46
CA GLY A 593 -5.11 0.41 -18.39
C GLY A 593 -4.30 -0.83 -18.10
N TYR A 594 -4.36 -1.31 -16.86
CA TYR A 594 -3.75 -2.58 -16.53
C TYR A 594 -4.58 -3.67 -17.17
N TRP A 595 -3.97 -4.45 -18.05
CA TRP A 595 -4.76 -5.41 -18.80
C TRP A 595 -5.05 -6.62 -17.94
N ASP A 596 -6.22 -6.68 -17.41
CA ASP A 596 -6.70 -7.97 -16.99
C ASP A 596 -7.49 -8.59 -18.14
N PRO A 597 -7.62 -9.91 -18.20
CA PRO A 597 -8.48 -10.49 -19.22
C PRO A 597 -9.94 -10.40 -18.80
N GLY A 598 -10.81 -10.59 -19.79
CA GLY A 598 -12.23 -10.33 -19.66
C GLY A 598 -12.80 -9.99 -21.02
N PRO A 599 -14.10 -10.10 -21.21
CA PRO A 599 -14.66 -9.79 -22.52
C PRO A 599 -15.07 -8.33 -22.62
N ARG A 600 -15.27 -7.69 -21.46
CA ARG A 600 -15.77 -6.33 -21.30
C ARG A 600 -17.12 -6.14 -22.01
N ALA A 601 -18.12 -6.78 -21.43
CA ALA A 601 -19.47 -6.67 -21.93
C ALA A 601 -20.47 -6.54 -20.79
N ASP A 602 -20.15 -5.71 -19.82
CA ASP A 602 -21.13 -5.35 -18.82
C ASP A 602 -22.06 -4.32 -19.44
N PRO A 603 -23.33 -4.63 -19.61
CA PRO A 603 -24.15 -3.84 -20.54
C PRO A 603 -24.53 -2.46 -20.05
N PHE A 604 -24.69 -2.30 -18.74
CA PHE A 604 -24.90 -0.95 -18.22
C PHE A 604 -23.59 -0.21 -18.11
N GLU A 605 -22.61 -0.82 -17.44
CA GLU A 605 -21.40 -0.10 -17.04
C GLU A 605 -20.50 0.21 -18.21
N ASP A 606 -20.46 -0.64 -19.21
CA ASP A 606 -19.33 -0.50 -20.13
C ASP A 606 -19.69 -0.75 -21.58
N MET A 607 -20.95 -0.93 -21.92
CA MET A 607 -21.39 -0.96 -23.31
C MET A 607 -21.84 0.43 -23.77
N ARG A 608 -21.22 1.45 -23.23
CA ARG A 608 -21.92 2.69 -22.97
C ARG A 608 -22.12 3.52 -24.21
N TYR A 609 -21.52 3.14 -25.33
CA TYR A 609 -21.84 3.87 -26.55
C TYR A 609 -23.20 3.51 -27.10
N VAL A 610 -23.67 2.29 -26.86
CA VAL A 610 -24.79 1.80 -27.65
C VAL A 610 -26.00 1.49 -26.79
N TRP A 611 -25.98 1.89 -25.54
CA TRP A 611 -27.26 2.20 -24.94
C TRP A 611 -27.44 3.69 -24.74
N GLY A 612 -26.38 4.39 -24.35
CA GLY A 612 -26.45 5.84 -24.32
C GLY A 612 -26.63 6.42 -25.71
N GLY A 613 -26.11 5.74 -26.71
CA GLY A 613 -26.54 6.04 -28.04
C GLY A 613 -25.69 7.05 -28.75
N PHE A 614 -24.38 7.05 -28.48
CA PHE A 614 -23.47 7.74 -29.36
C PHE A 614 -23.50 7.13 -30.75
N ALA A 615 -23.41 5.80 -30.82
CA ALA A 615 -23.19 5.15 -32.10
C ALA A 615 -24.37 5.33 -33.01
N TYR A 616 -25.56 5.46 -32.44
CA TYR A 616 -26.75 5.62 -33.27
C TYR A 616 -26.72 6.96 -33.98
N LEU A 617 -26.31 8.01 -33.27
CA LEU A 617 -26.00 9.27 -33.93
C LEU A 617 -24.92 9.11 -34.97
N GLN A 618 -23.95 8.26 -34.69
CA GLN A 618 -22.87 8.07 -35.65
C GLN A 618 -23.42 7.52 -36.96
N ASP A 619 -24.25 6.48 -36.90
CA ASP A 619 -24.68 5.84 -38.14
C ASP A 619 -25.67 6.71 -38.90
N VAL A 620 -26.67 7.26 -38.20
CA VAL A 620 -27.70 8.03 -38.88
C VAL A 620 -27.08 9.29 -39.49
N VAL A 621 -26.23 9.96 -38.71
CA VAL A 621 -25.65 11.21 -39.19
C VAL A 621 -24.65 10.96 -40.31
N GLU A 622 -23.91 9.84 -40.27
CA GLU A 622 -23.01 9.49 -41.36
C GLU A 622 -23.76 9.26 -42.66
N GLN A 623 -24.80 8.42 -42.60
CA GLN A 623 -25.57 8.12 -43.80
C GLN A 623 -26.28 9.34 -44.33
N ALA A 624 -26.62 10.28 -43.44
CA ALA A 624 -27.12 11.57 -43.87
C ALA A 624 -26.08 12.32 -44.70
N ILE A 625 -24.86 12.47 -44.17
CA ILE A 625 -23.81 13.22 -44.86
C ILE A 625 -23.55 12.62 -46.23
N ILE A 626 -23.49 11.29 -46.28
CA ILE A 626 -23.24 10.57 -47.52
C ILE A 626 -24.34 10.84 -48.52
N ARG A 627 -25.58 10.81 -48.05
CA ARG A 627 -26.71 11.01 -48.94
C ARG A 627 -26.81 12.46 -49.40
N VAL A 628 -26.18 13.40 -48.70
CA VAL A 628 -26.05 14.73 -49.27
C VAL A 628 -24.97 14.76 -50.35
N LEU A 629 -23.77 14.28 -50.00
CA LEU A 629 -22.62 14.41 -50.90
C LEU A 629 -22.75 13.63 -52.20
N THR A 630 -23.51 12.55 -52.23
CA THR A 630 -23.41 11.61 -53.34
C THR A 630 -24.68 11.48 -54.15
N GLY A 631 -25.81 11.13 -53.53
CA GLY A 631 -27.08 11.03 -54.23
C GLY A 631 -27.75 9.67 -54.17
N THR A 632 -27.00 8.60 -53.98
CA THR A 632 -27.61 7.27 -53.90
C THR A 632 -28.42 7.15 -52.61
N GLU A 633 -29.46 6.32 -52.66
CA GLU A 633 -30.51 6.44 -51.66
C GLU A 633 -30.17 5.75 -50.35
N LYS A 634 -30.17 4.42 -50.32
CA LYS A 634 -29.84 3.78 -49.05
C LYS A 634 -28.72 2.76 -49.14
N LYS A 635 -29.02 1.66 -49.83
CA LYS A 635 -28.14 0.55 -50.27
C LYS A 635 -26.97 0.22 -49.33
N THR A 636 -27.26 0.14 -48.02
CA THR A 636 -26.34 -0.30 -46.99
C THR A 636 -27.12 -0.48 -45.70
N GLY A 637 -26.87 -1.58 -44.99
CA GLY A 637 -27.13 -1.58 -43.57
C GLY A 637 -25.81 -1.85 -42.89
N VAL A 638 -25.65 -1.52 -41.60
CA VAL A 638 -24.40 -1.75 -40.89
C VAL A 638 -24.74 -2.32 -39.53
N TYR A 639 -24.59 -3.61 -39.35
CA TYR A 639 -24.86 -4.21 -38.05
C TYR A 639 -23.65 -4.01 -37.13
N MET A 640 -23.80 -4.34 -35.85
CA MET A 640 -22.67 -4.36 -34.92
C MET A 640 -22.56 -5.70 -34.23
N GLN A 641 -21.53 -6.46 -34.54
CA GLN A 641 -21.26 -7.72 -33.88
C GLN A 641 -19.98 -7.59 -33.08
N GLN A 642 -19.96 -8.16 -31.88
CA GLN A 642 -18.73 -8.18 -31.12
C GLN A 642 -17.93 -9.41 -31.46
N MET A 643 -16.64 -9.31 -31.31
CA MET A 643 -15.88 -10.52 -31.46
C MET A 643 -16.04 -11.35 -30.20
N PRO A 644 -16.15 -12.66 -30.35
CA PRO A 644 -16.47 -13.48 -29.19
C PRO A 644 -15.24 -13.71 -28.36
N TYR A 645 -15.45 -14.13 -27.12
CA TYR A 645 -14.32 -14.14 -26.20
C TYR A 645 -14.22 -15.51 -25.52
N PRO A 646 -13.03 -16.09 -25.48
CA PRO A 646 -12.87 -17.51 -25.21
C PRO A 646 -12.82 -18.00 -23.77
N CYS A 647 -13.96 -18.23 -23.12
CA CYS A 647 -14.16 -19.15 -21.98
C CYS A 647 -13.15 -18.99 -20.84
N TYR A 648 -12.82 -17.74 -20.55
CA TYR A 648 -11.76 -17.37 -19.62
C TYR A 648 -12.17 -17.64 -18.17
N VAL A 649 -11.25 -17.35 -17.25
CA VAL A 649 -11.56 -17.18 -15.84
C VAL A 649 -10.87 -15.90 -15.40
N ASP A 650 -11.36 -15.32 -14.31
CA ASP A 650 -10.65 -14.23 -13.66
C ASP A 650 -10.33 -14.59 -12.22
N ASP A 651 -9.06 -14.43 -11.89
CA ASP A 651 -8.50 -14.69 -10.58
C ASP A 651 -7.60 -13.54 -10.19
N ILE A 652 -8.14 -12.32 -10.24
CA ILE A 652 -7.37 -11.10 -10.01
C ILE A 652 -6.66 -11.12 -8.67
N PHE A 653 -7.19 -11.85 -7.68
CA PHE A 653 -6.45 -12.00 -6.44
C PHE A 653 -5.24 -12.88 -6.62
N LEU A 654 -5.37 -13.98 -7.38
CA LEU A 654 -4.20 -14.79 -7.72
C LEU A 654 -3.19 -13.98 -8.51
N ARG A 655 -3.68 -13.10 -9.39
CA ARG A 655 -2.79 -12.40 -10.30
C ARG A 655 -2.02 -11.31 -9.60
N VAL A 656 -2.73 -10.37 -8.96
CA VAL A 656 -2.01 -9.29 -8.30
C VAL A 656 -1.33 -9.79 -7.05
N MET A 657 -1.79 -10.91 -6.48
CA MET A 657 -1.13 -11.47 -5.32
C MET A 657 0.22 -12.05 -5.70
N SER A 658 0.25 -12.94 -6.68
CA SER A 658 1.52 -13.54 -7.05
C SER A 658 2.41 -12.58 -7.83
N ARG A 659 1.85 -11.56 -8.48
CA ARG A 659 2.67 -10.48 -9.00
C ARG A 659 3.27 -9.64 -7.86
N SER A 660 2.59 -9.55 -6.72
CA SER A 660 3.11 -8.75 -5.63
C SER A 660 3.38 -9.64 -4.42
N MET A 661 3.92 -10.82 -4.68
CA MET A 661 4.40 -11.71 -3.62
C MET A 661 5.39 -11.10 -2.63
N PRO A 662 6.51 -10.48 -3.03
CA PRO A 662 7.57 -10.20 -2.05
C PRO A 662 7.26 -9.14 -1.01
N LEU A 663 6.10 -8.50 -1.04
CA LEU A 663 5.71 -7.67 0.10
C LEU A 663 5.35 -8.52 1.30
N PHE A 664 4.34 -9.37 1.16
CA PHE A 664 3.94 -10.16 2.30
C PHE A 664 4.88 -11.32 2.56
N MET A 665 5.73 -11.68 1.59
CA MET A 665 6.91 -12.47 1.94
C MET A 665 7.95 -11.66 2.66
N THR A 666 8.03 -10.37 2.35
CA THR A 666 9.03 -9.54 3.01
C THR A 666 8.68 -9.31 4.46
N LEU A 667 7.39 -9.27 4.82
CA LEU A 667 6.96 -8.76 6.13
C LEU A 667 7.42 -9.63 7.29
N ALA A 668 7.22 -10.95 7.19
CA ALA A 668 7.68 -11.89 8.21
C ALA A 668 9.19 -11.82 8.38
N TRP A 669 9.89 -11.49 7.32
CA TRP A 669 11.33 -11.45 7.40
C TRP A 669 11.83 -10.03 7.62
N ILE A 670 10.92 -9.06 7.67
CA ILE A 670 11.24 -7.81 8.33
C ILE A 670 11.41 -8.07 9.80
N TYR A 671 10.47 -8.83 10.39
CA TYR A 671 10.66 -9.15 11.81
C TYR A 671 11.88 -10.06 12.04
N SER A 672 12.10 -11.00 11.13
CA SER A 672 13.21 -11.94 11.30
C SER A 672 14.56 -11.26 11.12
N VAL A 673 14.68 -10.42 10.10
CA VAL A 673 15.89 -9.64 9.89
C VAL A 673 16.15 -8.73 11.08
N ALA A 674 15.10 -8.14 11.66
CA ALA A 674 15.31 -7.28 12.82
C ALA A 674 15.86 -8.06 14.02
N VAL A 675 15.36 -9.28 14.25
CA VAL A 675 15.86 -10.06 15.38
C VAL A 675 17.31 -10.47 15.16
N ILE A 676 17.64 -10.94 13.96
CA ILE A 676 19.00 -11.44 13.77
C ILE A 676 20.01 -10.30 13.72
N ILE A 677 19.61 -9.12 13.26
CA ILE A 677 20.56 -8.01 13.27
C ILE A 677 20.70 -7.45 14.69
N LYS A 678 19.65 -7.58 15.53
CA LYS A 678 19.80 -7.21 16.93
C LYS A 678 20.73 -8.17 17.63
N GLY A 679 20.72 -9.45 17.23
CA GLY A 679 21.68 -10.39 17.76
C GLY A 679 23.11 -10.01 17.43
N ILE A 680 23.38 -9.70 16.14
CA ILE A 680 24.74 -9.40 15.71
C ILE A 680 25.28 -8.16 16.40
N VAL A 681 24.60 -7.03 16.25
CA VAL A 681 25.21 -5.85 16.85
C VAL A 681 25.02 -5.80 18.35
N TYR A 682 24.14 -6.63 18.90
CA TYR A 682 24.08 -6.77 20.35
C TYR A 682 25.38 -7.34 20.89
N GLU A 683 25.82 -8.46 20.33
CA GLU A 683 27.09 -8.95 20.82
C GLU A 683 28.26 -8.23 20.20
N LYS A 684 28.05 -7.35 19.23
CA LYS A 684 29.12 -6.45 18.85
C LYS A 684 29.28 -5.32 19.84
N GLU A 685 28.18 -4.90 20.48
CA GLU A 685 28.19 -3.85 21.50
C GLU A 685 29.06 -4.22 22.70
N ALA A 686 28.72 -5.31 23.37
CA ALA A 686 29.44 -5.76 24.55
C ALA A 686 30.70 -6.53 24.22
N ARG A 687 31.16 -6.46 22.97
CA ARG A 687 32.46 -6.94 22.53
C ARG A 687 32.64 -8.44 22.74
N LEU A 688 31.56 -9.20 22.52
CA LEU A 688 31.72 -10.64 22.57
C LEU A 688 32.47 -11.18 21.36
N LYS A 689 32.42 -10.50 20.21
CA LYS A 689 33.21 -10.93 19.06
C LYS A 689 34.69 -10.82 19.33
N GLU A 690 35.12 -9.68 19.87
CA GLU A 690 36.55 -9.46 20.02
C GLU A 690 37.13 -10.33 21.13
N THR A 691 36.39 -10.47 22.23
CA THR A 691 36.83 -11.41 23.26
C THR A 691 36.68 -12.86 22.80
N MET A 692 35.85 -13.11 21.79
CA MET A 692 35.80 -14.44 21.23
C MET A 692 37.02 -14.70 20.36
N ARG A 693 37.51 -13.67 19.67
CA ARG A 693 38.74 -13.81 18.90
C ARG A 693 39.94 -13.94 19.83
N ILE A 694 39.85 -13.35 21.02
CA ILE A 694 40.85 -13.60 22.05
C ILE A 694 40.83 -15.06 22.47
N MET A 695 39.67 -15.70 22.42
CA MET A 695 39.58 -17.11 22.78
C MET A 695 40.06 -18.05 21.69
N GLY A 696 40.79 -17.55 20.69
CA GLY A 696 41.47 -18.43 19.76
C GLY A 696 40.58 -18.97 18.68
N LEU A 697 39.67 -18.14 18.17
CA LEU A 697 38.83 -18.48 17.04
C LEU A 697 39.11 -17.49 15.92
N ASP A 698 38.60 -17.81 14.73
CA ASP A 698 38.65 -16.88 13.62
C ASP A 698 37.22 -16.59 13.17
N ASN A 699 37.08 -15.51 12.41
CA ASN A 699 35.77 -14.96 12.07
C ASN A 699 34.92 -15.90 11.22
N SER A 700 35.57 -16.86 10.54
CA SER A 700 34.86 -17.86 9.74
C SER A 700 33.85 -18.62 10.59
N ILE A 701 34.24 -19.00 11.80
CA ILE A 701 33.33 -19.81 12.59
C ILE A 701 32.25 -18.94 13.22
N LEU A 702 32.51 -17.65 13.43
CA LEU A 702 31.47 -16.76 13.94
C LEU A 702 30.41 -16.50 12.89
N TRP A 703 30.84 -15.97 11.74
CA TRP A 703 29.91 -15.64 10.67
C TRP A 703 29.20 -16.88 10.16
N PHE A 704 29.89 -18.00 10.15
CA PHE A 704 29.22 -19.24 9.78
C PHE A 704 28.20 -19.67 10.82
N SER A 705 28.50 -19.43 12.11
CA SER A 705 27.57 -19.84 13.15
C SER A 705 26.30 -19.02 13.10
N TRP A 706 26.45 -17.70 12.94
CA TRP A 706 25.27 -16.85 12.79
C TRP A 706 24.53 -17.14 11.49
N PHE A 707 25.25 -17.59 10.46
CA PHE A 707 24.60 -17.98 9.23
C PHE A 707 23.70 -19.19 9.42
N ILE A 708 24.19 -20.18 10.17
CA ILE A 708 23.39 -21.39 10.40
C ILE A 708 22.21 -21.09 11.32
N SER A 709 22.49 -20.60 12.52
CA SER A 709 21.40 -20.42 13.46
C SER A 709 20.53 -19.23 13.11
N SER A 710 20.99 -18.35 12.25
CA SER A 710 20.05 -17.44 11.60
C SER A 710 19.18 -18.20 10.62
N LEU A 711 19.74 -19.20 9.94
CA LEU A 711 19.03 -19.79 8.83
C LEU A 711 17.88 -20.68 9.29
N ILE A 712 18.03 -21.39 10.41
CA ILE A 712 17.06 -22.42 10.76
C ILE A 712 15.65 -21.89 11.06
N PRO A 713 15.43 -20.85 11.88
CA PRO A 713 14.04 -20.37 12.05
C PRO A 713 13.45 -19.74 10.80
N LEU A 714 14.27 -19.09 9.98
CA LEU A 714 13.82 -18.63 8.67
C LEU A 714 13.42 -19.80 7.78
N LEU A 715 14.19 -20.89 7.84
CA LEU A 715 13.92 -22.01 6.96
C LEU A 715 12.63 -22.71 7.35
N VAL A 716 12.39 -22.84 8.66
CA VAL A 716 11.12 -23.46 9.06
C VAL A 716 9.95 -22.52 8.81
N SER A 717 10.19 -21.20 8.80
CA SER A 717 9.14 -20.28 8.36
C SER A 717 8.84 -20.46 6.88
N ALA A 718 9.87 -20.73 6.09
CA ALA A 718 9.66 -20.93 4.66
C ALA A 718 8.90 -22.23 4.39
N GLY A 719 9.25 -23.31 5.09
CA GLY A 719 8.51 -24.55 4.96
C GLY A 719 7.07 -24.43 5.41
N LEU A 720 6.83 -23.62 6.44
CA LEU A 720 5.46 -23.34 6.80
C LEU A 720 4.74 -22.50 5.74
N LEU A 721 5.47 -21.66 4.99
CA LEU A 721 4.82 -20.99 3.87
C LEU A 721 4.48 -21.98 2.77
N VAL A 722 5.28 -23.02 2.59
CA VAL A 722 4.97 -24.01 1.58
C VAL A 722 3.73 -24.79 1.96
N VAL A 723 3.62 -25.16 3.24
CA VAL A 723 2.44 -25.89 3.69
C VAL A 723 1.20 -25.01 3.64
N ILE A 724 1.34 -23.70 3.89
CA ILE A 724 0.18 -22.83 3.75
C ILE A 724 -0.08 -22.45 2.30
N LEU A 725 0.89 -22.73 1.42
CA LEU A 725 0.88 -22.24 0.05
C LEU A 725 0.28 -23.24 -0.93
N LYS A 726 0.68 -24.51 -0.85
CA LYS A 726 0.00 -25.52 -1.66
C LYS A 726 -1.35 -25.88 -1.05
N LEU A 727 -1.34 -26.34 0.21
CA LEU A 727 -2.55 -26.88 0.82
C LEU A 727 -3.58 -25.80 1.13
N GLY A 728 -3.18 -24.54 1.19
CA GLY A 728 -4.11 -23.47 1.47
C GLY A 728 -4.88 -22.95 0.28
N ASN A 729 -4.88 -23.69 -0.83
CA ASN A 729 -5.49 -23.30 -2.12
C ASN A 729 -4.95 -21.95 -2.57
N LEU A 730 -3.66 -21.90 -2.78
CA LEU A 730 -3.19 -20.59 -3.21
C LEU A 730 -2.35 -20.64 -4.47
N LEU A 731 -1.44 -21.61 -4.59
CA LEU A 731 -0.66 -21.77 -5.81
C LEU A 731 -0.58 -23.25 -6.18
N PRO A 732 -1.53 -23.76 -6.95
CA PRO A 732 -1.30 -25.04 -7.64
C PRO A 732 -0.43 -24.88 -8.87
N TYR A 733 -0.31 -25.96 -9.68
CA TYR A 733 0.28 -26.01 -11.02
C TYR A 733 1.80 -25.83 -11.04
N SER A 734 2.40 -25.51 -9.90
CA SER A 734 3.85 -25.46 -9.78
C SER A 734 4.21 -26.25 -8.55
N ASP A 735 5.21 -27.10 -8.70
CA ASP A 735 5.39 -28.25 -7.84
C ASP A 735 5.89 -27.83 -6.47
N PRO A 736 5.28 -28.29 -5.36
CA PRO A 736 5.56 -27.73 -4.03
C PRO A 736 6.97 -27.91 -3.50
N SER A 737 7.84 -28.60 -4.22
CA SER A 737 9.23 -28.68 -3.81
C SER A 737 9.97 -27.38 -4.11
N VAL A 738 9.84 -26.89 -5.34
CA VAL A 738 10.72 -25.81 -5.78
C VAL A 738 10.32 -24.46 -5.24
N VAL A 739 9.11 -24.31 -4.70
CA VAL A 739 8.85 -23.12 -3.91
C VAL A 739 9.67 -23.15 -2.63
N PHE A 740 9.86 -24.34 -2.05
CA PHE A 740 10.66 -24.44 -0.83
C PHE A 740 12.14 -24.27 -1.12
N VAL A 741 12.59 -24.79 -2.25
CA VAL A 741 13.97 -24.55 -2.64
C VAL A 741 14.19 -23.09 -2.94
N PHE A 742 13.24 -22.44 -3.61
CA PHE A 742 13.45 -21.06 -3.99
C PHE A 742 13.35 -20.12 -2.80
N LEU A 743 12.41 -20.37 -1.89
CA LEU A 743 12.40 -19.61 -0.64
C LEU A 743 13.61 -19.90 0.22
N SER A 744 14.19 -21.09 0.13
CA SER A 744 15.43 -21.33 0.86
C SER A 744 16.54 -20.45 0.31
N VAL A 745 16.58 -20.28 -1.02
CA VAL A 745 17.60 -19.42 -1.59
C VAL A 745 17.39 -17.98 -1.17
N PHE A 746 16.15 -17.49 -1.21
CA PHE A 746 15.90 -16.11 -0.79
C PHE A 746 16.07 -15.92 0.71
N ALA A 747 15.93 -16.99 1.50
CA ALA A 747 16.29 -16.91 2.91
C ALA A 747 17.78 -16.70 3.07
N VAL A 748 18.58 -17.41 2.27
CA VAL A 748 20.04 -17.27 2.35
C VAL A 748 20.45 -15.85 1.98
N VAL A 749 19.90 -15.33 0.89
CA VAL A 749 20.37 -14.05 0.43
C VAL A 749 19.81 -12.91 1.26
N THR A 750 18.66 -13.09 1.90
CA THR A 750 18.26 -12.06 2.84
C THR A 750 19.07 -12.12 4.13
N ILE A 751 19.66 -13.27 4.45
CA ILE A 751 20.59 -13.30 5.56
C ILE A 751 21.87 -12.54 5.22
N LEU A 752 22.43 -12.78 4.04
CA LEU A 752 23.66 -12.06 3.72
C LEU A 752 23.42 -10.56 3.49
N GLN A 753 22.23 -10.17 3.04
CA GLN A 753 21.95 -8.74 3.07
C GLN A 753 21.70 -8.24 4.49
N CYS A 754 21.37 -9.14 5.42
CA CYS A 754 21.28 -8.69 6.80
C CYS A 754 22.66 -8.55 7.45
N PHE A 755 23.65 -9.33 7.03
CA PHE A 755 25.00 -9.08 7.50
C PHE A 755 25.57 -7.82 6.87
N LEU A 756 25.23 -7.59 5.59
CA LEU A 756 25.68 -6.41 4.89
C LEU A 756 25.14 -5.14 5.53
N ILE A 757 23.85 -5.13 5.88
CA ILE A 757 23.35 -3.98 6.63
C ILE A 757 23.65 -4.09 8.10
N SER A 758 24.25 -5.19 8.54
CA SER A 758 24.49 -5.36 9.95
C SER A 758 25.82 -4.82 10.41
N THR A 759 26.85 -4.91 9.58
CA THR A 759 28.17 -4.56 10.06
C THR A 759 28.42 -3.06 10.16
N LEU A 760 27.43 -2.21 9.93
CA LEU A 760 27.66 -0.77 9.84
C LEU A 760 27.11 0.01 11.02
N PHE A 761 26.61 -0.66 12.05
CA PHE A 761 25.92 0.03 13.14
C PHE A 761 26.61 -0.20 14.47
N SER A 762 26.48 0.79 15.35
CA SER A 762 27.27 0.87 16.57
C SER A 762 26.44 0.77 17.85
N ARG A 763 25.16 0.45 17.77
CA ARG A 763 24.32 0.48 18.94
C ARG A 763 23.16 -0.48 18.74
N ALA A 764 22.72 -1.09 19.84
CA ALA A 764 21.75 -2.18 19.84
C ALA A 764 20.41 -1.87 19.19
N ASN A 765 19.64 -0.94 19.75
CA ASN A 765 18.28 -0.77 19.28
C ASN A 765 18.15 0.19 18.11
N LEU A 766 19.14 1.07 17.93
CA LEU A 766 19.22 1.87 16.70
C LEU A 766 19.28 0.97 15.48
N ALA A 767 20.09 -0.07 15.54
CA ALA A 767 20.10 -1.08 14.50
C ALA A 767 18.81 -1.89 14.52
N ALA A 768 18.32 -2.25 15.71
CA ALA A 768 17.20 -3.17 15.83
C ALA A 768 15.87 -2.55 15.44
N ALA A 769 15.84 -1.25 15.13
CA ALA A 769 14.70 -0.69 14.42
C ALA A 769 15.07 -0.11 13.07
N CYS A 770 16.33 0.27 12.85
CA CYS A 770 16.69 0.86 11.57
C CYS A 770 16.87 -0.20 10.50
N GLY A 771 17.12 -1.44 10.88
CA GLY A 771 17.42 -2.49 9.91
C GLY A 771 16.23 -2.84 9.03
N GLY A 772 15.06 -2.99 9.64
CA GLY A 772 13.85 -3.24 8.86
C GLY A 772 13.47 -2.11 7.93
N ILE A 773 13.85 -0.88 8.27
CA ILE A 773 13.56 0.23 7.37
C ILE A 773 14.55 0.26 6.21
N ILE A 774 15.81 -0.11 6.44
CA ILE A 774 16.70 -0.36 5.30
C ILE A 774 16.36 -1.67 4.60
N TYR A 775 15.42 -2.43 5.13
CA TYR A 775 14.88 -3.58 4.43
C TYR A 775 13.67 -3.23 3.56
N PHE A 776 12.85 -2.25 3.97
CA PHE A 776 11.97 -1.55 3.04
C PHE A 776 12.74 -0.97 1.87
N THR A 777 13.69 -0.08 2.17
CA THR A 777 14.45 0.58 1.10
C THR A 777 15.38 -0.40 0.39
N LEU A 778 15.65 -1.55 1.00
CA LEU A 778 16.20 -2.66 0.23
C LEU A 778 15.16 -3.19 -0.75
N TYR A 779 13.88 -3.12 -0.39
CA TYR A 779 12.87 -3.74 -1.25
C TYR A 779 12.41 -2.85 -2.40
N LEU A 780 12.07 -1.60 -2.11
CA LEU A 780 11.25 -0.76 -3.00
C LEU A 780 11.59 -0.52 -4.48
N PRO A 781 12.82 -0.70 -4.98
CA PRO A 781 13.00 -0.63 -6.44
C PRO A 781 12.24 -1.67 -7.26
N TYR A 782 11.71 -2.73 -6.64
CA TYR A 782 10.85 -3.64 -7.37
C TYR A 782 9.50 -3.01 -7.69
N VAL A 783 8.86 -2.41 -6.68
CA VAL A 783 7.64 -1.63 -6.91
C VAL A 783 7.94 -0.44 -7.80
N LEU A 784 9.13 0.15 -7.65
CA LEU A 784 9.58 1.21 -8.55
C LEU A 784 10.01 0.70 -9.92
N CYS A 785 9.95 -0.61 -10.17
CA CYS A 785 10.34 -1.18 -11.44
C CYS A 785 9.20 -1.98 -12.07
N VAL A 786 8.02 -1.99 -11.44
CA VAL A 786 6.93 -2.81 -11.97
C VAL A 786 6.24 -2.12 -13.16
N ALA A 787 6.38 -0.81 -13.30
CA ALA A 787 5.61 -0.10 -14.30
C ALA A 787 6.49 0.46 -15.42
N TRP A 788 7.60 1.11 -15.05
CA TRP A 788 8.44 1.82 -16.03
C TRP A 788 8.89 0.86 -17.09
N GLN A 789 9.39 -0.30 -16.68
CA GLN A 789 9.56 -1.36 -17.68
C GLN A 789 10.87 -1.29 -18.47
N ASP A 790 11.66 -0.24 -18.28
CA ASP A 790 12.75 0.15 -19.18
C ASP A 790 13.98 -0.74 -19.04
N TYR A 791 13.94 -1.76 -18.19
CA TYR A 791 15.14 -2.48 -17.79
C TYR A 791 15.07 -3.91 -18.29
N VAL A 792 14.72 -4.09 -19.57
CA VAL A 792 14.34 -5.39 -20.11
C VAL A 792 15.54 -6.34 -20.21
N GLY A 793 16.67 -5.86 -20.69
CA GLY A 793 17.70 -6.78 -21.15
C GLY A 793 18.63 -7.23 -20.05
N PHE A 794 19.92 -6.90 -20.18
CA PHE A 794 20.86 -7.15 -19.09
C PHE A 794 20.79 -6.07 -18.01
N THR A 795 19.93 -5.08 -18.19
CA THR A 795 19.69 -4.10 -17.14
C THR A 795 18.99 -4.73 -15.95
N LEU A 796 18.27 -5.83 -16.19
CA LEU A 796 17.81 -6.69 -15.10
C LEU A 796 18.98 -7.23 -14.30
N LYS A 797 20.06 -7.63 -14.97
CA LYS A 797 21.24 -8.08 -14.25
C LYS A 797 21.95 -6.91 -13.58
N ILE A 798 21.91 -5.72 -14.17
CA ILE A 798 22.62 -4.57 -13.59
C ILE A 798 21.91 -4.09 -12.33
N PHE A 799 20.58 -4.02 -12.36
CA PHE A 799 19.81 -3.77 -11.15
C PHE A 799 19.46 -5.04 -10.39
N ALA A 800 20.12 -6.16 -10.69
CA ALA A 800 19.95 -7.37 -9.92
C ALA A 800 21.22 -7.84 -9.24
N SER A 801 22.39 -7.52 -9.81
CA SER A 801 23.64 -7.80 -9.12
C SER A 801 23.80 -6.92 -7.90
N LEU A 802 23.19 -5.73 -7.92
CA LEU A 802 23.21 -4.81 -6.80
C LEU A 802 22.12 -5.10 -5.79
N LEU A 803 21.04 -5.76 -6.18
CA LEU A 803 19.86 -5.80 -5.33
C LEU A 803 19.33 -7.21 -5.24
N SER A 804 19.10 -7.67 -4.03
CA SER A 804 18.50 -8.99 -3.83
C SER A 804 16.99 -9.11 -3.99
N PRO A 805 16.13 -8.28 -3.38
CA PRO A 805 14.68 -8.59 -3.43
C PRO A 805 14.05 -8.40 -4.79
N VAL A 806 14.66 -7.63 -5.69
CA VAL A 806 14.13 -7.58 -7.05
C VAL A 806 14.42 -8.91 -7.78
N ALA A 807 15.51 -9.58 -7.41
CA ALA A 807 15.80 -10.86 -8.04
C ALA A 807 14.86 -11.94 -7.55
N PHE A 808 14.25 -11.73 -6.37
CA PHE A 808 13.20 -12.62 -5.90
C PHE A 808 11.86 -12.26 -6.53
N GLY A 809 11.60 -10.97 -6.71
CA GLY A 809 10.35 -10.55 -7.33
C GLY A 809 10.24 -10.99 -8.78
N PHE A 810 11.36 -11.01 -9.49
CA PHE A 810 11.33 -11.38 -10.90
C PHE A 810 11.12 -12.87 -11.09
N GLY A 811 11.79 -13.68 -10.28
CA GLY A 811 11.51 -15.10 -10.28
C GLY A 811 10.10 -15.42 -9.81
N CYS A 812 9.53 -14.57 -8.96
CA CYS A 812 8.14 -14.84 -8.64
C CYS A 812 7.20 -14.37 -9.75
N GLU A 813 7.63 -13.43 -10.58
CA GLU A 813 6.88 -13.16 -11.80
C GLU A 813 6.91 -14.36 -12.74
N TYR A 814 8.03 -15.08 -12.75
CA TYR A 814 8.07 -16.36 -13.46
C TYR A 814 7.07 -17.35 -12.87
N PHE A 815 6.89 -17.35 -11.54
CA PHE A 815 5.85 -18.18 -10.94
C PHE A 815 4.46 -17.75 -11.39
N ALA A 816 4.22 -16.45 -11.45
CA ALA A 816 2.89 -15.96 -11.78
C ALA A 816 2.56 -16.19 -13.25
N LEU A 817 3.56 -16.22 -14.12
CA LEU A 817 3.28 -16.49 -15.53
C LEU A 817 3.10 -17.98 -15.77
N PHE A 818 3.95 -18.82 -15.19
CA PHE A 818 3.71 -20.26 -15.32
C PHE A 818 2.84 -20.78 -14.19
N GLU A 819 1.97 -19.92 -13.68
CA GLU A 819 1.11 -20.25 -12.56
C GLU A 819 -0.23 -20.86 -12.97
N GLU A 820 -0.91 -20.33 -14.00
CA GLU A 820 -2.25 -20.82 -14.27
C GLU A 820 -2.27 -22.01 -15.22
N GLN A 821 -1.17 -22.32 -15.89
CA GLN A 821 -1.14 -23.39 -16.88
C GLN A 821 0.00 -24.38 -16.57
N GLY A 822 -0.32 -25.36 -15.74
CA GLY A 822 0.63 -26.38 -15.36
C GLY A 822 -0.07 -27.67 -15.01
N PHE A 840 15.65 -13.84 -17.83
CA PHE A 840 14.20 -13.88 -17.98
C PHE A 840 13.61 -14.98 -17.11
N ASN A 841 14.17 -16.18 -17.25
CA ASN A 841 13.63 -17.36 -16.60
C ASN A 841 14.00 -17.39 -15.13
N LEU A 842 13.67 -18.49 -14.46
CA LEU A 842 13.98 -18.60 -13.03
C LEU A 842 15.47 -18.82 -12.82
N THR A 843 16.18 -19.35 -13.82
CA THR A 843 17.63 -19.50 -13.73
C THR A 843 18.31 -18.15 -13.60
N THR A 844 17.75 -17.11 -14.21
CA THR A 844 18.25 -15.76 -13.97
C THR A 844 18.02 -15.33 -12.53
N SER A 845 16.90 -15.77 -11.93
CA SER A 845 16.59 -15.37 -10.57
C SER A 845 17.52 -16.03 -9.57
N VAL A 846 17.74 -17.33 -9.72
CA VAL A 846 18.65 -18.02 -8.80
C VAL A 846 20.09 -17.61 -9.07
N SER A 847 20.40 -17.22 -10.31
CA SER A 847 21.77 -16.81 -10.63
C SER A 847 22.09 -15.45 -10.01
N MET A 848 21.20 -14.47 -10.19
CA MET A 848 21.42 -13.18 -9.55
C MET A 848 21.28 -13.26 -8.04
N MET A 849 20.50 -14.23 -7.53
CA MET A 849 20.44 -14.45 -6.10
C MET A 849 21.78 -14.94 -5.56
N LEU A 850 22.36 -15.96 -6.21
CA LEU A 850 23.61 -16.56 -5.71
C LEU A 850 24.78 -15.61 -5.87
N PHE A 851 24.90 -14.99 -7.05
CA PHE A 851 25.97 -14.02 -7.24
C PHE A 851 25.78 -12.78 -6.37
N ASP A 852 24.52 -12.41 -6.09
CA ASP A 852 24.26 -11.30 -5.18
C ASP A 852 24.67 -11.68 -3.76
N THR A 853 24.52 -12.95 -3.40
CA THR A 853 24.96 -13.38 -2.09
C THR A 853 26.48 -13.36 -1.97
N PHE A 854 27.18 -13.82 -3.01
CA PHE A 854 28.64 -13.84 -2.96
C PHE A 854 29.21 -12.43 -2.94
N LEU A 855 28.58 -11.51 -3.69
CA LEU A 855 28.98 -10.11 -3.63
C LEU A 855 28.67 -9.51 -2.28
N TYR A 856 27.58 -9.96 -1.65
CA TYR A 856 27.28 -9.49 -0.29
C TYR A 856 28.30 -9.99 0.72
N GLY A 857 28.87 -11.17 0.51
CA GLY A 857 29.89 -11.69 1.42
C GLY A 857 31.23 -11.02 1.25
N VAL A 858 31.56 -10.69 0.00
CA VAL A 858 32.72 -9.85 -0.26
C VAL A 858 32.53 -8.48 0.37
N MET A 859 31.29 -7.97 0.37
CA MET A 859 31.01 -6.75 1.11
C MET A 859 31.05 -6.97 2.62
N THR A 860 30.87 -8.21 3.08
CA THR A 860 30.94 -8.47 4.52
C THR A 860 32.37 -8.43 5.02
N TRP A 861 33.28 -9.17 4.36
CA TRP A 861 34.68 -9.14 4.80
C TRP A 861 35.33 -7.79 4.47
N TYR A 862 35.08 -7.30 3.26
CA TYR A 862 35.65 -6.03 2.85
C TYR A 862 35.01 -4.83 3.53
N ILE A 863 33.89 -5.02 4.23
CA ILE A 863 33.39 -3.99 5.14
C ILE A 863 33.81 -4.26 6.57
N GLU A 864 34.26 -5.48 6.87
CA GLU A 864 34.75 -5.79 8.21
C GLU A 864 36.14 -5.21 8.44
N ALA A 865 37.00 -5.27 7.43
CA ALA A 865 38.34 -4.70 7.58
C ALA A 865 38.41 -3.20 7.34
N VAL A 866 37.29 -2.50 7.29
CA VAL A 866 37.28 -1.07 6.99
C VAL A 866 36.59 -0.25 8.07
N PHE A 867 36.10 -0.88 9.13
CA PHE A 867 35.50 -0.16 10.26
C PHE A 867 35.51 -1.03 11.51
N ASN A 924 59.85 -18.04 32.57
CA ASN A 924 59.57 -19.24 31.81
C ASN A 924 58.57 -18.94 30.69
N LEU A 925 58.03 -17.72 30.67
CA LEU A 925 57.19 -17.24 29.58
C LEU A 925 57.72 -15.87 29.18
N VAL A 926 58.73 -15.86 28.31
CA VAL A 926 59.49 -14.65 28.03
C VAL A 926 58.92 -13.97 26.79
N LYS A 927 59.26 -12.68 26.64
CA LYS A 927 58.88 -11.90 25.48
C LYS A 927 60.06 -11.02 25.11
N VAL A 928 60.70 -11.31 23.97
CA VAL A 928 61.93 -10.63 23.60
C VAL A 928 61.69 -9.67 22.45
N TYR A 929 61.38 -8.41 22.78
CA TYR A 929 61.20 -7.35 21.80
C TYR A 929 61.34 -6.01 22.51
N ARG A 930 62.34 -5.24 22.10
CA ARG A 930 62.67 -3.99 22.80
C ARG A 930 61.78 -2.82 22.39
N ALA A 941 62.61 -5.56 25.80
CA ALA A 941 62.55 -7.02 25.94
C ALA A 941 62.57 -7.38 27.42
N LEU A 942 61.98 -8.53 27.74
CA LEU A 942 61.87 -8.95 29.14
C LEU A 942 61.72 -10.46 29.18
N ASN A 943 61.52 -10.95 30.41
CA ASN A 943 61.25 -12.37 30.64
C ASN A 943 60.26 -12.44 31.80
N PHE A 944 58.98 -12.56 31.47
CA PHE A 944 57.96 -12.80 32.49
C PHE A 944 58.18 -14.20 33.03
N TYR A 945 58.74 -14.28 34.23
CA TYR A 945 59.24 -15.55 34.78
C TYR A 945 58.08 -16.36 35.32
N GLU A 946 58.38 -17.37 36.14
CA GLU A 946 57.36 -18.24 36.72
C GLU A 946 56.40 -17.46 37.62
N GLY A 947 56.88 -16.43 38.30
CA GLY A 947 56.00 -15.36 38.70
C GLY A 947 55.19 -15.61 39.94
N GLN A 948 53.95 -16.05 39.69
CA GLN A 948 52.78 -16.30 40.52
C GLN A 948 52.02 -15.03 40.88
N ILE A 949 52.59 -13.83 40.70
CA ILE A 949 51.82 -12.64 40.37
C ILE A 949 52.75 -11.67 39.65
N THR A 950 52.61 -11.51 38.36
CA THR A 950 53.41 -10.52 37.66
C THR A 950 52.66 -9.20 37.60
N SER A 951 53.37 -8.17 37.16
CA SER A 951 52.76 -6.86 37.02
C SER A 951 53.58 -6.04 36.04
N PHE A 952 52.89 -5.27 35.21
CA PHE A 952 53.52 -4.28 34.36
C PHE A 952 52.76 -2.98 34.55
N LEU A 953 53.42 -1.99 35.15
CA LEU A 953 52.77 -0.72 35.49
C LEU A 953 53.55 0.39 34.79
N GLY A 954 53.22 0.61 33.52
CA GLY A 954 53.83 1.69 32.76
C GLY A 954 52.83 2.47 31.96
N HIS A 955 52.70 3.77 32.26
CA HIS A 955 51.83 4.65 31.51
C HIS A 955 52.58 5.79 30.83
N ASN A 956 53.87 5.98 31.14
CA ASN A 956 54.69 6.93 30.39
C ASN A 956 54.92 6.44 28.97
N GLY A 957 54.96 5.13 28.76
CA GLY A 957 54.87 4.55 27.44
C GLY A 957 53.43 4.12 27.19
N ALA A 958 52.87 4.62 26.09
CA ALA A 958 51.46 4.42 25.78
C ALA A 958 51.22 3.18 24.94
N GLY A 959 52.11 2.20 25.00
CA GLY A 959 51.94 0.96 24.27
C GLY A 959 52.02 -0.27 25.17
N LYS A 960 51.82 -0.08 26.47
CA LYS A 960 51.77 -1.23 27.38
C LYS A 960 50.51 -2.04 27.14
N THR A 961 49.38 -1.36 26.91
CA THR A 961 48.18 -2.01 26.43
C THR A 961 48.42 -2.62 25.06
N THR A 962 49.24 -1.96 24.24
CA THR A 962 49.67 -2.56 22.99
C THR A 962 50.73 -3.64 23.22
N THR A 963 51.39 -3.65 24.38
CA THR A 963 52.36 -4.71 24.64
C THR A 963 51.66 -6.02 24.99
N MET A 964 50.65 -5.95 25.85
CA MET A 964 49.91 -7.17 26.18
C MET A 964 48.95 -7.54 25.05
N SER A 965 48.22 -6.55 24.53
CA SER A 965 47.32 -6.78 23.40
C SER A 965 48.05 -7.19 22.15
N ILE A 966 49.33 -6.82 22.03
CA ILE A 966 50.16 -7.39 20.98
C ILE A 966 50.74 -8.73 21.39
N LEU A 967 50.84 -8.99 22.69
CA LEU A 967 51.40 -10.26 23.14
C LEU A 967 50.43 -11.41 22.92
N THR A 968 49.13 -11.12 22.89
CA THR A 968 48.16 -12.19 22.70
C THR A 968 47.21 -11.99 21.53
N GLY A 969 47.18 -10.80 20.93
CA GLY A 969 46.19 -10.48 19.93
C GLY A 969 46.47 -11.07 18.56
N LEU A 970 46.07 -10.33 17.52
CA LEU A 970 46.22 -10.78 16.15
C LEU A 970 47.48 -10.23 15.49
N PHE A 971 48.55 -10.03 16.26
CA PHE A 971 49.80 -9.50 15.71
C PHE A 971 50.98 -10.28 16.25
N PRO A 972 51.64 -11.12 15.44
CA PRO A 972 52.87 -11.78 15.89
C PRO A 972 54.03 -10.80 15.91
N PRO A 973 54.15 -9.95 14.89
CA PRO A 973 55.07 -8.83 14.95
C PRO A 973 54.36 -7.59 15.46
N THR A 974 55.16 -6.63 15.93
CA THR A 974 54.62 -5.46 16.61
C THR A 974 53.99 -4.48 15.63
N SER A 975 53.29 -3.50 16.19
CA SER A 975 52.59 -2.46 15.42
C SER A 975 53.34 -1.14 15.63
N GLY A 976 54.33 -0.89 14.78
CA GLY A 976 55.14 0.29 14.93
C GLY A 976 56.14 0.23 16.06
N THR A 977 56.34 -0.95 16.64
CA THR A 977 57.28 -1.15 17.74
C THR A 977 58.24 -2.26 17.34
N ALA A 978 59.00 -2.78 18.31
CA ALA A 978 59.99 -3.82 18.03
C ALA A 978 59.28 -5.10 17.59
N TYR A 979 59.32 -5.37 16.28
CA TYR A 979 58.63 -6.52 15.71
C TYR A 979 59.50 -7.75 15.90
N ILE A 980 59.34 -8.43 17.03
CA ILE A 980 60.09 -9.65 17.32
C ILE A 980 59.18 -10.55 18.15
N LEU A 981 59.58 -11.81 18.28
CA LEU A 981 58.74 -12.81 18.93
C LEU A 981 59.12 -13.00 20.39
N GLY A 982 58.26 -13.71 21.11
CA GLY A 982 58.52 -14.06 22.49
C GLY A 982 57.94 -15.42 22.84
N LYS A 983 58.80 -16.33 23.31
CA LYS A 983 58.47 -17.73 23.59
C LYS A 983 57.89 -18.46 22.37
N ASP A 984 58.29 -18.02 21.17
CA ASP A 984 57.89 -18.57 19.87
C ASP A 984 56.37 -18.60 19.70
N ILE A 985 55.77 -17.40 19.71
CA ILE A 985 54.32 -17.30 19.66
C ILE A 985 53.80 -17.68 18.27
N ARG A 986 54.55 -17.32 17.23
CA ARG A 986 54.14 -17.67 15.87
C ARG A 986 54.31 -19.16 15.61
N SER A 987 55.26 -19.80 16.30
CA SER A 987 55.48 -21.24 16.16
C SER A 987 54.43 -22.06 16.89
N GLU A 988 53.60 -21.43 17.72
CA GLU A 988 52.55 -22.12 18.43
C GLU A 988 51.28 -21.28 18.39
N MET A 989 50.97 -20.75 17.20
CA MET A 989 49.89 -19.79 17.02
C MET A 989 48.51 -20.35 17.35
N SER A 990 48.36 -21.67 17.39
CA SER A 990 47.17 -22.28 17.94
C SER A 990 47.45 -23.07 19.20
N THR A 991 48.72 -23.39 19.48
CA THR A 991 49.07 -24.22 20.64
C THR A 991 49.24 -23.37 21.90
N ILE A 992 50.15 -22.39 21.86
CA ILE A 992 50.32 -21.49 22.99
C ILE A 992 49.09 -20.59 23.11
N ARG A 993 48.47 -20.22 21.99
CA ARG A 993 47.16 -19.59 22.04
C ARG A 993 46.10 -20.54 22.56
N GLN A 994 46.28 -21.84 22.40
CA GLN A 994 45.45 -22.84 23.05
C GLN A 994 45.97 -23.23 24.42
N ASN A 995 46.88 -22.45 24.98
CA ASN A 995 47.43 -22.73 26.30
C ASN A 995 47.11 -21.66 27.33
N LEU A 996 47.18 -20.39 26.95
CA LEU A 996 47.16 -19.29 27.91
C LEU A 996 45.94 -18.41 27.65
N GLY A 997 44.98 -18.44 28.57
CA GLY A 997 43.81 -17.61 28.43
C GLY A 997 44.05 -16.18 28.83
N VAL A 998 43.04 -15.34 28.64
CA VAL A 998 43.12 -13.92 28.92
C VAL A 998 41.82 -13.48 29.57
N CYS A 999 41.76 -12.19 29.93
CA CYS A 999 40.56 -11.59 30.50
C CYS A 999 40.59 -10.12 30.14
N PRO A 1000 39.82 -9.69 29.15
CA PRO A 1000 39.88 -8.30 28.73
C PRO A 1000 39.17 -7.39 29.73
N GLN A 1001 39.37 -6.09 29.53
CA GLN A 1001 38.67 -5.09 30.34
C GLN A 1001 37.18 -5.13 30.08
N HIS A 1002 36.78 -5.28 28.81
CA HIS A 1002 35.37 -5.46 28.46
C HIS A 1002 34.90 -6.81 28.98
N ASN A 1003 34.03 -6.78 30.00
CA ASN A 1003 33.70 -7.97 30.75
C ASN A 1003 32.87 -8.93 29.89
N VAL A 1004 33.45 -10.08 29.57
CA VAL A 1004 32.79 -11.07 28.72
C VAL A 1004 31.75 -11.80 29.54
N LEU A 1005 30.52 -11.35 29.45
CA LEU A 1005 29.49 -11.89 30.32
C LEU A 1005 28.62 -12.95 29.66
N PHE A 1006 28.46 -12.87 28.34
CA PHE A 1006 27.50 -13.65 27.55
C PHE A 1006 26.09 -13.50 28.15
N ASP A 1007 25.61 -12.25 27.99
CA ASP A 1007 24.84 -11.52 29.00
C ASP A 1007 23.71 -12.32 29.65
N MET A 1008 23.06 -13.21 28.93
CA MET A 1008 21.97 -13.98 29.51
C MET A 1008 22.07 -15.46 29.15
N LEU A 1009 23.25 -16.06 29.27
CA LEU A 1009 23.31 -17.47 28.93
C LEU A 1009 22.89 -18.35 30.10
N THR A 1010 23.76 -18.50 31.10
CA THR A 1010 23.60 -19.10 32.43
C THR A 1010 24.96 -19.02 33.11
N VAL A 1011 24.95 -19.13 34.43
CA VAL A 1011 26.19 -19.02 35.21
C VAL A 1011 27.08 -20.24 34.97
N GLU A 1012 26.55 -21.42 35.27
CA GLU A 1012 27.27 -22.66 35.02
C GLU A 1012 27.47 -22.91 33.54
N GLU A 1013 26.67 -22.30 32.68
CA GLU A 1013 26.90 -22.36 31.25
C GLU A 1013 27.82 -21.27 30.75
N HIS A 1014 28.00 -20.17 31.50
CA HIS A 1014 29.11 -19.30 31.18
C HIS A 1014 30.42 -20.01 31.50
N ILE A 1015 30.47 -20.68 32.65
CA ILE A 1015 31.64 -21.48 33.01
C ILE A 1015 31.85 -22.60 32.03
N TRP A 1016 30.76 -23.28 31.65
CA TRP A 1016 30.86 -24.38 30.70
C TRP A 1016 31.21 -23.89 29.31
N PHE A 1017 30.73 -22.70 28.94
CA PHE A 1017 30.95 -22.23 27.57
C PHE A 1017 32.36 -21.70 27.41
N TYR A 1018 32.86 -20.97 28.40
CA TYR A 1018 34.25 -20.54 28.34
C TYR A 1018 35.19 -21.73 28.51
N ALA A 1019 34.78 -22.73 29.30
CA ALA A 1019 35.64 -23.87 29.57
C ALA A 1019 35.75 -24.76 28.34
N ARG A 1020 34.61 -25.24 27.85
CA ARG A 1020 34.59 -26.08 26.67
C ARG A 1020 35.08 -25.32 25.45
N LEU A 1021 34.79 -24.02 25.40
CA LEU A 1021 35.30 -23.18 24.33
C LEU A 1021 36.81 -23.06 24.38
N LYS A 1022 37.40 -23.23 25.56
CA LYS A 1022 38.85 -23.36 25.63
C LYS A 1022 39.29 -24.76 25.21
N GLY A 1023 38.57 -25.78 25.65
CA GLY A 1023 38.88 -27.14 25.32
C GLY A 1023 38.97 -28.01 26.56
N LEU A 1024 39.26 -29.29 26.31
CA LEU A 1024 39.29 -30.36 27.32
C LEU A 1024 37.95 -30.42 28.08
N SER A 1025 36.91 -30.75 27.33
CA SER A 1025 35.54 -30.42 27.71
C SER A 1025 34.77 -31.57 28.36
N GLU A 1026 34.65 -32.70 27.66
CA GLU A 1026 33.67 -33.71 28.06
C GLU A 1026 34.08 -34.47 29.31
N LYS A 1027 35.37 -34.52 29.62
CA LYS A 1027 35.86 -35.24 30.78
C LYS A 1027 36.45 -34.30 31.83
N HIS A 1028 37.44 -33.49 31.45
CA HIS A 1028 38.16 -32.70 32.42
C HIS A 1028 37.35 -31.51 32.91
N VAL A 1029 36.60 -30.85 32.02
CA VAL A 1029 35.88 -29.65 32.40
C VAL A 1029 34.68 -29.96 33.28
N LYS A 1030 34.17 -31.20 33.20
CA LYS A 1030 33.14 -31.64 34.13
C LYS A 1030 33.67 -31.63 35.56
N ALA A 1031 34.89 -32.12 35.75
CA ALA A 1031 35.51 -32.09 37.07
C ALA A 1031 35.93 -30.68 37.45
N GLU A 1032 36.36 -29.88 36.47
CA GLU A 1032 36.79 -28.52 36.74
C GLU A 1032 35.64 -27.57 37.00
N MET A 1033 34.41 -27.98 36.70
CA MET A 1033 33.25 -27.16 37.06
C MET A 1033 33.09 -27.08 38.57
N GLU A 1034 33.44 -28.16 39.29
CA GLU A 1034 33.32 -28.16 40.74
C GLU A 1034 34.42 -27.36 41.39
N GLN A 1035 35.65 -27.47 40.88
CA GLN A 1035 36.74 -26.64 41.41
C GLN A 1035 36.54 -25.17 41.06
N MET A 1036 35.94 -24.89 39.90
CA MET A 1036 35.53 -23.53 39.58
C MET A 1036 34.43 -23.07 40.51
N ALA A 1037 33.57 -24.00 40.93
CA ALA A 1037 32.56 -23.67 41.92
C ALA A 1037 33.16 -23.46 43.30
N LEU A 1038 34.37 -23.97 43.54
CA LEU A 1038 35.07 -23.68 44.77
C LEU A 1038 35.80 -22.34 44.75
N ASP A 1039 35.52 -21.49 43.76
CA ASP A 1039 36.12 -20.16 43.65
C ASP A 1039 35.10 -19.03 43.81
N VAL A 1040 33.86 -19.22 43.37
CA VAL A 1040 32.86 -18.17 43.48
C VAL A 1040 32.25 -18.19 44.86
N GLY A 1041 31.60 -19.29 45.21
CA GLY A 1041 31.08 -19.46 46.56
C GLY A 1041 29.59 -19.35 46.73
N LEU A 1042 28.83 -19.76 45.72
CA LEU A 1042 27.37 -19.79 45.80
C LEU A 1042 26.86 -20.82 44.80
N PRO A 1043 27.10 -22.13 45.05
CA PRO A 1043 26.85 -23.15 44.03
C PRO A 1043 25.39 -23.34 43.66
N SER A 1044 24.54 -23.58 44.66
CA SER A 1044 23.11 -23.69 44.40
C SER A 1044 22.49 -22.33 44.09
N SER A 1045 23.10 -21.23 44.55
CA SER A 1045 22.65 -19.91 44.14
C SER A 1045 23.12 -19.56 42.73
N LYS A 1046 24.19 -20.19 42.25
CA LYS A 1046 24.48 -20.12 40.83
C LYS A 1046 23.46 -20.93 40.04
N LEU A 1047 22.97 -22.02 40.62
CA LEU A 1047 21.97 -22.84 39.97
C LEU A 1047 20.62 -22.15 39.97
N LYS A 1048 20.24 -21.57 41.12
CA LYS A 1048 18.98 -20.85 41.20
C LYS A 1048 19.04 -19.54 40.41
N SER A 1049 20.06 -18.72 40.66
CA SER A 1049 20.29 -17.50 39.91
C SER A 1049 21.44 -17.76 38.94
N LYS A 1050 21.09 -17.99 37.67
CA LYS A 1050 22.08 -18.33 36.67
C LYS A 1050 22.32 -17.23 35.67
N THR A 1051 21.35 -16.33 35.47
CA THR A 1051 21.50 -15.26 34.50
C THR A 1051 22.59 -14.28 34.95
N SER A 1052 23.52 -13.99 34.04
CA SER A 1052 24.68 -13.19 34.40
C SER A 1052 24.31 -11.74 34.71
N GLN A 1053 23.22 -11.24 34.15
CA GLN A 1053 22.71 -9.95 34.59
C GLN A 1053 22.00 -10.04 35.94
N LEU A 1054 21.48 -11.23 36.29
CA LEU A 1054 20.78 -11.36 37.57
C LEU A 1054 21.75 -11.35 38.73
N SER A 1055 22.96 -11.86 38.54
CA SER A 1055 23.99 -11.67 39.54
C SER A 1055 24.52 -10.24 39.48
N GLY A 1056 25.34 -9.88 40.45
CA GLY A 1056 25.88 -8.53 40.49
C GLY A 1056 27.03 -8.43 41.47
N GLY A 1057 27.77 -7.34 41.34
CA GLY A 1057 28.88 -7.08 42.25
C GLY A 1057 30.09 -7.94 41.95
N MET A 1058 29.97 -9.24 42.17
CA MET A 1058 31.06 -10.17 41.97
C MET A 1058 31.12 -10.67 40.54
N GLN A 1059 30.61 -9.87 39.61
CA GLN A 1059 30.68 -10.21 38.19
C GLN A 1059 32.12 -10.33 37.72
N ARG A 1060 32.99 -9.44 38.21
CA ARG A 1060 34.40 -9.52 37.85
C ARG A 1060 35.06 -10.75 38.46
N LYS A 1061 34.54 -11.26 39.57
CA LYS A 1061 35.03 -12.53 40.09
C LYS A 1061 34.68 -13.67 39.16
N LEU A 1062 33.53 -13.58 38.48
CA LEU A 1062 33.22 -14.54 37.43
C LEU A 1062 34.02 -14.26 36.17
N SER A 1063 34.52 -13.03 36.01
CA SER A 1063 35.37 -12.73 34.87
C SER A 1063 36.74 -13.39 35.03
N VAL A 1064 37.42 -13.07 36.13
CA VAL A 1064 38.73 -13.68 36.36
C VAL A 1064 38.57 -15.16 36.66
N ALA A 1065 37.42 -15.55 37.20
CA ALA A 1065 37.14 -16.96 37.41
C ALA A 1065 37.02 -17.69 36.08
N LEU A 1066 36.36 -17.04 35.11
CA LEU A 1066 36.25 -17.62 33.78
C LEU A 1066 37.59 -17.68 33.09
N ALA A 1067 38.45 -16.70 33.35
CA ALA A 1067 39.76 -16.69 32.72
C ALA A 1067 40.64 -17.78 33.31
N PHE A 1068 40.67 -17.88 34.64
CA PHE A 1068 41.51 -18.89 35.29
C PHE A 1068 40.91 -20.29 35.22
N VAL A 1069 39.75 -20.46 34.58
CA VAL A 1069 39.21 -21.78 34.38
C VAL A 1069 40.06 -22.53 33.36
N GLY A 1070 40.09 -23.85 33.49
CA GLY A 1070 40.93 -24.66 32.64
C GLY A 1070 42.37 -24.58 33.06
N GLY A 1071 43.23 -25.14 32.21
CA GLY A 1071 44.64 -25.15 32.54
C GLY A 1071 45.30 -23.85 32.11
N SER A 1072 45.48 -22.95 33.08
CA SER A 1072 45.95 -21.60 32.80
C SER A 1072 47.46 -21.60 32.70
N LYS A 1073 47.97 -21.55 31.47
CA LYS A 1073 49.41 -21.50 31.29
C LYS A 1073 49.94 -20.13 31.68
N VAL A 1074 49.53 -19.10 30.95
CA VAL A 1074 49.91 -17.72 31.25
C VAL A 1074 48.63 -16.90 31.24
N VAL A 1075 48.00 -16.78 32.40
CA VAL A 1075 46.75 -16.03 32.49
C VAL A 1075 47.10 -14.55 32.47
N ILE A 1076 47.06 -13.94 31.29
CA ILE A 1076 47.45 -12.54 31.21
C ILE A 1076 46.23 -11.67 31.42
N LEU A 1077 45.85 -11.45 32.67
CA LEU A 1077 44.74 -10.58 32.98
C LEU A 1077 45.20 -9.12 32.92
N ASP A 1078 44.23 -8.21 33.05
CA ASP A 1078 44.53 -6.79 33.05
C ASP A 1078 43.37 -6.04 33.69
N GLU A 1079 43.70 -5.20 34.68
CA GLU A 1079 42.77 -4.35 35.44
C GLU A 1079 41.69 -5.19 36.09
N PRO A 1080 42.04 -6.03 37.07
CA PRO A 1080 41.04 -6.89 37.68
C PRO A 1080 40.27 -6.24 38.81
N THR A 1081 40.51 -4.98 39.12
CA THR A 1081 39.98 -4.39 40.35
C THR A 1081 39.33 -3.03 40.07
N ALA A 1082 38.48 -2.98 39.05
CA ALA A 1082 37.70 -1.78 38.78
C ALA A 1082 36.31 -1.82 39.41
N GLY A 1083 36.15 -2.56 40.50
CA GLY A 1083 34.85 -2.77 41.08
C GLY A 1083 34.67 -2.28 42.50
N VAL A 1084 33.89 -3.01 43.29
CA VAL A 1084 33.51 -2.57 44.63
C VAL A 1084 34.67 -2.81 45.59
N ASP A 1085 34.92 -1.81 46.44
CA ASP A 1085 36.09 -1.68 47.31
C ASP A 1085 36.25 -2.87 48.24
N PRO A 1086 35.21 -3.29 48.95
CA PRO A 1086 35.33 -4.45 49.83
C PRO A 1086 35.36 -5.78 49.09
N TYR A 1087 35.31 -5.76 47.77
CA TYR A 1087 35.48 -6.96 46.97
C TYR A 1087 36.51 -6.76 45.85
N SER A 1088 37.22 -5.63 45.84
CA SER A 1088 38.12 -5.37 44.71
C SER A 1088 39.41 -6.18 44.82
N ARG A 1089 40.24 -5.85 45.82
CA ARG A 1089 41.37 -6.71 46.09
C ARG A 1089 40.95 -7.94 46.88
N ARG A 1090 39.80 -7.87 47.57
CA ARG A 1090 39.26 -9.03 48.26
C ARG A 1090 38.89 -10.12 47.27
N GLY A 1091 38.02 -9.79 46.32
CA GLY A 1091 37.66 -10.72 45.28
C GLY A 1091 38.82 -11.07 44.37
N ILE A 1092 39.31 -10.07 43.62
CA ILE A 1092 40.28 -10.38 42.56
C ILE A 1092 41.64 -10.76 43.16
N TRP A 1093 42.02 -10.15 44.28
CA TRP A 1093 43.26 -10.57 44.89
C TRP A 1093 43.09 -11.82 45.75
N GLU A 1094 41.86 -12.18 46.10
CA GLU A 1094 41.66 -13.49 46.72
C GLU A 1094 41.82 -14.59 45.69
N LEU A 1095 41.20 -14.42 44.52
CA LEU A 1095 41.31 -15.43 43.47
C LEU A 1095 42.72 -15.50 42.92
N LEU A 1096 43.34 -14.35 42.68
CA LEU A 1096 44.72 -14.34 42.24
C LEU A 1096 45.65 -14.79 43.34
N LEU A 1097 45.25 -14.62 44.60
CA LEU A 1097 46.05 -15.10 45.71
C LEU A 1097 46.04 -16.63 45.77
N LYS A 1098 44.86 -17.23 45.79
CA LYS A 1098 44.75 -18.67 45.98
C LYS A 1098 45.12 -19.46 44.73
N TYR A 1099 44.87 -18.90 43.55
CA TYR A 1099 45.19 -19.57 42.30
C TYR A 1099 46.62 -19.27 41.84
N ARG A 1100 47.47 -18.77 42.73
CA ARG A 1100 48.80 -18.34 42.33
C ARG A 1100 49.78 -19.50 42.16
N GLN A 1101 49.54 -20.64 42.79
CA GLN A 1101 50.56 -21.69 42.83
C GLN A 1101 50.66 -22.48 41.54
N GLY A 1102 49.75 -22.28 40.58
CA GLY A 1102 49.83 -22.99 39.33
C GLY A 1102 50.97 -22.55 38.42
N ARG A 1103 50.88 -21.35 37.86
CA ARG A 1103 51.83 -20.91 36.84
C ARG A 1103 51.83 -19.39 36.82
N THR A 1104 52.48 -18.82 35.81
CA THR A 1104 52.64 -17.37 35.73
C THR A 1104 51.33 -16.72 35.33
N ILE A 1105 51.04 -15.57 35.94
CA ILE A 1105 49.80 -14.82 35.68
C ILE A 1105 50.18 -13.35 35.62
N ILE A 1106 50.34 -12.83 34.40
CA ILE A 1106 50.59 -11.40 34.27
C ILE A 1106 49.32 -10.62 34.61
N LEU A 1107 49.51 -9.35 35.01
CA LEU A 1107 48.39 -8.50 35.40
C LEU A 1107 48.81 -7.04 35.23
N SER A 1108 48.37 -6.42 34.14
CA SER A 1108 48.48 -4.98 34.06
C SER A 1108 47.38 -4.35 34.91
N THR A 1109 47.56 -3.07 35.23
CA THR A 1109 46.61 -2.40 36.10
C THR A 1109 46.71 -0.89 35.90
N HIS A 1110 45.81 -0.18 36.58
CA HIS A 1110 45.86 1.28 36.68
C HIS A 1110 46.13 1.72 38.11
N HIS A 1111 45.31 1.29 39.06
CA HIS A 1111 45.56 1.58 40.47
C HIS A 1111 46.77 0.79 40.94
N MET A 1112 47.70 1.46 41.60
CA MET A 1112 48.99 0.85 41.89
C MET A 1112 49.04 0.14 43.23
N ASP A 1113 48.08 0.42 44.12
CA ASP A 1113 48.12 -0.16 45.45
C ASP A 1113 47.87 -1.66 45.43
N GLU A 1114 47.00 -2.11 44.52
CA GLU A 1114 46.80 -3.54 44.35
C GLU A 1114 48.04 -4.20 43.77
N ALA A 1115 48.79 -3.49 42.93
CA ALA A 1115 50.05 -4.03 42.45
C ALA A 1115 51.08 -4.09 43.55
N ASP A 1116 51.00 -3.19 44.54
CA ASP A 1116 51.82 -3.35 45.73
C ASP A 1116 51.36 -4.55 46.57
N VAL A 1117 50.06 -4.83 46.56
CA VAL A 1117 49.60 -6.07 47.19
C VAL A 1117 50.03 -7.27 46.37
N LEU A 1118 50.15 -7.10 45.05
CA LEU A 1118 50.65 -8.16 44.19
C LEU A 1118 52.12 -8.42 44.51
N GLY A 1119 52.53 -9.68 44.32
CA GLY A 1119 53.68 -10.15 45.06
C GLY A 1119 54.78 -10.95 44.39
N ASP A 1120 55.12 -10.71 43.13
CA ASP A 1120 56.40 -11.19 42.63
C ASP A 1120 57.31 -10.09 42.14
N ARG A 1121 56.84 -9.23 41.23
CA ARG A 1121 57.68 -8.20 40.65
C ARG A 1121 56.78 -7.12 40.07
N ILE A 1122 57.40 -6.13 39.47
CA ILE A 1122 56.70 -5.04 38.79
C ILE A 1122 57.56 -4.61 37.61
N ALA A 1123 57.04 -3.66 36.85
CA ALA A 1123 57.78 -3.08 35.74
C ALA A 1123 57.24 -1.69 35.47
N ILE A 1124 58.10 -0.85 34.90
CA ILE A 1124 57.71 0.51 34.56
C ILE A 1124 58.31 0.87 33.22
N ILE A 1125 57.50 0.83 32.17
CA ILE A 1125 57.98 1.13 30.82
C ILE A 1125 58.21 2.62 30.69
N SER A 1126 59.40 3.00 30.22
CA SER A 1126 59.75 4.43 30.15
C SER A 1126 59.13 5.07 28.91
N HIS A 1127 59.54 4.61 27.74
CA HIS A 1127 58.94 5.02 26.47
C HIS A 1127 58.89 3.82 25.53
N GLY A 1128 58.56 2.67 26.07
CA GLY A 1128 58.69 1.40 25.38
C GLY A 1128 59.82 0.54 25.90
N LYS A 1129 60.32 0.82 27.10
CA LYS A 1129 61.41 0.06 27.70
C LYS A 1129 61.31 0.20 29.21
N LEU A 1130 61.51 -0.92 29.91
CA LEU A 1130 61.27 -0.99 31.35
C LEU A 1130 62.33 -0.20 32.11
N CYS A 1131 61.90 0.85 32.80
CA CYS A 1131 62.81 1.66 33.60
C CYS A 1131 63.14 1.03 34.94
N CYS A 1132 62.48 -0.06 35.30
CA CYS A 1132 62.80 -0.80 36.53
C CYS A 1132 62.36 -2.24 36.34
N VAL A 1133 62.85 -3.09 37.24
CA VAL A 1133 62.42 -4.47 37.30
C VAL A 1133 62.71 -4.97 38.71
N GLY A 1134 61.96 -5.96 39.15
CA GLY A 1134 62.09 -6.49 40.49
C GLY A 1134 60.88 -6.17 41.35
N SER A 1135 60.88 -6.77 42.54
CA SER A 1135 59.76 -6.65 43.46
C SER A 1135 59.71 -5.26 44.07
N SER A 1136 58.60 -4.99 44.78
CA SER A 1136 58.38 -3.68 45.36
C SER A 1136 59.32 -3.39 46.52
N LEU A 1137 59.87 -4.42 47.15
CA LEU A 1137 60.88 -4.19 48.17
C LEU A 1137 62.17 -3.66 47.54
N PHE A 1138 62.49 -4.13 46.33
CA PHE A 1138 63.72 -3.74 45.68
C PHE A 1138 63.65 -2.30 45.18
N LEU A 1139 62.50 -1.89 44.66
CA LEU A 1139 62.31 -0.49 44.33
C LEU A 1139 62.10 0.36 45.56
N LYS A 1140 61.64 -0.25 46.65
CA LYS A 1140 61.47 0.48 47.91
C LYS A 1140 62.82 0.88 48.49
N ASN A 1141 63.66 -0.11 48.80
CA ASN A 1141 64.99 0.20 49.32
C ASN A 1141 65.91 0.76 48.24
N GLN A 1142 65.58 0.58 46.97
CA GLN A 1142 66.34 1.22 45.91
C GLN A 1142 66.01 2.70 45.82
N LEU A 1143 64.74 3.05 45.97
CA LEU A 1143 64.32 4.44 45.95
C LEU A 1143 63.78 4.86 47.31
N LEU A 1149 52.08 3.29 47.62
CA LEU A 1149 52.37 4.38 48.53
C LEU A 1149 53.57 5.17 48.03
N THR A 1150 54.72 4.92 48.65
CA THR A 1150 55.97 5.48 48.16
C THR A 1150 56.33 4.91 46.79
N LEU A 1151 55.87 3.69 46.50
CA LEU A 1151 56.03 3.16 45.14
C LEU A 1151 55.07 3.83 44.18
N VAL A 1152 53.89 4.22 44.64
CA VAL A 1152 52.95 4.96 43.79
C VAL A 1152 53.50 6.33 43.46
N LYS A 1153 54.11 6.99 44.45
CA LYS A 1153 54.82 8.23 44.18
C LYS A 1153 56.05 7.97 43.31
N LYS A 1154 56.67 6.80 43.46
CA LYS A 1154 57.81 6.40 42.63
C LYS A 1154 57.40 5.88 41.27
N ASP A 1155 56.12 5.92 40.93
CA ASP A 1155 55.68 5.66 39.57
C ASP A 1155 55.80 6.88 38.66
N VAL A 1156 56.36 7.98 39.16
CA VAL A 1156 56.61 9.18 38.38
C VAL A 1156 58.07 9.56 38.40
N GLU A 1157 58.70 9.53 39.58
CA GLU A 1157 60.12 9.86 39.71
C GLU A 1157 61.04 8.81 39.13
N SER A 1158 60.53 7.61 38.85
CA SER A 1158 61.26 6.62 38.06
C SER A 1158 60.63 6.39 36.71
N SER A 1159 59.54 7.09 36.40
CA SER A 1159 58.94 7.02 35.06
C SER A 1159 59.76 7.77 34.03
N LEU A 1160 60.69 8.63 34.45
CA LEU A 1160 61.59 9.33 33.55
C LEU A 1160 62.87 8.50 33.38
N SER A 1161 63.90 9.10 32.79
CA SER A 1161 65.15 8.42 32.46
C SER A 1161 66.24 8.69 33.49
N SER A 1162 65.90 8.75 34.77
CA SER A 1162 66.87 9.08 35.80
C SER A 1162 67.82 7.92 36.06
N CYS A 1163 67.29 6.79 36.53
CA CYS A 1163 68.12 5.64 36.88
C CYS A 1163 67.27 4.36 36.82
N ARG A 1164 67.93 3.26 36.50
CA ARG A 1164 67.27 1.96 36.37
C ARG A 1164 67.98 0.93 37.22
N ASN A 1165 67.20 0.09 37.90
CA ASN A 1165 67.75 -1.00 38.70
C ASN A 1165 66.89 -2.23 38.49
N SER A 1166 67.50 -3.40 38.71
CA SER A 1166 66.82 -4.67 38.46
C SER A 1166 67.54 -5.77 39.22
N SER A 1167 66.76 -6.68 39.80
CA SER A 1167 67.29 -7.90 40.41
C SER A 1167 66.47 -9.08 39.86
N SER A 1168 66.88 -9.58 38.70
CA SER A 1168 66.13 -10.62 38.00
C SER A 1168 66.60 -12.00 38.50
N THR A 1169 66.26 -12.28 39.75
CA THR A 1169 66.67 -13.52 40.38
C THR A 1169 65.91 -14.70 39.79
N VAL A 1170 66.40 -15.89 40.09
CA VAL A 1170 65.87 -17.13 39.51
C VAL A 1170 64.50 -17.40 40.12
N SER A 1171 63.45 -17.24 39.32
CA SER A 1171 62.12 -17.71 39.69
C SER A 1171 61.95 -19.13 39.14
N TYR A 1172 62.65 -20.06 39.78
CA TYR A 1172 62.67 -21.45 39.36
C TYR A 1172 63.00 -22.36 40.54
N ASP A 1185 51.88 3.44 68.45
CA ASP A 1185 52.41 2.10 68.64
C ASP A 1185 53.88 2.15 69.05
N ALA A 1186 54.11 2.30 70.36
CA ALA A 1186 55.47 2.29 70.87
C ALA A 1186 56.09 0.90 70.85
N GLY A 1187 55.25 -0.14 70.77
CA GLY A 1187 55.74 -1.48 70.52
C GLY A 1187 56.42 -1.63 69.17
N LEU A 1188 56.04 -0.78 68.20
CA LEU A 1188 56.81 -0.65 66.96
C LEU A 1188 58.07 0.17 67.15
N GLY A 1189 58.24 0.83 68.29
CA GLY A 1189 59.47 1.50 68.62
C GLY A 1189 60.44 0.55 69.28
N SER A 1190 59.93 -0.30 70.17
CA SER A 1190 60.73 -1.41 70.67
C SER A 1190 61.00 -2.43 69.58
N ASP A 1191 60.10 -2.53 68.61
CA ASP A 1191 60.35 -3.34 67.42
C ASP A 1191 61.28 -2.65 66.46
N HIS A 1192 61.32 -1.32 66.49
CA HIS A 1192 62.30 -0.59 65.70
C HIS A 1192 63.70 -0.81 66.26
N GLU A 1193 63.83 -0.76 67.59
CA GLU A 1193 65.10 -1.09 68.23
C GLU A 1193 65.42 -2.57 68.09
N SER A 1194 64.39 -3.42 67.99
CA SER A 1194 64.62 -4.81 67.66
C SER A 1194 65.15 -4.96 66.25
N ASP A 1195 64.70 -4.10 65.33
CA ASP A 1195 65.27 -4.06 63.99
C ASP A 1195 66.68 -3.48 64.01
N THR A 1196 67.01 -2.65 64.99
CA THR A 1196 68.37 -2.17 65.13
C THR A 1196 69.29 -3.28 65.61
N LEU A 1197 68.86 -4.04 66.60
CA LEU A 1197 69.62 -5.18 67.08
C LEU A 1197 69.32 -6.47 66.34
N THR A 1198 68.69 -6.39 65.16
CA THR A 1198 68.28 -7.58 64.42
C THR A 1198 68.97 -7.74 63.07
N ILE A 1199 69.45 -6.65 62.46
CA ILE A 1199 69.97 -6.73 61.11
C ILE A 1199 71.36 -7.35 61.02
N ASP A 1200 72.08 -7.45 62.13
CA ASP A 1200 73.45 -7.94 62.13
C ASP A 1200 73.53 -9.46 62.16
N VAL A 1201 72.86 -10.10 63.14
CA VAL A 1201 72.88 -11.55 63.21
C VAL A 1201 72.09 -12.18 62.07
N SER A 1202 70.84 -11.75 61.89
CA SER A 1202 70.03 -12.13 60.75
C SER A 1202 70.13 -11.04 59.71
N ALA A 1203 70.66 -11.39 58.54
CA ALA A 1203 70.79 -10.42 57.45
C ALA A 1203 69.41 -10.05 56.95
N ILE A 1204 68.95 -8.85 57.30
CA ILE A 1204 67.58 -8.44 57.00
C ILE A 1204 67.56 -6.95 56.71
N SER A 1205 66.62 -6.55 55.86
CA SER A 1205 66.34 -5.15 55.56
C SER A 1205 65.00 -4.82 56.19
N ASN A 1206 65.02 -3.99 57.24
CA ASN A 1206 63.82 -3.67 57.99
C ASN A 1206 62.89 -2.80 57.16
N LEU A 1207 61.60 -3.15 57.14
CA LEU A 1207 60.62 -2.41 56.36
C LEU A 1207 59.26 -2.61 57.02
N ILE A 1208 58.82 -1.61 57.77
CA ILE A 1208 57.49 -1.59 58.38
C ILE A 1208 56.64 -0.60 57.62
N ARG A 1209 55.64 -1.09 56.88
CA ARG A 1209 54.74 -0.22 56.13
C ARG A 1209 53.48 -0.03 56.96
N LYS A 1210 53.64 0.64 58.09
CA LYS A 1210 52.59 1.26 58.89
C LYS A 1210 51.55 0.32 59.52
N HIS A 1211 51.51 -0.94 59.10
CA HIS A 1211 50.58 -1.89 59.69
C HIS A 1211 51.22 -3.27 59.84
N VAL A 1212 52.26 -3.52 59.04
CA VAL A 1212 52.78 -4.87 58.85
C VAL A 1212 54.29 -4.82 58.69
N SER A 1213 55.01 -5.48 59.58
CA SER A 1213 56.46 -5.49 59.52
C SER A 1213 56.92 -6.39 58.38
N GLU A 1214 56.98 -5.84 57.16
CA GLU A 1214 57.40 -6.62 56.00
C GLU A 1214 58.90 -6.85 56.07
N ALA A 1215 59.29 -7.92 56.76
CA ALA A 1215 60.70 -8.20 57.06
C ALA A 1215 61.39 -8.74 55.81
N ARG A 1216 61.96 -7.84 55.04
CA ARG A 1216 62.83 -8.25 53.93
C ARG A 1216 64.13 -8.81 54.49
N LEU A 1217 64.82 -9.58 53.67
CA LEU A 1217 66.07 -10.21 54.09
C LEU A 1217 66.99 -10.39 52.90
N VAL A 1218 68.28 -10.21 53.14
CA VAL A 1218 69.31 -10.47 52.14
C VAL A 1218 69.70 -11.94 52.31
N GLU A 1219 68.90 -12.82 51.71
CA GLU A 1219 69.10 -14.25 51.78
C GLU A 1219 68.92 -14.86 50.40
N ASP A 1220 69.84 -15.75 50.03
CA ASP A 1220 69.72 -16.47 48.78
C ASP A 1220 68.90 -17.75 48.91
N ILE A 1221 68.79 -18.30 50.12
CA ILE A 1221 68.04 -19.53 50.34
C ILE A 1221 67.65 -19.61 51.81
N GLY A 1222 66.38 -19.96 52.04
CA GLY A 1222 65.97 -20.51 53.32
C GLY A 1222 65.89 -19.51 54.46
N HIS A 1223 66.24 -20.00 55.66
CA HIS A 1223 66.26 -19.25 56.92
C HIS A 1223 64.88 -18.71 57.31
N GLU A 1224 63.81 -19.40 56.91
CA GLU A 1224 62.48 -19.05 57.38
C GLU A 1224 62.22 -19.53 58.80
N LEU A 1225 63.04 -20.45 59.31
CA LEU A 1225 62.95 -20.88 60.70
C LEU A 1225 64.10 -20.38 61.55
N THR A 1226 65.19 -19.93 60.95
CA THR A 1226 66.25 -19.27 61.69
C THR A 1226 65.96 -17.81 61.96
N TYR A 1227 64.91 -17.25 61.35
CA TYR A 1227 64.53 -15.86 61.52
C TYR A 1227 63.26 -15.68 62.35
N VAL A 1228 62.72 -16.76 62.91
CA VAL A 1228 61.47 -16.67 63.65
C VAL A 1228 61.63 -16.05 65.02
N LEU A 1229 62.87 -15.90 65.51
CA LEU A 1229 63.13 -15.34 66.83
C LEU A 1229 62.79 -13.85 66.85
N PRO A 1230 63.09 -13.13 65.76
CA PRO A 1230 62.62 -11.75 65.65
C PRO A 1230 61.11 -11.64 65.56
N TYR A 1231 60.44 -12.67 65.05
CA TYR A 1231 59.00 -12.77 65.19
C TYR A 1231 58.60 -13.27 66.56
N GLU A 1232 59.47 -14.01 67.25
CA GLU A 1232 59.16 -14.51 68.58
C GLU A 1232 59.24 -13.42 69.65
N ALA A 1233 59.95 -12.32 69.37
CA ALA A 1233 59.99 -11.21 70.32
C ALA A 1233 58.64 -10.53 70.44
N ALA A 1234 57.82 -10.57 69.39
CA ALA A 1234 56.47 -10.02 69.37
C ALA A 1234 55.51 -11.04 68.78
N LYS A 1235 55.58 -12.28 69.27
CA LYS A 1235 54.73 -13.36 68.78
C LYS A 1235 53.35 -13.30 69.45
N GLU A 1236 52.62 -12.25 69.10
CA GLU A 1236 51.22 -12.09 69.45
C GLU A 1236 50.50 -11.77 68.15
N GLY A 1237 50.13 -12.82 67.42
CA GLY A 1237 49.58 -12.63 66.09
C GLY A 1237 50.58 -12.15 65.08
N ALA A 1238 51.83 -12.58 65.18
CA ALA A 1238 52.87 -12.20 64.22
C ALA A 1238 52.85 -13.14 63.03
N PHE A 1239 51.73 -13.11 62.31
CA PHE A 1239 51.47 -14.08 61.25
C PHE A 1239 52.36 -13.81 60.05
N VAL A 1240 52.80 -14.89 59.41
CA VAL A 1240 53.59 -14.77 58.17
C VAL A 1240 52.57 -14.73 57.04
N GLU A 1241 52.00 -13.56 56.82
CA GLU A 1241 51.13 -13.32 55.67
C GLU A 1241 51.99 -12.75 54.54
N LEU A 1242 52.80 -13.64 53.97
CA LEU A 1242 53.88 -13.22 53.09
C LEU A 1242 54.09 -14.31 52.03
N PHE A 1243 55.21 -14.21 51.32
CA PHE A 1243 55.53 -15.11 50.22
C PHE A 1243 57.04 -15.23 50.14
N HIS A 1244 57.53 -15.73 49.01
CA HIS A 1244 58.96 -15.77 48.76
C HIS A 1244 59.49 -14.37 48.46
N ASP A 1252 65.94 -15.68 49.30
CA ASP A 1252 64.92 -16.08 48.36
C ASP A 1252 63.53 -15.93 48.96
N LEU A 1253 63.42 -15.11 50.00
CA LEU A 1253 62.17 -14.99 50.74
C LEU A 1253 61.98 -13.54 51.18
N GLY A 1254 60.77 -13.25 51.64
CA GLY A 1254 60.47 -12.00 52.32
C GLY A 1254 59.31 -12.15 53.28
N ILE A 1255 59.51 -11.81 54.56
CA ILE A 1255 58.53 -12.04 55.62
C ILE A 1255 57.57 -10.87 55.74
N SER A 1256 56.47 -11.08 56.48
CA SER A 1256 55.55 -10.00 56.83
C SER A 1256 54.94 -10.31 58.18
N SER A 1257 54.19 -9.34 58.72
CA SER A 1257 53.66 -9.43 60.07
C SER A 1257 52.23 -8.90 60.11
N TYR A 1258 51.62 -8.95 61.29
CA TYR A 1258 50.29 -8.40 61.50
C TYR A 1258 50.26 -7.51 62.73
N GLY A 1259 51.14 -7.79 63.70
CA GLY A 1259 51.28 -6.96 64.88
C GLY A 1259 50.14 -7.07 65.87
N TRP A 1343 16.01 38.89 38.37
CA TRP A 1343 17.27 39.57 38.10
C TRP A 1343 17.51 39.71 36.60
N LYS A 1344 18.42 40.60 36.24
CA LYS A 1344 18.94 40.61 34.88
C LYS A 1344 19.84 39.41 34.62
N LEU A 1345 20.42 38.83 35.67
CA LEU A 1345 21.23 37.63 35.51
C LEU A 1345 20.38 36.42 35.13
N THR A 1346 19.09 36.45 35.46
CA THR A 1346 18.17 35.40 35.03
C THR A 1346 18.07 35.36 33.52
N GLN A 1347 17.81 36.51 32.90
CA GLN A 1347 17.76 36.59 31.45
C GLN A 1347 19.13 36.40 30.83
N GLN A 1348 20.21 36.74 31.55
CA GLN A 1348 21.54 36.43 31.08
C GLN A 1348 21.76 34.92 31.00
N GLN A 1349 21.22 34.18 31.97
CA GLN A 1349 21.29 32.73 31.91
C GLN A 1349 20.38 32.20 30.81
N PHE A 1350 19.26 32.88 30.56
CA PHE A 1350 18.34 32.48 29.51
C PHE A 1350 19.02 32.53 28.14
N VAL A 1351 19.63 33.67 27.81
CA VAL A 1351 20.37 33.75 26.57
C VAL A 1351 21.66 32.96 26.62
N ALA A 1352 22.12 32.57 27.81
CA ALA A 1352 23.25 31.66 27.88
C ALA A 1352 22.86 30.26 27.43
N LEU A 1353 21.68 29.79 27.86
CA LEU A 1353 21.18 28.50 27.40
C LEU A 1353 20.88 28.52 25.92
N LEU A 1354 20.28 29.61 25.44
CA LEU A 1354 20.06 29.75 24.01
C LEU A 1354 21.37 29.83 23.24
N TRP A 1355 22.41 30.39 23.88
CA TRP A 1355 23.74 30.38 23.28
C TRP A 1355 24.28 28.98 23.13
N LYS A 1356 24.09 28.14 24.16
CA LYS A 1356 24.52 26.75 24.12
C LYS A 1356 23.82 26.00 23.01
N ARG A 1357 22.53 26.27 22.84
CA ARG A 1357 21.81 25.63 21.76
C ARG A 1357 22.26 26.13 20.40
N LEU A 1358 22.58 27.43 20.31
CA LEU A 1358 23.18 27.96 19.08
C LEU A 1358 24.51 27.28 18.77
N LEU A 1359 25.26 26.92 19.81
CA LEU A 1359 26.52 26.22 19.61
C LEU A 1359 26.29 24.82 19.06
N ILE A 1360 25.40 24.06 19.70
CA ILE A 1360 25.19 22.68 19.26
C ILE A 1360 24.46 22.62 17.92
N ALA A 1361 23.73 23.68 17.56
CA ALA A 1361 23.16 23.77 16.24
C ALA A 1361 24.24 24.06 15.20
N ARG A 1362 24.97 25.15 15.40
CA ARG A 1362 25.94 25.62 14.42
C ARG A 1362 27.13 24.68 14.26
N ARG A 1363 27.42 23.85 15.26
CA ARG A 1363 28.56 22.96 15.18
C ARG A 1363 28.18 21.55 14.74
N SER A 1364 26.91 21.30 14.46
CA SER A 1364 26.49 19.98 14.00
C SER A 1364 26.33 19.95 12.48
N ARG A 1365 27.42 20.18 11.76
CA ARG A 1365 27.39 20.10 10.29
C ARG A 1365 27.22 18.66 9.84
N LYS A 1366 28.18 17.81 10.17
CA LYS A 1366 27.99 16.37 10.03
C LYS A 1366 26.89 15.88 10.97
N GLY A 1367 26.67 16.61 12.06
CA GLY A 1367 25.49 16.44 12.89
C GLY A 1367 24.18 16.69 12.15
N PHE A 1368 23.07 16.52 12.86
CA PHE A 1368 21.80 16.15 12.24
C PHE A 1368 21.17 17.33 11.51
N PHE A 1369 21.69 17.59 10.31
CA PHE A 1369 20.92 18.26 9.28
C PHE A 1369 20.02 17.31 8.53
N ALA A 1370 20.03 16.01 8.87
CA ALA A 1370 19.07 15.08 8.30
C ALA A 1370 17.66 15.37 8.77
N GLN A 1371 17.49 16.09 9.88
CA GLN A 1371 16.19 16.53 10.34
C GLN A 1371 15.74 17.81 9.65
N ILE A 1372 16.53 18.33 8.71
CA ILE A 1372 16.10 19.38 7.81
C ILE A 1372 16.00 18.87 6.37
N VAL A 1373 16.92 18.01 5.97
CA VAL A 1373 16.90 17.43 4.62
C VAL A 1373 15.76 16.46 4.47
N LEU A 1374 15.49 15.65 5.50
CA LEU A 1374 14.46 14.61 5.39
C LEU A 1374 13.05 15.15 5.18
N PRO A 1375 12.51 16.14 5.99
CA PRO A 1375 11.11 16.56 5.77
C PRO A 1375 10.89 17.26 4.44
N ALA A 1376 11.84 18.11 4.07
CA ALA A 1376 11.75 18.84 2.80
C ALA A 1376 11.77 17.90 1.61
N VAL A 1377 12.63 16.88 1.65
CA VAL A 1377 12.68 15.96 0.53
C VAL A 1377 11.45 15.06 0.49
N PHE A 1378 10.87 14.69 1.64
CA PHE A 1378 9.68 13.85 1.51
C PHE A 1378 8.43 14.65 1.16
N VAL A 1379 8.41 15.94 1.48
CA VAL A 1379 7.46 16.86 0.83
C VAL A 1379 7.67 16.87 -0.68
N CYS A 1380 8.93 16.83 -1.12
CA CYS A 1380 9.18 16.80 -2.56
C CYS A 1380 8.74 15.48 -3.20
N ILE A 1381 8.86 14.35 -2.51
CA ILE A 1381 8.43 13.10 -3.15
C ILE A 1381 6.90 13.02 -3.13
N ALA A 1382 6.26 13.70 -2.17
CA ALA A 1382 4.80 13.79 -2.20
C ALA A 1382 4.32 14.65 -3.36
N LEU A 1383 4.89 15.83 -3.50
CA LEU A 1383 4.41 16.77 -4.50
C LEU A 1383 4.76 16.32 -5.91
N VAL A 1384 5.96 15.76 -6.09
CA VAL A 1384 6.33 15.21 -7.39
C VAL A 1384 5.55 13.94 -7.67
N PHE A 1385 5.09 13.23 -6.63
CA PHE A 1385 4.09 12.20 -6.87
C PHE A 1385 2.76 12.82 -7.29
N SER A 1386 2.46 14.04 -6.84
CA SER A 1386 1.18 14.65 -7.13
C SER A 1386 1.13 15.31 -8.51
N LEU A 1387 2.27 15.60 -9.13
CA LEU A 1387 2.22 16.16 -10.48
C LEU A 1387 1.79 15.17 -11.55
N ILE A 1388 1.76 13.87 -11.25
CA ILE A 1388 1.64 12.84 -12.27
C ILE A 1388 0.21 12.33 -12.40
N VAL A 1389 -0.52 12.27 -11.29
CA VAL A 1389 -1.84 11.62 -11.13
C VAL A 1389 -2.88 12.14 -12.12
N PRO A 1390 -3.88 11.34 -12.50
CA PRO A 1390 -4.88 11.81 -13.47
C PRO A 1390 -5.79 12.86 -12.85
N PRO A 1391 -6.06 13.96 -13.56
CA PRO A 1391 -6.71 15.11 -12.93
C PRO A 1391 -8.18 14.91 -12.58
N PHE A 1392 -8.85 13.92 -13.21
CA PHE A 1392 -10.27 13.56 -13.06
C PHE A 1392 -11.25 14.60 -13.59
N GLY A 1393 -10.77 15.75 -14.05
CA GLY A 1393 -11.68 16.80 -14.47
C GLY A 1393 -11.61 16.93 -15.96
N LYS A 1394 -10.83 16.06 -16.58
CA LYS A 1394 -10.61 16.08 -18.01
C LYS A 1394 -11.26 14.87 -18.68
N TYR A 1395 -12.47 14.56 -18.23
CA TYR A 1395 -13.44 13.89 -19.07
C TYR A 1395 -13.56 14.57 -20.45
N PRO A 1396 -13.48 15.89 -20.60
CA PRO A 1396 -13.31 16.42 -21.96
C PRO A 1396 -11.99 16.02 -22.58
N SER A 1397 -12.00 16.04 -23.89
CA SER A 1397 -10.88 15.84 -24.78
C SER A 1397 -11.44 16.12 -26.15
N LEU A 1398 -10.58 16.05 -27.15
CA LEU A 1398 -11.01 16.20 -28.53
C LEU A 1398 -10.30 15.07 -29.25
N GLU A 1399 -10.96 13.93 -29.34
CA GLU A 1399 -10.38 12.80 -30.03
C GLU A 1399 -10.75 12.87 -31.50
N LEU A 1400 -9.92 12.25 -32.32
CA LEU A 1400 -10.47 11.82 -33.58
C LEU A 1400 -10.95 10.41 -33.37
N GLN A 1401 -11.63 9.86 -34.36
CA GLN A 1401 -11.97 8.43 -34.37
C GLN A 1401 -11.47 7.82 -35.67
N PRO A 1402 -10.15 7.56 -35.79
CA PRO A 1402 -9.71 6.50 -36.70
C PRO A 1402 -9.63 5.23 -35.90
N TRP A 1403 -8.96 4.21 -36.44
CA TRP A 1403 -8.53 3.08 -35.63
C TRP A 1403 -7.76 3.52 -34.38
N MET A 1404 -6.98 4.61 -34.50
CA MET A 1404 -6.27 5.42 -33.49
C MET A 1404 -5.41 4.62 -32.53
N TYR A 1405 -5.19 3.36 -32.80
CA TYR A 1405 -4.40 2.55 -31.91
C TYR A 1405 -3.11 2.21 -32.62
N ASN A 1406 -2.17 1.65 -31.89
CA ASN A 1406 -0.79 1.69 -32.34
C ASN A 1406 -0.48 0.63 -33.40
N GLU A 1407 -0.54 -0.64 -33.05
CA GLU A 1407 -0.23 -1.71 -33.99
C GLU A 1407 -1.23 -2.83 -33.80
N GLN A 1408 -1.76 -3.32 -34.91
CA GLN A 1408 -2.93 -4.18 -34.94
C GLN A 1408 -3.02 -4.66 -36.37
N TYR A 1409 -3.98 -5.56 -36.62
CA TYR A 1409 -4.47 -5.71 -37.98
C TYR A 1409 -5.87 -6.28 -38.05
N THR A 1410 -6.71 -5.64 -38.86
CA THR A 1410 -8.13 -5.90 -39.03
C THR A 1410 -8.32 -7.02 -40.05
N PHE A 1411 -9.55 -7.22 -40.52
CA PHE A 1411 -9.82 -8.26 -41.50
C PHE A 1411 -11.11 -8.01 -42.26
N VAL A 1412 -11.12 -8.47 -43.50
CA VAL A 1412 -12.18 -8.19 -44.44
C VAL A 1412 -12.70 -9.49 -45.00
N SER A 1413 -13.90 -9.87 -44.63
CA SER A 1413 -14.53 -11.07 -45.15
C SER A 1413 -15.48 -10.68 -46.28
N ASN A 1414 -15.04 -10.90 -47.52
CA ASN A 1414 -15.91 -10.64 -48.65
C ASN A 1414 -16.93 -11.76 -48.76
N ASP A 1415 -17.89 -11.82 -47.86
CA ASP A 1415 -18.75 -12.98 -47.87
C ASP A 1415 -19.84 -12.80 -48.93
N ALA A 1416 -20.44 -13.93 -49.32
CA ALA A 1416 -21.36 -14.10 -50.44
C ALA A 1416 -20.75 -13.53 -51.71
N PRO A 1417 -19.76 -14.17 -52.28
CA PRO A 1417 -18.99 -13.55 -53.37
C PRO A 1417 -19.70 -13.65 -54.72
N GLU A 1418 -20.84 -12.98 -54.82
CA GLU A 1418 -21.60 -12.94 -56.07
C GLU A 1418 -21.70 -11.53 -56.62
N ASP A 1419 -20.63 -10.74 -56.40
CA ASP A 1419 -20.23 -9.53 -57.15
C ASP A 1419 -21.38 -8.57 -57.49
N THR A 1420 -22.26 -8.34 -56.53
CA THR A 1420 -23.39 -7.44 -56.77
C THR A 1420 -22.96 -5.98 -56.59
N GLY A 1421 -22.71 -5.59 -55.35
CA GLY A 1421 -22.28 -4.25 -55.03
C GLY A 1421 -21.26 -4.36 -53.92
N THR A 1422 -21.11 -5.57 -53.41
CA THR A 1422 -20.11 -5.81 -52.38
C THR A 1422 -18.72 -5.73 -52.97
N LEU A 1423 -18.54 -6.31 -54.17
CA LEU A 1423 -17.33 -6.12 -54.97
C LEU A 1423 -17.02 -4.65 -55.18
N GLU A 1424 -18.05 -3.85 -55.43
CA GLU A 1424 -17.86 -2.41 -55.53
C GLU A 1424 -17.44 -1.83 -54.19
N LEU A 1425 -17.83 -2.44 -53.08
CA LEU A 1425 -17.46 -1.87 -51.78
C LEU A 1425 -16.01 -2.18 -51.43
N LEU A 1426 -15.67 -3.47 -51.34
CA LEU A 1426 -14.30 -3.90 -51.08
C LEU A 1426 -13.32 -3.38 -52.11
N ASN A 1427 -13.79 -3.23 -53.35
CA ASN A 1427 -13.00 -2.62 -54.43
C ASN A 1427 -12.53 -1.22 -54.06
N ALA A 1428 -13.31 -0.50 -53.24
CA ALA A 1428 -12.92 0.82 -52.79
C ALA A 1428 -12.53 0.86 -51.32
N LEU A 1429 -12.54 -0.27 -50.62
CA LEU A 1429 -12.05 -0.23 -49.25
C LEU A 1429 -10.56 -0.56 -49.17
N THR A 1430 -9.99 -1.18 -50.20
CA THR A 1430 -8.59 -1.59 -50.20
C THR A 1430 -7.82 -1.00 -51.37
N LYS A 1431 -8.26 0.13 -51.89
CA LYS A 1431 -7.55 0.86 -52.93
C LYS A 1431 -7.07 2.18 -52.31
N ASP A 1432 -6.29 2.96 -53.08
CA ASP A 1432 -5.44 4.12 -52.76
C ASP A 1432 -5.87 5.05 -51.63
N PRO A 1433 -7.16 5.40 -51.45
CA PRO A 1433 -7.51 6.10 -50.21
C PRO A 1433 -7.40 5.22 -49.00
N GLY A 1434 -7.44 3.92 -49.15
CA GLY A 1434 -7.04 3.08 -48.07
C GLY A 1434 -8.13 2.92 -47.04
N PHE A 1435 -7.70 2.34 -45.94
CA PHE A 1435 -8.59 1.79 -44.93
C PHE A 1435 -9.25 2.87 -44.09
N GLY A 1436 -8.86 4.12 -44.26
CA GLY A 1436 -9.20 5.11 -43.27
C GLY A 1436 -9.53 6.48 -43.78
N THR A 1437 -8.91 7.50 -43.19
CA THR A 1437 -9.47 8.83 -43.14
C THR A 1437 -8.65 9.92 -43.80
N ARG A 1438 -7.38 9.67 -44.15
CA ARG A 1438 -6.56 10.71 -44.79
C ARG A 1438 -7.08 11.07 -46.15
N CYS A 1439 -6.70 12.25 -46.62
CA CYS A 1439 -7.23 12.77 -47.87
C CYS A 1439 -6.21 13.75 -48.43
N MET A 1440 -5.38 13.25 -49.35
CA MET A 1440 -4.27 13.95 -50.06
C MET A 1440 -3.38 14.79 -49.13
N GLU A 1441 -3.33 14.42 -47.86
CA GLU A 1441 -2.68 15.14 -46.77
C GLU A 1441 -2.82 14.27 -45.52
N GLY A 1442 -1.85 14.30 -44.62
CA GLY A 1442 -1.98 13.49 -43.43
C GLY A 1442 -2.80 14.24 -42.40
N ASN A 1443 -4.09 13.95 -42.38
CA ASN A 1443 -4.96 14.80 -41.56
C ASN A 1443 -4.99 14.41 -40.08
N PRO A 1444 -5.13 13.13 -39.67
CA PRO A 1444 -4.96 12.83 -38.25
C PRO A 1444 -3.52 13.02 -37.84
N ILE A 1445 -3.31 13.56 -36.64
CA ILE A 1445 -1.99 14.09 -36.34
C ILE A 1445 -0.89 13.08 -35.98
N PRO A 1446 -1.10 11.94 -35.30
CA PRO A 1446 0.00 10.96 -35.22
C PRO A 1446 -0.07 9.85 -36.24
N ASP A 1447 -1.00 9.92 -37.20
CA ASP A 1447 -1.17 8.84 -38.18
C ASP A 1447 0.04 8.75 -39.09
N THR A 1448 0.41 9.88 -39.71
CA THR A 1448 1.66 10.07 -40.46
C THR A 1448 1.82 9.04 -41.56
N PRO A 1449 1.12 9.20 -42.70
CA PRO A 1449 0.63 8.07 -43.54
C PRO A 1449 1.51 6.85 -43.77
N CYS A 1450 2.76 7.08 -44.20
CA CYS A 1450 3.83 6.07 -44.29
C CYS A 1450 3.41 4.81 -45.05
N GLN A 1451 2.99 5.00 -46.30
CA GLN A 1451 2.50 3.88 -47.10
C GLN A 1451 3.68 3.01 -47.50
N ALA A 1452 4.07 2.11 -46.61
CA ALA A 1452 5.09 1.10 -46.88
C ALA A 1452 4.45 -0.27 -46.71
N GLY A 1453 4.44 -1.05 -47.79
CA GLY A 1453 3.77 -2.33 -47.78
C GLY A 1453 3.24 -2.66 -49.16
N GLU A 1454 3.39 -3.91 -49.58
CA GLU A 1454 3.15 -4.24 -50.96
C GLU A 1454 1.65 -4.32 -51.27
N GLU A 1455 1.35 -4.28 -52.56
CA GLU A 1455 -0.02 -4.29 -53.06
C GLU A 1455 -0.48 -5.67 -53.48
N GLU A 1456 0.27 -6.71 -53.12
CA GLU A 1456 -0.02 -8.05 -53.61
C GLU A 1456 -0.09 -9.01 -52.45
N TRP A 1457 -1.05 -9.93 -52.52
CA TRP A 1457 -1.40 -10.76 -51.39
C TRP A 1457 -0.31 -11.79 -51.15
N THR A 1458 0.24 -11.78 -49.94
CA THR A 1458 1.38 -12.62 -49.59
C THR A 1458 1.08 -13.30 -48.26
N THR A 1459 0.99 -14.64 -48.28
CA THR A 1459 0.66 -15.37 -47.07
C THR A 1459 1.87 -15.53 -46.17
N ALA A 1460 1.77 -16.42 -45.20
CA ALA A 1460 2.87 -16.73 -44.32
C ALA A 1460 3.37 -18.15 -44.58
N PRO A 1461 4.64 -18.44 -44.28
CA PRO A 1461 5.10 -19.83 -44.39
C PRO A 1461 4.58 -20.68 -43.24
N VAL A 1462 4.30 -21.94 -43.56
CA VAL A 1462 3.59 -22.81 -42.63
C VAL A 1462 4.50 -23.99 -42.29
N PRO A 1463 4.57 -24.43 -41.03
CA PRO A 1463 5.24 -25.70 -40.73
C PRO A 1463 4.44 -26.88 -41.27
N GLN A 1464 5.07 -28.06 -41.23
CA GLN A 1464 4.47 -29.24 -41.87
C GLN A 1464 3.31 -29.77 -41.02
N THR A 1465 2.20 -29.03 -41.08
CA THR A 1465 0.87 -29.46 -40.70
C THR A 1465 -0.14 -29.10 -41.77
N ILE A 1466 0.31 -28.93 -43.02
CA ILE A 1466 -0.63 -28.76 -44.12
C ILE A 1466 -1.05 -30.11 -44.67
N MET A 1467 -0.30 -31.16 -44.38
CA MET A 1467 -0.88 -32.49 -44.50
C MET A 1467 -1.85 -32.74 -43.36
N ASP A 1468 -1.62 -32.11 -42.21
CA ASP A 1468 -2.64 -32.11 -41.17
C ASP A 1468 -3.84 -31.28 -41.59
N LEU A 1469 -3.63 -30.28 -42.43
CA LEU A 1469 -4.74 -29.56 -43.00
C LEU A 1469 -5.41 -30.35 -44.12
N PHE A 1470 -4.65 -31.17 -44.83
CA PHE A 1470 -5.26 -32.01 -45.87
C PHE A 1470 -6.12 -33.10 -45.25
N GLN A 1471 -5.65 -33.65 -44.15
CA GLN A 1471 -6.44 -34.57 -43.36
C GLN A 1471 -7.30 -33.85 -42.33
N ASN A 1472 -7.32 -32.52 -42.37
CA ASN A 1472 -8.45 -31.74 -41.91
C ASN A 1472 -9.44 -31.52 -43.02
N GLY A 1473 -9.00 -31.56 -44.28
CA GLY A 1473 -9.92 -31.68 -45.38
C GLY A 1473 -10.62 -33.01 -45.35
N ASN A 1474 -9.98 -34.01 -44.76
CA ASN A 1474 -10.72 -35.13 -44.22
C ASN A 1474 -11.35 -34.70 -42.89
N TRP A 1475 -12.68 -34.83 -42.80
CA TRP A 1475 -13.50 -34.70 -41.60
C TRP A 1475 -13.62 -33.32 -40.99
N THR A 1476 -13.03 -32.26 -41.57
CA THR A 1476 -13.34 -30.90 -41.12
C THR A 1476 -13.78 -30.08 -42.32
N MET A 1477 -15.02 -29.65 -42.30
CA MET A 1477 -15.66 -28.73 -43.23
C MET A 1477 -16.01 -27.48 -42.45
N GLN A 1478 -16.84 -26.62 -43.00
CA GLN A 1478 -17.21 -25.42 -42.27
C GLN A 1478 -18.12 -25.67 -41.08
N ASN A 1479 -18.44 -26.90 -40.70
CA ASN A 1479 -19.30 -26.99 -39.55
C ASN A 1479 -18.48 -26.83 -38.25
N PRO A 1480 -17.43 -27.65 -37.89
CA PRO A 1480 -16.27 -27.03 -37.22
C PRO A 1480 -15.00 -27.08 -38.04
N SER A 1481 -14.12 -26.09 -37.90
CA SER A 1481 -12.86 -26.26 -38.62
C SER A 1481 -11.57 -25.91 -37.90
N PRO A 1482 -11.44 -26.09 -36.60
CA PRO A 1482 -10.15 -26.51 -36.04
C PRO A 1482 -10.21 -27.85 -35.35
N ALA A 1483 -9.14 -28.16 -34.61
CA ALA A 1483 -9.28 -29.08 -33.49
C ALA A 1483 -9.93 -28.36 -32.31
N CYS A 1484 -9.98 -29.03 -31.17
CA CYS A 1484 -10.65 -28.48 -29.99
C CYS A 1484 -9.75 -27.44 -29.31
N GLN A 1485 -10.11 -27.07 -28.08
CA GLN A 1485 -9.24 -26.27 -27.24
C GLN A 1485 -9.23 -26.82 -25.82
N CYS A 1486 -8.14 -26.58 -25.11
CA CYS A 1486 -7.85 -27.28 -23.85
C CYS A 1486 -8.74 -26.77 -22.72
N SER A 1487 -10.02 -27.14 -22.82
CA SER A 1487 -11.13 -26.43 -22.20
C SER A 1487 -10.99 -26.35 -20.68
N SER A 1488 -11.53 -25.27 -20.11
CA SER A 1488 -11.42 -25.04 -18.67
C SER A 1488 -12.16 -26.12 -17.90
N ASP A 1489 -11.59 -26.51 -16.77
CA ASP A 1489 -11.92 -27.76 -16.11
C ASP A 1489 -12.63 -27.46 -14.78
N LYS A 1490 -13.08 -28.52 -14.12
CA LYS A 1490 -13.89 -28.39 -12.91
C LYS A 1490 -13.07 -28.23 -11.63
N ILE A 1491 -11.87 -28.81 -11.57
CA ILE A 1491 -11.06 -28.68 -10.36
C ILE A 1491 -9.74 -27.97 -10.64
N LYS A 1492 -9.24 -27.98 -11.86
CA LYS A 1492 -8.20 -27.05 -12.28
C LYS A 1492 -8.83 -26.02 -13.21
N LYS A 1493 -8.12 -24.92 -13.43
CA LYS A 1493 -8.66 -23.83 -14.24
C LYS A 1493 -7.52 -23.22 -15.03
N MET A 1494 -7.87 -22.47 -16.07
CA MET A 1494 -6.88 -21.85 -16.93
C MET A 1494 -7.34 -20.46 -17.30
N LEU A 1495 -6.38 -19.52 -17.38
CA LEU A 1495 -6.75 -18.11 -17.53
C LEU A 1495 -7.32 -17.85 -18.94
N PRO A 1496 -6.58 -17.91 -20.10
CA PRO A 1496 -7.29 -18.33 -21.30
C PRO A 1496 -7.14 -19.81 -21.47
N VAL A 1497 -7.58 -20.34 -22.59
CA VAL A 1497 -7.68 -21.77 -22.84
C VAL A 1497 -7.03 -22.07 -24.18
N CYS A 1498 -5.99 -22.96 -24.18
CA CYS A 1498 -5.01 -23.14 -25.25
C CYS A 1498 -5.51 -24.06 -26.36
N PRO A 1499 -4.94 -23.97 -27.56
CA PRO A 1499 -5.19 -24.99 -28.57
C PRO A 1499 -4.11 -26.05 -28.56
N PRO A 1500 -4.45 -27.30 -28.86
CA PRO A 1500 -3.41 -28.34 -29.01
C PRO A 1500 -2.54 -28.13 -30.24
N GLY A 1501 -3.16 -27.98 -31.41
CA GLY A 1501 -2.39 -27.81 -32.62
C GLY A 1501 -2.40 -26.38 -33.06
N ALA A 1502 -3.27 -26.08 -34.02
CA ALA A 1502 -3.42 -24.74 -34.58
C ALA A 1502 -4.91 -24.52 -34.80
N GLY A 1503 -5.52 -23.66 -34.00
CA GLY A 1503 -6.93 -23.43 -34.10
C GLY A 1503 -7.27 -22.43 -35.16
N GLY A 1504 -8.10 -22.81 -36.14
CA GLY A 1504 -8.33 -21.97 -37.30
C GLY A 1504 -7.04 -21.87 -38.07
N LEU A 1505 -6.63 -22.97 -38.65
CA LEU A 1505 -5.19 -23.21 -38.71
C LEU A 1505 -4.33 -22.45 -39.73
N PRO A 1506 -4.66 -22.30 -41.01
CA PRO A 1506 -3.70 -21.71 -41.93
C PRO A 1506 -3.58 -20.23 -41.66
N PRO A 1507 -2.40 -19.65 -41.82
CA PRO A 1507 -2.28 -18.21 -41.76
C PRO A 1507 -2.78 -17.62 -43.06
N PRO A 1508 -3.89 -16.88 -43.04
CA PRO A 1508 -4.49 -16.44 -44.29
C PRO A 1508 -3.86 -15.13 -44.75
N GLN A 1509 -4.25 -14.74 -45.96
CA GLN A 1509 -3.55 -13.79 -46.80
C GLN A 1509 -3.34 -12.45 -46.14
N ARG A 1510 -2.34 -11.70 -46.58
CA ARG A 1510 -1.96 -10.47 -45.89
C ARG A 1510 -1.68 -9.34 -46.86
N LYS A 1511 -1.83 -8.13 -46.34
CA LYS A 1511 -1.69 -6.91 -47.12
C LYS A 1511 -1.41 -5.78 -46.14
N GLN A 1512 -0.16 -5.38 -45.99
CA GLN A 1512 0.18 -4.30 -45.07
C GLN A 1512 -0.03 -2.98 -45.80
N ASN A 1513 -0.96 -2.14 -45.31
CA ASN A 1513 -1.24 -0.89 -46.02
C ASN A 1513 -0.91 0.37 -45.24
N THR A 1514 -1.52 0.60 -44.07
CA THR A 1514 -1.26 1.80 -43.28
C THR A 1514 -1.22 1.37 -41.82
N ALA A 1515 -0.04 0.92 -41.37
CA ALA A 1515 0.25 0.44 -40.02
C ALA A 1515 -0.60 -0.75 -39.61
N ASP A 1516 -1.14 -1.49 -40.57
CA ASP A 1516 -1.95 -2.67 -40.29
C ASP A 1516 -1.94 -3.55 -41.53
N ILE A 1517 -2.17 -4.84 -41.29
CA ILE A 1517 -1.99 -5.86 -42.33
C ILE A 1517 -3.29 -6.64 -42.37
N LEU A 1518 -4.25 -6.16 -43.16
CA LEU A 1518 -5.63 -6.64 -43.05
C LEU A 1518 -5.75 -8.05 -43.62
N GLN A 1519 -5.96 -9.00 -42.73
CA GLN A 1519 -5.89 -10.41 -43.11
C GLN A 1519 -7.19 -10.84 -43.78
N ASP A 1520 -7.17 -10.95 -45.10
CA ASP A 1520 -8.38 -11.22 -45.86
C ASP A 1520 -8.86 -12.64 -45.62
N LEU A 1521 -9.56 -12.85 -44.51
CA LEU A 1521 -10.43 -14.02 -44.40
C LEU A 1521 -11.43 -13.99 -45.53
N THR A 1522 -11.71 -15.13 -46.13
CA THR A 1522 -12.79 -15.16 -47.10
C THR A 1522 -13.45 -16.51 -47.01
N GLY A 1523 -14.68 -16.53 -46.52
CA GLY A 1523 -15.39 -17.77 -46.38
C GLY A 1523 -14.80 -18.68 -45.33
N ARG A 1524 -14.09 -18.12 -44.37
CA ARG A 1524 -13.65 -18.91 -43.26
C ARG A 1524 -14.77 -18.99 -42.25
N ASN A 1525 -14.65 -19.90 -41.30
CA ASN A 1525 -15.61 -19.86 -40.21
C ASN A 1525 -15.08 -18.81 -39.25
N ILE A 1526 -15.65 -17.60 -39.35
CA ILE A 1526 -15.00 -16.43 -38.81
C ILE A 1526 -15.00 -16.41 -37.30
N SER A 1527 -16.06 -16.93 -36.66
CA SER A 1527 -16.09 -16.83 -35.20
C SER A 1527 -15.08 -17.75 -34.55
N ASP A 1528 -14.88 -18.94 -35.11
CA ASP A 1528 -13.94 -19.86 -34.48
C ASP A 1528 -12.51 -19.48 -34.82
N TYR A 1529 -12.30 -18.86 -35.98
CA TYR A 1529 -11.01 -18.24 -36.27
C TYR A 1529 -10.67 -17.18 -35.24
N LEU A 1530 -11.64 -16.31 -34.92
CA LEU A 1530 -11.33 -15.20 -34.02
C LEU A 1530 -11.06 -15.68 -32.61
N VAL A 1531 -11.86 -16.63 -32.12
CA VAL A 1531 -11.61 -17.21 -30.80
C VAL A 1531 -10.24 -17.87 -30.74
N LYS A 1532 -9.96 -18.78 -31.67
CA LYS A 1532 -8.75 -19.56 -31.50
C LYS A 1532 -7.50 -18.73 -31.78
N THR A 1533 -7.49 -17.94 -32.86
CA THR A 1533 -6.24 -17.28 -33.14
C THR A 1533 -5.99 -16.11 -32.20
N TYR A 1534 -7.05 -15.55 -31.59
CA TYR A 1534 -6.82 -14.62 -30.49
C TYR A 1534 -6.19 -15.33 -29.31
N VAL A 1535 -6.62 -16.56 -29.04
CA VAL A 1535 -6.00 -17.32 -27.95
C VAL A 1535 -4.53 -17.51 -28.19
N GLN A 1536 -4.15 -18.03 -29.37
CA GLN A 1536 -2.76 -18.42 -29.49
C GLN A 1536 -1.85 -17.23 -29.71
N ILE A 1537 -2.37 -16.08 -30.11
CA ILE A 1537 -1.46 -14.96 -30.11
C ILE A 1537 -1.32 -14.34 -28.72
N ILE A 1538 -2.36 -14.38 -27.89
CA ILE A 1538 -2.16 -13.92 -26.51
C ILE A 1538 -1.25 -14.86 -25.75
N ALA A 1539 -1.55 -16.16 -25.77
CA ALA A 1539 -0.73 -17.09 -25.00
C ALA A 1539 0.67 -17.24 -25.57
N LYS A 1540 0.89 -16.94 -26.85
CA LYS A 1540 2.26 -16.77 -27.33
C LYS A 1540 2.91 -15.57 -26.66
N SER A 1541 2.31 -14.38 -26.82
CA SER A 1541 2.99 -13.20 -26.31
C SER A 1541 2.72 -12.94 -24.85
N LEU A 1542 2.33 -13.95 -24.08
CA LEU A 1542 2.22 -13.83 -22.64
C LEU A 1542 3.28 -14.64 -21.91
N LYS A 1543 3.71 -15.78 -22.49
CA LYS A 1543 4.87 -16.49 -21.99
C LYS A 1543 6.10 -15.61 -22.02
N ASN A 1544 6.29 -14.88 -23.12
CA ASN A 1544 7.35 -13.88 -23.20
C ASN A 1544 7.14 -12.78 -22.17
N LYS A 1545 5.88 -12.47 -21.87
CA LYS A 1545 5.45 -11.46 -20.91
C LYS A 1545 6.07 -10.10 -21.22
N ILE A 1546 5.60 -9.54 -22.32
CA ILE A 1546 5.76 -8.12 -22.58
C ILE A 1546 4.58 -7.35 -22.00
N TRP A 1547 3.73 -8.01 -21.22
CA TRP A 1547 2.52 -7.47 -20.60
C TRP A 1547 1.59 -6.91 -21.69
N VAL A 1548 1.08 -7.85 -22.48
CA VAL A 1548 0.71 -7.63 -23.87
C VAL A 1548 -0.69 -7.03 -23.98
N ASN A 1549 -0.81 -6.05 -24.88
CA ASN A 1549 -2.08 -5.47 -25.27
C ASN A 1549 -2.78 -6.40 -26.27
N GLU A 1550 -3.72 -5.88 -27.02
CA GLU A 1550 -4.51 -6.75 -27.88
C GLU A 1550 -4.06 -6.71 -29.32
N PHE A 1551 -4.33 -7.80 -30.00
CA PHE A 1551 -3.76 -8.10 -31.28
C PHE A 1551 -4.50 -7.41 -32.40
N ARG A 1552 -5.82 -7.41 -32.31
CA ARG A 1552 -6.66 -6.71 -33.26
C ARG A 1552 -7.85 -6.14 -32.51
N TYR A 1553 -8.38 -5.05 -33.03
CA TYR A 1553 -9.41 -4.31 -32.35
C TYR A 1553 -10.71 -4.26 -33.11
N GLY A 1554 -10.70 -4.46 -34.40
CA GLY A 1554 -11.97 -4.66 -35.03
C GLY A 1554 -11.90 -4.96 -36.50
N GLY A 1555 -12.57 -6.03 -36.90
CA GLY A 1555 -12.68 -6.41 -38.29
C GLY A 1555 -14.08 -6.09 -38.75
N PHE A 1556 -14.35 -6.45 -40.00
CA PHE A 1556 -15.73 -6.37 -40.48
C PHE A 1556 -15.97 -7.26 -41.68
N SER A 1557 -16.97 -8.10 -41.59
CA SER A 1557 -17.42 -8.84 -42.75
C SER A 1557 -18.15 -7.89 -43.65
N LEU A 1558 -18.12 -8.18 -44.91
CA LEU A 1558 -19.06 -7.58 -45.84
C LEU A 1558 -20.18 -8.58 -46.01
N GLY A 1559 -21.06 -8.40 -46.98
CA GLY A 1559 -22.09 -9.41 -47.14
C GLY A 1559 -23.06 -9.02 -48.22
N VAL A 1560 -24.04 -9.90 -48.41
CA VAL A 1560 -25.29 -9.62 -49.10
C VAL A 1560 -26.38 -10.37 -48.36
N SER A 1561 -27.36 -9.66 -47.86
CA SER A 1561 -28.58 -10.32 -47.40
C SER A 1561 -29.48 -10.53 -48.59
N ASN A 1562 -30.17 -11.67 -48.60
CA ASN A 1562 -30.89 -12.12 -49.80
C ASN A 1562 -32.11 -11.26 -50.10
N THR A 1563 -32.53 -11.29 -51.37
CA THR A 1563 -33.72 -10.59 -51.81
C THR A 1563 -34.93 -11.53 -51.86
N GLN A 1564 -35.02 -12.47 -50.91
CA GLN A 1564 -36.11 -13.43 -50.85
C GLN A 1564 -37.43 -12.82 -50.43
N ALA A 1565 -37.43 -11.54 -50.04
CA ALA A 1565 -38.66 -10.80 -49.83
C ALA A 1565 -39.33 -10.50 -51.17
N LEU A 1566 -40.47 -9.82 -51.09
CA LEU A 1566 -41.31 -9.56 -52.26
C LEU A 1566 -40.61 -8.58 -53.22
N PRO A 1567 -41.00 -8.57 -54.49
CA PRO A 1567 -40.28 -7.77 -55.49
C PRO A 1567 -40.28 -6.30 -55.13
N PRO A 1568 -39.19 -5.57 -55.50
CA PRO A 1568 -38.66 -4.52 -54.63
C PRO A 1568 -39.51 -3.28 -54.37
N SER A 1569 -38.93 -2.44 -53.51
CA SER A 1569 -39.47 -1.23 -52.89
C SER A 1569 -40.27 -0.31 -53.81
N GLN A 1570 -39.83 -0.19 -55.07
CA GLN A 1570 -40.57 0.63 -56.01
C GLN A 1570 -41.93 0.03 -56.33
N GLU A 1571 -42.04 -1.29 -56.33
CA GLU A 1571 -43.35 -1.89 -56.54
C GLU A 1571 -44.22 -1.77 -55.29
N VAL A 1572 -43.60 -1.67 -54.12
CA VAL A 1572 -44.35 -1.39 -52.90
C VAL A 1572 -44.92 0.02 -52.95
N ASN A 1573 -44.08 0.98 -53.34
CA ASN A 1573 -44.50 2.36 -53.47
C ASN A 1573 -45.60 2.51 -54.53
N ASP A 1574 -45.48 1.77 -55.63
CA ASP A 1574 -46.53 1.80 -56.65
C ASP A 1574 -47.78 1.11 -56.17
N ALA A 1575 -47.66 0.13 -55.28
CA ALA A 1575 -48.84 -0.47 -54.68
C ALA A 1575 -49.55 0.53 -53.79
N ILE A 1576 -48.79 1.43 -53.16
CA ILE A 1576 -49.42 2.51 -52.43
C ILE A 1576 -50.00 3.53 -53.40
N LYS A 1577 -49.44 3.63 -54.60
CA LYS A 1577 -49.96 4.56 -55.59
C LYS A 1577 -51.35 4.14 -56.05
N GLN A 1578 -51.49 2.94 -56.62
CA GLN A 1578 -52.81 2.60 -57.15
C GLN A 1578 -53.74 2.06 -56.07
N MET A 1579 -53.21 1.57 -54.94
CA MET A 1579 -54.04 1.37 -53.77
C MET A 1579 -54.60 2.69 -53.28
N LYS A 1580 -53.81 3.76 -53.38
CA LYS A 1580 -54.31 5.08 -52.99
C LYS A 1580 -55.34 5.59 -53.99
N LYS A 1581 -55.12 5.30 -55.27
CA LYS A 1581 -56.05 5.77 -56.32
C LYS A 1581 -57.39 5.06 -56.23
N HIS A 1582 -57.37 3.75 -55.99
CA HIS A 1582 -58.61 3.07 -55.64
C HIS A 1582 -59.07 3.51 -54.26
N LEU A 1583 -60.38 3.33 -54.02
CA LEU A 1583 -61.00 3.40 -52.70
C LEU A 1583 -60.86 4.80 -52.08
N LYS A 1584 -61.43 5.79 -52.77
CA LYS A 1584 -61.54 7.18 -52.33
C LYS A 1584 -60.17 7.79 -52.04
N LEU A 1585 -59.44 7.99 -53.13
CA LEU A 1585 -58.28 8.86 -53.21
C LEU A 1585 -58.51 10.16 -52.44
N ALA A 1586 -57.58 10.49 -51.56
CA ALA A 1586 -57.73 11.65 -50.69
C ALA A 1586 -56.40 12.37 -50.56
N LYS A 1587 -56.47 13.63 -50.14
CA LYS A 1587 -55.29 14.47 -49.92
C LYS A 1587 -55.32 15.10 -48.54
N ASP A 1588 -56.00 14.48 -47.59
CA ASP A 1588 -56.23 15.13 -46.30
C ASP A 1588 -55.02 15.04 -45.38
N SER A 1589 -55.24 15.37 -44.11
CA SER A 1589 -54.21 15.17 -43.10
C SER A 1589 -54.00 13.70 -42.79
N SER A 1590 -55.06 12.89 -42.80
CA SER A 1590 -54.93 11.50 -42.37
C SER A 1590 -54.43 10.57 -43.47
N ALA A 1591 -55.24 10.36 -44.50
CA ALA A 1591 -55.02 9.22 -45.37
C ALA A 1591 -53.85 9.45 -46.32
N ASP A 1592 -53.60 10.69 -46.69
CA ASP A 1592 -52.43 11.02 -47.48
C ASP A 1592 -51.16 10.75 -46.68
N ARG A 1593 -51.10 11.25 -45.44
CA ARG A 1593 -49.91 11.08 -44.63
C ARG A 1593 -49.79 9.66 -44.11
N PHE A 1594 -50.92 8.98 -43.86
CA PHE A 1594 -50.83 7.59 -43.44
C PHE A 1594 -50.37 6.70 -44.58
N LEU A 1595 -50.88 6.93 -45.78
CA LEU A 1595 -50.48 6.03 -46.85
C LEU A 1595 -49.07 6.31 -47.32
N ASN A 1596 -48.69 7.57 -47.41
CA ASN A 1596 -47.32 7.90 -47.78
C ASN A 1596 -46.33 7.47 -46.70
N SER A 1597 -46.75 7.57 -45.44
CA SER A 1597 -45.88 7.14 -44.36
C SER A 1597 -45.78 5.62 -44.29
N LEU A 1598 -46.85 4.93 -44.66
CA LEU A 1598 -46.75 3.48 -44.75
C LEU A 1598 -45.87 3.07 -45.91
N GLY A 1599 -45.88 3.84 -46.99
CA GLY A 1599 -44.98 3.58 -48.10
C GLY A 1599 -43.53 3.70 -47.71
N ARG A 1600 -43.19 4.79 -46.99
CA ARG A 1600 -41.79 4.95 -46.61
C ARG A 1600 -41.40 3.98 -45.51
N PHE A 1601 -42.32 3.63 -44.62
CA PHE A 1601 -42.05 2.62 -43.59
C PHE A 1601 -41.77 1.28 -44.23
N MET A 1602 -42.58 0.88 -45.20
CA MET A 1602 -42.37 -0.39 -45.88
C MET A 1602 -41.13 -0.39 -46.76
N THR A 1603 -40.69 0.78 -47.23
CA THR A 1603 -39.37 0.84 -47.81
C THR A 1603 -38.29 1.07 -46.76
N GLY A 1604 -38.64 1.02 -45.48
CA GLY A 1604 -37.63 1.06 -44.45
C GLY A 1604 -37.21 -0.30 -43.95
N LEU A 1605 -37.42 -1.36 -44.75
CA LEU A 1605 -37.02 -2.69 -44.34
C LEU A 1605 -36.13 -3.43 -45.34
N ASP A 1606 -35.86 -2.84 -46.51
CA ASP A 1606 -35.04 -3.51 -47.52
C ASP A 1606 -33.56 -3.24 -47.28
N THR A 1607 -32.78 -4.31 -47.25
CA THR A 1607 -31.33 -4.23 -47.10
C THR A 1607 -30.72 -4.97 -48.29
N LYS A 1608 -30.26 -4.21 -49.28
CA LYS A 1608 -29.74 -4.85 -50.48
C LYS A 1608 -28.41 -5.54 -50.24
N ASN A 1609 -27.42 -4.81 -49.75
CA ASN A 1609 -26.35 -5.49 -49.05
C ASN A 1609 -26.40 -5.11 -47.58
N ASN A 1610 -25.46 -5.60 -46.79
CA ASN A 1610 -25.26 -5.10 -45.44
C ASN A 1610 -23.87 -5.49 -44.99
N VAL A 1611 -23.06 -4.51 -44.66
CA VAL A 1611 -21.80 -4.86 -44.03
C VAL A 1611 -22.08 -5.10 -42.57
N LYS A 1612 -21.13 -5.69 -41.88
CA LYS A 1612 -21.32 -5.97 -40.48
C LYS A 1612 -19.99 -5.67 -39.84
N VAL A 1613 -19.96 -4.91 -38.76
CA VAL A 1613 -18.68 -4.58 -38.14
C VAL A 1613 -18.42 -5.57 -37.02
N TRP A 1614 -17.24 -6.13 -37.01
CA TRP A 1614 -16.81 -7.03 -35.97
C TRP A 1614 -15.87 -6.22 -35.09
N PHE A 1615 -16.37 -5.52 -34.10
CA PHE A 1615 -15.38 -4.85 -33.28
C PHE A 1615 -14.91 -5.76 -32.16
N ASN A 1616 -13.76 -5.42 -31.59
CA ASN A 1616 -13.40 -5.88 -30.26
C ASN A 1616 -13.81 -4.80 -29.30
N ASN A 1617 -14.08 -5.18 -28.06
CA ASN A 1617 -14.57 -4.22 -27.11
C ASN A 1617 -13.53 -3.89 -26.07
N LYS A 1618 -12.37 -4.50 -26.13
CA LYS A 1618 -11.40 -4.27 -25.08
C LYS A 1618 -10.81 -2.88 -25.19
N GLY A 1619 -10.59 -2.38 -26.40
CA GLY A 1619 -10.39 -0.95 -26.57
C GLY A 1619 -11.67 -0.20 -26.27
N TRP A 1620 -11.55 0.93 -25.58
CA TRP A 1620 -12.72 1.69 -25.16
C TRP A 1620 -13.44 2.32 -26.33
N HIS A 1621 -12.72 2.64 -27.37
CA HIS A 1621 -13.24 3.46 -28.44
C HIS A 1621 -13.25 2.74 -29.75
N ALA A 1622 -13.52 1.45 -29.73
CA ALA A 1622 -13.52 0.77 -31.01
C ALA A 1622 -14.82 0.95 -31.74
N ILE A 1623 -15.95 0.88 -30.99
CA ILE A 1623 -17.27 0.67 -31.57
C ILE A 1623 -17.64 1.80 -32.50
N SER A 1624 -17.39 3.02 -32.05
CA SER A 1624 -17.57 4.20 -32.85
C SER A 1624 -16.60 4.24 -34.03
N SER A 1625 -15.40 3.74 -33.82
CA SER A 1625 -14.31 4.06 -34.71
C SER A 1625 -14.37 3.31 -36.02
N PHE A 1626 -14.56 1.99 -35.98
CA PHE A 1626 -14.69 1.26 -37.22
C PHE A 1626 -15.97 1.61 -37.93
N LEU A 1627 -16.95 2.09 -37.19
CA LEU A 1627 -18.17 2.58 -37.81
C LEU A 1627 -17.88 3.80 -38.64
N ASN A 1628 -16.99 4.66 -38.14
CA ASN A 1628 -16.49 5.76 -38.95
C ASN A 1628 -15.69 5.25 -40.15
N VAL A 1629 -14.97 4.14 -39.97
CA VAL A 1629 -14.19 3.58 -41.07
C VAL A 1629 -15.10 3.05 -42.17
N ILE A 1630 -16.18 2.39 -41.79
CA ILE A 1630 -17.05 1.81 -42.79
C ILE A 1630 -17.87 2.87 -43.50
N ASN A 1631 -18.43 3.82 -42.74
CA ASN A 1631 -19.22 4.85 -43.38
C ASN A 1631 -18.35 5.73 -44.27
N ASN A 1632 -17.08 5.88 -43.87
CA ASN A 1632 -16.06 6.42 -44.75
C ASN A 1632 -15.96 5.60 -46.03
N ALA A 1633 -15.99 4.28 -45.91
CA ALA A 1633 -15.82 3.44 -47.08
C ALA A 1633 -17.03 3.52 -48.01
N ILE A 1634 -18.23 3.64 -47.46
CA ILE A 1634 -19.42 3.76 -48.28
C ILE A 1634 -19.38 5.06 -49.05
N LEU A 1635 -18.87 6.12 -48.41
CA LEU A 1635 -18.64 7.38 -49.11
C LEU A 1635 -17.64 7.23 -50.24
N ARG A 1636 -16.53 6.54 -49.99
CA ARG A 1636 -15.59 6.27 -51.07
C ARG A 1636 -16.13 5.28 -52.09
N ALA A 1637 -17.28 4.67 -51.85
CA ALA A 1637 -17.83 3.75 -52.83
C ALA A 1637 -18.82 4.44 -53.76
N ASN A 1638 -19.86 5.05 -53.20
CA ASN A 1638 -21.04 5.35 -54.00
C ASN A 1638 -20.87 6.50 -54.98
N LEU A 1639 -19.78 7.27 -54.89
CA LEU A 1639 -19.66 8.50 -55.66
C LEU A 1639 -19.56 8.23 -57.15
N GLN A 1640 -20.19 9.09 -57.94
CA GLN A 1640 -20.04 8.96 -59.37
C GLN A 1640 -18.69 9.54 -59.77
N LYS A 1641 -17.87 8.69 -60.40
CA LYS A 1641 -16.81 9.02 -61.35
C LYS A 1641 -16.04 10.31 -61.11
N GLY A 1642 -15.71 10.58 -59.86
CA GLY A 1642 -14.88 11.72 -59.53
C GLY A 1642 -13.45 11.48 -59.95
N GLU A 1643 -12.63 12.51 -59.81
CA GLU A 1643 -11.26 12.38 -60.26
C GLU A 1643 -10.39 11.65 -59.25
N ASN A 1644 -10.90 11.42 -58.04
CA ASN A 1644 -10.34 10.53 -57.04
C ASN A 1644 -11.38 10.32 -55.96
N PRO A 1645 -11.36 9.19 -55.30
CA PRO A 1645 -12.04 9.07 -54.01
C PRO A 1645 -11.10 9.43 -52.88
N SER A 1646 -10.00 10.09 -53.21
CA SER A 1646 -8.98 10.34 -52.22
C SER A 1646 -9.40 11.45 -51.27
N HIS A 1647 -9.77 12.61 -51.80
CA HIS A 1647 -10.02 13.74 -50.91
C HIS A 1647 -11.50 13.93 -50.60
N TYR A 1648 -12.29 12.87 -50.60
CA TYR A 1648 -13.51 12.89 -49.81
C TYR A 1648 -13.19 12.29 -48.45
N GLY A 1649 -14.20 12.00 -47.66
CA GLY A 1649 -13.95 11.30 -46.42
C GLY A 1649 -14.54 12.02 -45.23
N ILE A 1650 -14.78 11.30 -44.14
CA ILE A 1650 -15.50 11.83 -43.00
C ILE A 1650 -14.82 11.33 -41.73
N THR A 1651 -14.50 12.24 -40.82
CA THR A 1651 -14.07 11.88 -39.47
C THR A 1651 -15.21 12.19 -38.52
N ALA A 1652 -15.04 11.91 -37.22
CA ALA A 1652 -16.14 12.14 -36.29
C ALA A 1652 -15.62 12.30 -34.86
N PHE A 1653 -15.48 13.54 -34.41
CA PHE A 1653 -14.79 13.77 -33.14
C PHE A 1653 -15.75 13.53 -31.98
N ASN A 1654 -15.50 12.52 -31.16
CA ASN A 1654 -16.13 12.51 -29.86
C ASN A 1654 -15.52 13.63 -29.04
N HIS A 1655 -16.38 14.35 -28.31
CA HIS A 1655 -16.02 15.47 -27.45
C HIS A 1655 -17.14 15.74 -26.47
N PRO A 1656 -17.08 15.22 -25.28
CA PRO A 1656 -18.19 15.38 -24.35
C PRO A 1656 -18.44 16.79 -23.82
N LEU A 1657 -19.39 16.89 -22.91
CA LEU A 1657 -20.06 18.13 -22.55
C LEU A 1657 -19.68 18.51 -21.13
N ASN A 1658 -19.68 19.81 -20.82
CA ASN A 1658 -19.23 20.27 -19.52
C ASN A 1658 -20.14 19.74 -18.43
N LEU A 1659 -19.60 19.65 -17.23
CA LEU A 1659 -20.29 18.87 -16.24
C LEU A 1659 -21.36 19.73 -15.57
N THR A 1660 -22.23 19.09 -14.80
CA THR A 1660 -23.25 19.81 -14.07
C THR A 1660 -22.75 20.19 -12.69
N LYS A 1661 -23.69 20.59 -11.82
CA LYS A 1661 -23.36 20.85 -10.43
C LYS A 1661 -22.87 19.58 -9.73
N GLN A 1662 -23.62 18.49 -9.87
CA GLN A 1662 -23.32 17.28 -9.13
C GLN A 1662 -22.04 16.62 -9.63
N GLN A 1663 -21.74 16.78 -10.92
CA GLN A 1663 -20.58 16.09 -11.46
C GLN A 1663 -19.29 16.87 -11.17
N LEU A 1664 -19.33 18.20 -11.30
CA LEU A 1664 -18.21 19.01 -10.84
C LEU A 1664 -18.00 18.86 -9.34
N SER A 1665 -19.08 18.72 -8.58
CA SER A 1665 -18.96 18.51 -7.15
C SER A 1665 -18.30 17.16 -6.85
N GLU A 1666 -18.67 16.12 -7.59
CA GLU A 1666 -18.11 14.80 -7.30
C GLU A 1666 -16.64 14.71 -7.69
N VAL A 1667 -16.26 15.35 -8.79
CA VAL A 1667 -14.83 15.32 -9.11
C VAL A 1667 -14.03 16.24 -8.19
N ALA A 1668 -14.67 17.26 -7.61
CA ALA A 1668 -14.02 18.00 -6.53
C ALA A 1668 -13.76 17.11 -5.33
N LEU A 1669 -14.71 16.23 -5.00
CA LEU A 1669 -14.52 15.29 -3.90
C LEU A 1669 -13.37 14.31 -4.18
N MET A 1670 -13.30 13.78 -5.40
CA MET A 1670 -12.24 12.83 -5.73
C MET A 1670 -10.87 13.49 -5.70
N THR A 1671 -10.75 14.69 -6.31
CA THR A 1671 -9.47 15.41 -6.31
C THR A 1671 -9.05 15.79 -4.90
N THR A 1672 -10.03 16.09 -4.04
CA THR A 1672 -9.78 16.29 -2.62
C THR A 1672 -9.12 15.06 -1.98
N SER A 1673 -9.64 13.86 -2.28
CA SER A 1673 -9.05 12.63 -1.71
C SER A 1673 -7.62 12.39 -2.21
N VAL A 1674 -7.39 12.63 -3.50
CA VAL A 1674 -6.04 12.52 -4.06
C VAL A 1674 -5.10 13.54 -3.40
N ASP A 1675 -5.64 14.64 -2.89
CA ASP A 1675 -4.81 15.52 -2.09
C ASP A 1675 -4.75 15.12 -0.61
N VAL A 1676 -5.66 14.26 -0.13
CA VAL A 1676 -5.50 13.68 1.22
C VAL A 1676 -4.25 12.82 1.27
N LEU A 1677 -3.81 12.29 0.12
CA LEU A 1677 -2.44 11.77 0.06
C LEU A 1677 -1.39 12.80 0.50
N VAL A 1678 -1.48 14.03 -0.02
CA VAL A 1678 -0.52 15.07 0.37
C VAL A 1678 -0.67 15.42 1.84
N SER A 1679 -1.90 15.30 2.37
CA SER A 1679 -2.10 15.47 3.82
C SER A 1679 -1.31 14.44 4.61
N ILE A 1680 -1.35 13.18 4.19
CA ILE A 1680 -0.67 12.18 5.01
C ILE A 1680 0.84 12.26 4.82
N CYS A 1681 1.33 12.79 3.70
CA CYS A 1681 2.78 12.82 3.63
C CYS A 1681 3.38 14.06 4.28
N VAL A 1682 2.71 15.21 4.18
CA VAL A 1682 3.24 16.38 4.88
C VAL A 1682 2.99 16.23 6.36
N ILE A 1683 1.93 15.51 6.75
CA ILE A 1683 1.79 15.18 8.16
C ILE A 1683 2.85 14.17 8.59
N PHE A 1684 3.44 13.41 7.65
CA PHE A 1684 4.62 12.62 8.02
C PHE A 1684 5.84 13.52 8.25
N ALA A 1685 6.04 14.52 7.39
CA ALA A 1685 7.27 15.32 7.50
C ALA A 1685 7.25 16.24 8.71
N MET A 1686 6.20 17.04 8.85
CA MET A 1686 6.10 17.83 10.05
C MET A 1686 5.65 17.00 11.25
N SER A 1687 5.25 15.75 11.03
CA SER A 1687 5.30 14.77 12.11
C SER A 1687 6.73 14.39 12.47
N PHE A 1688 7.68 14.60 11.56
CA PHE A 1688 9.02 14.09 11.76
C PHE A 1688 9.99 15.15 12.26
N VAL A 1689 9.64 16.44 12.18
CA VAL A 1689 10.47 17.46 12.83
C VAL A 1689 10.64 17.33 14.34
N PRO A 1690 9.59 17.15 15.18
CA PRO A 1690 9.80 17.41 16.62
C PRO A 1690 10.62 16.36 17.33
N ALA A 1691 10.79 15.18 16.72
CA ALA A 1691 11.59 14.13 17.32
C ALA A 1691 13.05 14.50 17.42
N SER A 1692 13.52 15.37 16.52
CA SER A 1692 14.84 15.98 16.67
C SER A 1692 14.98 16.69 18.01
N PHE A 1693 13.96 17.46 18.37
CA PHE A 1693 14.02 18.21 19.60
C PHE A 1693 13.85 17.30 20.81
N VAL A 1694 13.11 16.21 20.61
CA VAL A 1694 12.99 15.22 21.66
C VAL A 1694 14.34 14.57 21.92
N VAL A 1695 15.03 14.12 20.86
CA VAL A 1695 16.25 13.35 21.08
C VAL A 1695 17.38 14.24 21.59
N PHE A 1696 17.35 15.54 21.26
CA PHE A 1696 18.27 16.38 22.00
C PHE A 1696 17.83 16.57 23.44
N LEU A 1697 16.54 16.43 23.76
CA LEU A 1697 16.22 16.49 25.19
C LEU A 1697 16.62 15.20 25.91
N ILE A 1698 16.62 14.05 25.23
CA ILE A 1698 17.09 12.85 25.91
C ILE A 1698 18.60 12.93 26.10
N GLN A 1699 19.32 13.47 25.12
CA GLN A 1699 20.75 13.67 25.31
C GLN A 1699 21.07 14.72 26.37
N GLU A 1700 20.09 15.54 26.77
CA GLU A 1700 20.24 16.46 27.89
C GLU A 1700 19.71 15.88 29.20
N ARG A 1701 18.85 14.89 29.13
CA ARG A 1701 18.36 14.32 30.38
C ARG A 1701 19.21 13.14 30.84
N VAL A 1702 19.98 12.53 29.94
CA VAL A 1702 20.76 11.37 30.34
C VAL A 1702 21.97 11.88 31.10
N SER A 1703 21.77 12.08 32.41
CA SER A 1703 22.80 12.26 33.42
C SER A 1703 23.68 13.48 33.20
N LYS A 1704 23.30 14.43 32.35
CA LYS A 1704 24.26 15.50 32.05
C LYS A 1704 23.77 16.86 32.54
N ALA A 1705 22.72 17.42 31.96
CA ALA A 1705 22.47 18.84 32.22
C ALA A 1705 21.03 19.20 32.49
N LYS A 1706 20.09 18.28 32.26
CA LYS A 1706 18.86 18.35 33.03
C LYS A 1706 19.21 18.39 34.50
N HIS A 1707 20.01 17.41 34.94
CA HIS A 1707 20.44 17.38 36.31
C HIS A 1707 21.47 18.46 36.58
N LEU A 1708 22.53 18.56 35.75
CA LEU A 1708 23.63 19.49 36.04
C LEU A 1708 23.17 20.94 36.00
N GLN A 1709 22.53 21.35 34.89
CA GLN A 1709 22.01 22.71 34.84
C GLN A 1709 20.87 22.91 35.82
N PHE A 1710 20.19 21.83 36.21
CA PHE A 1710 19.17 21.98 37.22
C PHE A 1710 19.76 22.13 38.62
N ILE A 1711 21.02 21.73 38.82
CA ILE A 1711 21.67 21.93 40.11
C ILE A 1711 21.84 23.41 40.39
N SER A 1712 22.52 24.12 39.49
CA SER A 1712 22.62 25.56 39.59
C SER A 1712 21.24 26.19 39.53
N GLY A 1713 21.05 27.23 40.33
CA GLY A 1713 19.73 27.76 40.62
C GLY A 1713 19.09 28.37 39.40
N VAL A 1714 18.12 27.67 38.85
CA VAL A 1714 17.62 28.00 37.52
C VAL A 1714 16.12 28.27 37.50
N LYS A 1715 15.33 27.74 38.47
CA LYS A 1715 13.88 27.88 38.55
C LYS A 1715 13.28 27.40 37.23
N PRO A 1716 13.16 26.07 37.03
CA PRO A 1716 13.13 25.45 35.69
C PRO A 1716 12.12 25.95 34.66
N VAL A 1717 11.24 26.87 35.05
CA VAL A 1717 10.40 27.61 34.13
C VAL A 1717 11.23 28.26 33.04
N ILE A 1718 12.36 28.84 33.41
CA ILE A 1718 13.21 29.44 32.39
C ILE A 1718 13.94 28.36 31.61
N TYR A 1719 14.04 27.15 32.15
CA TYR A 1719 14.75 26.09 31.42
C TYR A 1719 13.88 25.55 30.30
N TRP A 1720 12.63 25.20 30.63
CA TRP A 1720 11.70 24.73 29.62
C TRP A 1720 11.32 25.85 28.67
N LEU A 1721 11.26 27.08 29.17
CA LEU A 1721 10.96 28.19 28.27
C LEU A 1721 12.13 28.45 27.35
N SER A 1722 13.35 28.22 27.84
CA SER A 1722 14.54 28.35 27.01
C SER A 1722 14.49 27.35 25.86
N ASN A 1723 14.35 26.07 26.22
CA ASN A 1723 14.37 25.01 25.23
C ASN A 1723 13.18 25.11 24.28
N PHE A 1724 12.03 25.54 24.77
CA PHE A 1724 10.85 25.65 23.94
C PHE A 1724 10.94 26.83 22.98
N VAL A 1725 11.41 27.99 23.46
CA VAL A 1725 11.56 29.15 22.59
C VAL A 1725 12.57 28.86 21.50
N TRP A 1726 13.64 28.13 21.83
CA TRP A 1726 14.53 27.67 20.77
C TRP A 1726 13.79 26.76 19.80
N ASP A 1727 13.06 25.76 20.32
CA ASP A 1727 12.47 24.75 19.44
C ASP A 1727 11.43 25.35 18.50
N MET A 1728 10.77 26.42 18.92
CA MET A 1728 10.02 27.23 17.98
C MET A 1728 10.94 27.86 16.95
N CYS A 1729 12.04 28.46 17.41
CA CYS A 1729 12.93 29.21 16.50
C CYS A 1729 13.63 28.30 15.49
N ASN A 1730 13.93 27.07 15.88
CA ASN A 1730 14.52 26.09 14.99
C ASN A 1730 13.45 25.40 14.17
N TYR A 1731 12.21 25.39 14.66
CA TYR A 1731 11.12 24.94 13.82
C TYR A 1731 10.91 25.88 12.64
N VAL A 1732 11.23 27.17 12.82
CA VAL A 1732 10.96 28.19 11.81
C VAL A 1732 11.63 27.87 10.47
N VAL A 1733 12.84 27.30 10.50
CA VAL A 1733 13.61 27.09 9.27
C VAL A 1733 13.02 26.01 8.35
N PRO A 1734 12.84 24.73 8.73
CA PRO A 1734 12.44 23.75 7.71
C PRO A 1734 10.99 23.88 7.27
N ALA A 1735 10.12 24.42 8.13
CA ALA A 1735 8.75 24.66 7.73
C ALA A 1735 8.67 25.76 6.69
N THR A 1736 9.47 26.82 6.87
CA THR A 1736 9.61 27.84 5.84
C THR A 1736 10.18 27.25 4.56
N LEU A 1737 11.10 26.29 4.69
CA LEU A 1737 11.62 25.61 3.52
C LEU A 1737 10.55 24.81 2.78
N VAL A 1738 9.61 24.19 3.51
CA VAL A 1738 8.51 23.48 2.87
C VAL A 1738 7.58 24.45 2.16
N ILE A 1739 7.36 25.62 2.78
CA ILE A 1739 6.58 26.69 2.14
C ILE A 1739 7.23 27.12 0.83
N ILE A 1740 8.55 27.24 0.82
CA ILE A 1740 9.23 27.55 -0.43
C ILE A 1740 9.22 26.35 -1.38
N ILE A 1741 9.02 25.12 -0.88
CA ILE A 1741 8.94 23.97 -1.79
C ILE A 1741 7.67 24.04 -2.61
N PHE A 1742 6.49 24.00 -1.97
CA PHE A 1742 5.32 24.07 -2.82
C PHE A 1742 4.74 25.49 -2.92
N ILE A 1743 5.60 26.50 -2.82
CA ILE A 1743 5.36 27.74 -3.55
C ILE A 1743 6.30 27.87 -4.74
N CYS A 1744 7.44 27.17 -4.76
CA CYS A 1744 8.19 27.03 -5.99
C CYS A 1744 7.57 25.98 -6.90
N PHE A 1745 6.82 25.04 -6.32
CA PHE A 1745 5.87 24.30 -7.12
C PHE A 1745 4.59 25.10 -7.28
N GLN A 1746 3.67 24.57 -8.06
CA GLN A 1746 2.41 25.22 -8.39
C GLN A 1746 1.23 24.32 -8.08
N GLN A 1747 1.22 23.70 -6.91
CA GLN A 1747 0.09 22.94 -6.43
C GLN A 1747 -0.14 23.26 -4.96
N LYS A 1748 -1.42 23.37 -4.59
CA LYS A 1748 -2.03 23.48 -3.27
C LYS A 1748 -1.83 24.88 -2.66
N SER A 1749 -0.98 25.73 -3.23
CA SER A 1749 -0.74 27.06 -2.68
C SER A 1749 -0.15 27.93 -3.77
N TYR A 1750 -0.67 29.15 -3.89
CA TYR A 1750 -0.47 29.97 -5.07
C TYR A 1750 -0.25 31.40 -4.59
N VAL A 1751 -0.37 32.36 -5.52
CA VAL A 1751 -0.16 33.77 -5.19
C VAL A 1751 -1.27 34.32 -4.29
N SER A 1752 -2.44 33.69 -4.28
CA SER A 1752 -3.65 34.27 -3.72
C SER A 1752 -3.61 34.35 -2.20
N SER A 1753 -4.45 35.23 -1.66
CA SER A 1753 -4.54 35.47 -0.24
C SER A 1753 -5.42 34.45 0.48
N THR A 1754 -5.87 33.41 -0.20
CA THR A 1754 -6.52 32.29 0.45
C THR A 1754 -5.68 31.04 0.39
N ASN A 1755 -4.49 31.12 -0.19
CA ASN A 1755 -3.54 30.02 -0.23
C ASN A 1755 -2.40 30.22 0.75
N LEU A 1756 -1.88 31.44 0.84
CA LEU A 1756 -0.75 31.73 1.72
C LEU A 1756 -1.06 31.60 3.21
N PRO A 1757 -2.03 32.34 3.80
CA PRO A 1757 -2.02 32.49 5.27
C PRO A 1757 -2.45 31.26 6.01
N VAL A 1758 -3.51 30.59 5.54
CA VAL A 1758 -4.00 29.37 6.16
C VAL A 1758 -3.05 28.19 5.95
N LEU A 1759 -2.10 28.31 5.04
CA LEU A 1759 -0.99 27.38 5.00
C LEU A 1759 0.05 27.72 6.05
N ALA A 1760 0.60 28.93 5.96
CA ALA A 1760 1.83 29.27 6.67
C ALA A 1760 1.60 29.38 8.18
N LEU A 1761 0.56 30.12 8.59
CA LEU A 1761 0.28 30.27 10.01
C LEU A 1761 -0.12 28.95 10.64
N LEU A 1762 -0.75 28.08 9.85
CA LEU A 1762 -0.99 26.71 10.29
C LEU A 1762 0.31 25.94 10.45
N LEU A 1763 1.31 26.21 9.63
CA LEU A 1763 2.56 25.47 9.77
C LEU A 1763 3.37 25.94 10.98
N LEU A 1764 3.65 27.24 11.07
CA LEU A 1764 4.47 27.74 12.17
C LEU A 1764 3.74 27.56 13.49
N LEU A 1765 2.44 27.84 13.49
CA LEU A 1765 1.63 27.58 14.65
C LEU A 1765 1.42 26.09 14.87
N TYR A 1766 1.72 25.26 13.87
CA TYR A 1766 1.69 23.82 14.07
C TYR A 1766 2.95 23.31 14.75
N GLY A 1767 4.10 23.94 14.49
CA GLY A 1767 5.25 23.68 15.36
C GLY A 1767 4.98 24.10 16.79
N TRP A 1768 4.33 25.27 16.93
CA TRP A 1768 3.80 25.68 18.23
C TRP A 1768 2.83 24.65 18.82
N SER A 1769 2.15 23.88 17.97
CA SER A 1769 1.24 22.87 18.47
C SER A 1769 1.98 21.66 19.01
N ILE A 1770 2.89 21.09 18.21
CA ILE A 1770 3.45 19.80 18.61
C ILE A 1770 4.43 19.99 19.76
N THR A 1771 5.39 20.92 19.60
CA THR A 1771 6.57 20.99 20.46
C THR A 1771 6.36 21.07 21.98
N PRO A 1772 5.22 21.54 22.52
CA PRO A 1772 4.96 21.24 23.92
C PRO A 1772 4.59 19.80 24.18
N LEU A 1773 3.79 19.18 23.30
CA LEU A 1773 3.21 17.88 23.60
C LEU A 1773 4.24 16.76 23.53
N MET A 1774 5.45 17.02 23.06
CA MET A 1774 6.47 16.01 23.01
C MET A 1774 7.31 15.97 24.28
N TYR A 1775 7.24 17.01 25.10
CA TYR A 1775 8.09 17.04 26.30
C TYR A 1775 7.61 16.09 27.39
N PRO A 1776 6.33 16.03 27.77
CA PRO A 1776 5.93 14.97 28.71
C PRO A 1776 5.89 13.59 28.11
N ALA A 1777 6.12 13.45 26.81
CA ALA A 1777 6.52 12.17 26.24
C ALA A 1777 8.03 11.99 26.27
N SER A 1778 8.75 12.89 26.93
CA SER A 1778 10.19 12.83 26.96
C SER A 1778 10.77 13.01 28.36
N PHE A 1779 9.96 13.16 29.40
CA PHE A 1779 10.52 12.90 30.73
C PHE A 1779 10.95 11.46 30.82
N VAL A 1780 9.97 10.57 30.83
CA VAL A 1780 10.28 9.16 31.07
C VAL A 1780 10.23 8.47 29.73
N PHE A 1781 11.35 8.51 29.03
CA PHE A 1781 11.58 7.61 27.91
C PHE A 1781 13.01 7.12 28.08
N LYS A 1782 13.17 6.07 28.88
CA LYS A 1782 14.48 5.75 29.45
C LYS A 1782 15.26 4.83 28.49
N ILE A 1783 15.52 5.39 27.32
CA ILE A 1783 16.38 4.82 26.28
C ILE A 1783 16.70 5.96 25.31
N PRO A 1784 17.95 6.15 24.93
CA PRO A 1784 18.30 7.23 24.01
C PRO A 1784 18.00 6.87 22.57
N SER A 1785 17.75 7.91 21.78
CA SER A 1785 17.75 7.88 20.31
C SER A 1785 16.81 6.84 19.71
N THR A 1786 15.67 6.59 20.37
CA THR A 1786 14.60 5.80 19.78
C THR A 1786 13.24 6.47 19.84
N ALA A 1787 13.11 7.58 20.58
CA ALA A 1787 11.87 8.35 20.54
C ALA A 1787 11.65 8.99 19.18
N TYR A 1788 12.75 9.22 18.45
CA TYR A 1788 12.78 9.40 17.01
C TYR A 1788 11.84 8.41 16.31
N VAL A 1789 12.11 7.13 16.52
CA VAL A 1789 11.38 6.08 15.82
C VAL A 1789 9.95 5.98 16.35
N VAL A 1790 9.79 5.79 17.66
CA VAL A 1790 8.46 5.47 18.16
C VAL A 1790 7.54 6.68 18.16
N LEU A 1791 8.07 7.90 18.28
CA LEU A 1791 7.22 9.05 18.18
C LEU A 1791 6.86 9.37 16.72
N THR A 1792 7.76 9.05 15.78
CA THR A 1792 7.37 9.04 14.38
C THR A 1792 6.25 8.05 14.11
N SER A 1793 6.26 6.90 14.80
CA SER A 1793 5.24 5.87 14.60
C SER A 1793 3.89 6.32 15.12
N VAL A 1794 3.83 6.65 16.42
CA VAL A 1794 2.55 7.00 17.04
C VAL A 1794 1.99 8.28 16.44
N ASN A 1795 2.86 9.15 15.96
CA ASN A 1795 2.38 10.35 15.29
C ASN A 1795 1.82 10.02 13.91
N LEU A 1796 2.42 9.04 13.21
CA LEU A 1796 1.80 8.53 11.98
C LEU A 1796 0.42 7.93 12.24
N PHE A 1797 0.25 7.22 13.36
CA PHE A 1797 -1.06 6.64 13.63
C PHE A 1797 -2.09 7.72 13.96
N ILE A 1798 -1.64 8.83 14.55
CA ILE A 1798 -2.50 10.00 14.67
C ILE A 1798 -2.91 10.53 13.28
N GLY A 1799 -1.97 10.50 12.32
CA GLY A 1799 -2.29 10.98 10.99
C GLY A 1799 -3.32 10.12 10.26
N ILE A 1800 -3.09 8.81 10.22
CA ILE A 1800 -4.00 7.92 9.50
C ILE A 1800 -5.34 7.84 10.22
N ASN A 1801 -5.33 8.01 11.55
CA ASN A 1801 -6.55 8.29 12.30
C ASN A 1801 -7.25 9.54 11.78
N GLY A 1802 -6.48 10.54 11.34
CA GLY A 1802 -7.08 11.64 10.59
C GLY A 1802 -7.75 11.18 9.31
N SER A 1803 -7.04 10.35 8.52
CA SER A 1803 -7.52 9.94 7.20
C SER A 1803 -8.86 9.22 7.28
N VAL A 1804 -9.00 8.28 8.22
CA VAL A 1804 -10.31 7.68 8.45
C VAL A 1804 -11.25 8.70 9.08
N ALA A 1805 -10.72 9.67 9.85
CA ALA A 1805 -11.60 10.62 10.55
C ALA A 1805 -12.28 11.62 9.62
N THR A 1806 -11.85 11.77 8.36
CA THR A 1806 -12.73 12.37 7.35
C THR A 1806 -12.74 11.57 6.04
N PHE A 1807 -12.69 10.25 6.11
CA PHE A 1807 -13.20 9.44 4.99
C PHE A 1807 -14.67 9.08 5.17
N VAL A 1808 -15.50 10.11 5.38
CA VAL A 1808 -16.90 9.91 5.73
C VAL A 1808 -17.77 9.91 4.48
N LEU A 1809 -17.14 9.94 3.30
CA LEU A 1809 -17.88 9.96 2.05
C LEU A 1809 -18.11 8.58 1.46
N GLU A 1810 -17.23 7.62 1.75
CA GLU A 1810 -17.40 6.26 1.26
C GLU A 1810 -18.51 5.53 2.03
N LEU A 1817 -29.29 12.41 10.73
CA LEU A 1817 -28.07 13.20 10.65
C LEU A 1817 -26.96 12.60 11.51
N ASN A 1818 -26.86 11.26 11.51
CA ASN A 1818 -25.84 10.59 12.31
C ASN A 1818 -24.45 10.70 11.68
N ASN A 1819 -24.37 10.71 10.35
CA ASN A 1819 -23.10 10.91 9.67
C ASN A 1819 -22.56 12.30 9.95
N ILE A 1820 -23.43 13.30 9.98
CA ILE A 1820 -23.04 14.63 10.44
C ILE A 1820 -22.84 14.68 11.95
N ASN A 1821 -23.37 13.71 12.69
CA ASN A 1821 -23.14 13.69 14.13
C ASN A 1821 -21.74 13.20 14.46
N ASP A 1822 -21.25 12.19 13.75
CA ASP A 1822 -19.89 11.73 13.98
C ASP A 1822 -18.88 12.61 13.25
N ILE A 1823 -19.13 12.92 11.98
CA ILE A 1823 -18.17 13.70 11.20
C ILE A 1823 -18.19 15.18 11.61
N LEU A 1824 -19.32 15.68 12.11
CA LEU A 1824 -19.37 16.99 12.73
C LEU A 1824 -19.15 16.93 14.24
N LYS A 1825 -19.08 15.73 14.81
CA LYS A 1825 -18.48 15.53 16.12
C LYS A 1825 -16.97 15.46 16.05
N SER A 1826 -16.40 15.35 14.84
CA SER A 1826 -14.95 15.32 14.70
C SER A 1826 -14.32 16.67 14.98
N VAL A 1827 -15.08 17.76 14.88
CA VAL A 1827 -14.55 19.07 15.24
C VAL A 1827 -14.41 19.20 16.75
N PHE A 1828 -15.38 18.69 17.50
CA PHE A 1828 -15.25 18.67 18.95
C PHE A 1828 -14.29 17.58 19.41
N LEU A 1829 -14.08 16.54 18.58
CA LEU A 1829 -13.10 15.51 18.93
C LEU A 1829 -11.68 15.99 18.70
N ILE A 1830 -11.48 16.82 17.68
CA ILE A 1830 -10.17 17.41 17.42
C ILE A 1830 -10.12 18.80 18.02
N PHE A 1831 -11.07 19.12 18.89
CA PHE A 1831 -10.95 20.37 19.64
C PHE A 1831 -9.92 20.22 20.77
N PRO A 1832 -9.81 19.06 21.49
CA PRO A 1832 -8.60 18.89 22.33
C PRO A 1832 -7.51 18.08 21.66
N HIS A 1833 -7.78 17.46 20.51
CA HIS A 1833 -6.75 16.72 19.79
C HIS A 1833 -6.02 17.66 18.84
N PHE A 1834 -4.70 17.56 18.84
CA PHE A 1834 -3.86 18.67 18.39
C PHE A 1834 -2.99 18.38 17.17
N CYS A 1835 -2.81 17.14 16.75
CA CYS A 1835 -1.98 16.87 15.60
C CYS A 1835 -2.76 16.37 14.39
N LEU A 1836 -4.03 16.02 14.57
CA LEU A 1836 -4.92 15.70 13.47
C LEU A 1836 -5.42 16.94 12.74
N GLY A 1837 -5.41 18.08 13.43
CA GLY A 1837 -6.07 19.28 12.94
C GLY A 1837 -5.42 19.85 11.70
N ARG A 1838 -4.10 19.76 11.60
CA ARG A 1838 -3.44 20.29 10.42
C ARG A 1838 -3.76 19.43 9.20
N GLY A 1839 -3.87 18.13 9.39
CA GLY A 1839 -4.22 17.25 8.30
C GLY A 1839 -5.61 17.50 7.77
N LEU A 1840 -6.61 17.34 8.63
CA LEU A 1840 -7.97 17.36 8.09
C LEU A 1840 -8.43 18.77 7.80
N ILE A 1841 -7.96 19.72 8.58
CA ILE A 1841 -8.25 21.10 8.29
C ILE A 1841 -7.48 21.57 7.05
N ASP A 1842 -6.34 20.93 6.78
CA ASP A 1842 -5.62 21.20 5.54
C ASP A 1842 -6.41 20.68 4.34
N MET A 1843 -7.11 19.56 4.53
CA MET A 1843 -7.96 19.07 3.44
C MET A 1843 -9.22 19.88 3.28
N VAL A 1844 -9.69 20.50 4.36
CA VAL A 1844 -10.77 21.49 4.22
C VAL A 1844 -10.27 22.68 3.42
N LYS A 1845 -8.99 23.04 3.57
CA LYS A 1845 -8.42 24.14 2.80
C LYS A 1845 -8.41 23.84 1.30
N ASN A 1846 -7.83 22.70 0.92
CA ASN A 1846 -7.74 22.50 -0.52
C ASN A 1846 -9.06 22.06 -1.13
N GLN A 1847 -9.95 21.46 -0.34
CA GLN A 1847 -11.31 21.20 -0.80
C GLN A 1847 -12.05 22.51 -1.06
N ALA A 1848 -11.83 23.51 -0.20
CA ALA A 1848 -12.52 24.78 -0.37
C ALA A 1848 -11.99 25.54 -1.57
N MET A 1849 -10.67 25.56 -1.77
CA MET A 1849 -10.15 26.30 -2.91
C MET A 1849 -10.42 25.58 -4.22
N ALA A 1850 -10.48 24.24 -4.20
CA ALA A 1850 -10.84 23.50 -5.40
C ALA A 1850 -12.30 23.73 -5.76
N ASP A 1851 -13.19 23.60 -4.76
CA ASP A 1851 -14.62 23.70 -4.97
C ASP A 1851 -15.02 25.11 -5.42
N ALA A 1852 -14.51 26.12 -4.73
CA ALA A 1852 -14.81 27.48 -5.15
C ALA A 1852 -14.11 27.83 -6.46
N LEU A 1853 -12.97 27.19 -6.74
CA LEU A 1853 -12.26 27.40 -7.99
C LEU A 1853 -13.12 26.99 -9.18
N GLU A 1854 -13.64 25.77 -9.17
CA GLU A 1854 -14.47 25.34 -10.29
C GLU A 1854 -15.83 26.04 -10.28
N ARG A 1855 -16.43 26.19 -9.09
CA ARG A 1855 -17.84 26.52 -9.02
C ARG A 1855 -18.07 28.00 -9.27
N PHE A 1856 -17.18 28.86 -8.78
CA PHE A 1856 -17.17 30.19 -9.36
C PHE A 1856 -16.46 30.22 -10.70
N GLY A 1857 -15.72 29.15 -11.02
CA GLY A 1857 -15.11 29.01 -12.33
C GLY A 1857 -16.08 28.92 -13.48
N GLU A 1858 -17.34 28.57 -13.21
CA GLU A 1858 -18.35 28.66 -14.26
C GLU A 1858 -19.68 29.26 -13.83
N ASN A 1859 -19.85 29.66 -12.58
CA ASN A 1859 -21.18 30.00 -12.08
C ASN A 1859 -21.04 31.09 -11.02
N ARG A 1860 -22.08 31.23 -10.19
CA ARG A 1860 -22.23 32.34 -9.26
C ARG A 1860 -21.18 32.28 -8.14
N PHE A 1861 -21.24 33.27 -7.26
CA PHE A 1861 -20.21 33.48 -6.26
C PHE A 1861 -20.71 33.19 -4.85
N VAL A 1862 -19.85 32.56 -4.06
CA VAL A 1862 -19.99 32.48 -2.61
C VAL A 1862 -18.70 33.00 -1.98
N SER A 1863 -18.68 33.04 -0.65
CA SER A 1863 -17.55 33.62 0.06
C SER A 1863 -16.38 32.64 0.08
N PRO A 1864 -15.21 33.05 -0.40
CA PRO A 1864 -14.00 32.23 -0.21
C PRO A 1864 -13.61 32.21 1.26
N LEU A 1865 -13.66 31.02 1.85
CA LEU A 1865 -13.66 30.87 3.30
C LEU A 1865 -12.45 30.09 3.81
N SER A 1866 -11.25 30.48 3.36
CA SER A 1866 -10.03 29.84 3.85
C SER A 1866 -9.83 30.09 5.33
N TRP A 1867 -9.75 31.36 5.74
CA TRP A 1867 -9.48 31.75 7.12
C TRP A 1867 -10.75 31.84 7.96
N ASP A 1868 -11.83 31.20 7.56
CA ASP A 1868 -13.12 31.35 8.23
C ASP A 1868 -13.21 30.41 9.43
N LEU A 1869 -14.41 30.27 9.97
CA LEU A 1869 -14.67 29.43 11.12
C LEU A 1869 -15.04 28.00 10.74
N VAL A 1870 -14.97 27.63 9.47
CA VAL A 1870 -15.37 26.29 9.08
C VAL A 1870 -14.21 25.33 9.31
N GLY A 1871 -13.12 25.51 8.57
CA GLY A 1871 -12.00 24.63 8.75
C GLY A 1871 -10.89 25.17 9.62
N ARG A 1872 -10.36 26.34 9.26
CA ARG A 1872 -9.08 26.80 9.79
C ARG A 1872 -9.16 27.24 11.25
N ASN A 1873 -10.28 27.83 11.66
CA ASN A 1873 -10.36 28.41 12.99
C ASN A 1873 -10.42 27.36 14.08
N LEU A 1874 -10.77 26.13 13.76
CA LEU A 1874 -10.61 25.05 14.73
C LEU A 1874 -9.14 24.76 14.96
N PHE A 1875 -8.33 24.82 13.90
CA PHE A 1875 -6.90 24.59 14.03
C PHE A 1875 -6.25 25.69 14.84
N ALA A 1876 -6.56 26.95 14.52
CA ALA A 1876 -6.03 28.07 15.28
C ALA A 1876 -6.55 28.07 16.71
N MET A 1877 -7.76 27.55 16.93
CA MET A 1877 -8.31 27.53 18.28
C MET A 1877 -7.61 26.49 19.14
N ALA A 1878 -7.51 25.26 18.65
CA ALA A 1878 -6.89 24.19 19.44
C ALA A 1878 -5.38 24.40 19.54
N VAL A 1879 -4.73 24.50 18.39
CA VAL A 1879 -3.28 24.58 18.36
C VAL A 1879 -2.79 25.93 18.85
N GLU A 1880 -3.62 26.97 18.81
CA GLU A 1880 -3.31 28.13 19.62
C GLU A 1880 -3.71 27.93 21.08
N GLY A 1881 -4.45 26.87 21.37
CA GLY A 1881 -4.64 26.41 22.73
C GLY A 1881 -3.56 25.46 23.21
N VAL A 1882 -2.51 25.24 22.42
CA VAL A 1882 -1.44 24.32 22.83
C VAL A 1882 -0.55 24.87 23.95
N VAL A 1883 -0.62 26.17 24.25
CA VAL A 1883 0.16 26.72 25.35
C VAL A 1883 -0.31 26.17 26.68
N PHE A 1884 -1.57 25.73 26.75
CA PHE A 1884 -2.03 24.97 27.91
C PHE A 1884 -1.31 23.62 28.02
N PHE A 1885 -0.99 23.00 26.88
CA PHE A 1885 -0.20 21.78 26.93
C PHE A 1885 1.25 22.08 27.30
N LEU A 1886 1.76 23.27 26.97
CA LEU A 1886 3.06 23.66 27.49
C LEU A 1886 3.03 23.86 28.99
N ILE A 1887 1.92 24.39 29.50
CA ILE A 1887 1.75 24.50 30.95
C ILE A 1887 1.59 23.13 31.56
N THR A 1888 1.09 22.16 30.79
CA THR A 1888 1.09 20.77 31.27
C THR A 1888 2.49 20.18 31.28
N VAL A 1889 3.38 20.67 30.41
CA VAL A 1889 4.75 20.19 30.41
C VAL A 1889 5.50 20.71 31.63
N LEU A 1890 5.57 22.04 31.77
CA LEU A 1890 6.32 22.63 32.87
C LEU A 1890 5.64 22.37 34.21
N ILE A 1891 4.31 22.27 34.21
CA ILE A 1891 3.62 21.83 35.41
C ILE A 1891 3.94 20.37 35.70
N GLN A 1892 4.15 19.56 34.65
CA GLN A 1892 4.55 18.19 34.86
C GLN A 1892 5.99 18.07 35.36
N TYR A 1893 6.82 19.07 35.15
CA TYR A 1893 8.16 19.07 35.74
C TYR A 1893 8.21 19.71 37.11
N ARG A 1894 7.24 20.54 37.46
CA ARG A 1894 7.24 21.18 38.78
C ARG A 1894 6.92 20.19 39.89
N PHE A 1895 6.37 19.02 39.56
CA PHE A 1895 6.20 17.95 40.52
C PHE A 1895 7.41 17.03 40.60
N PHE A 1896 8.50 17.38 39.90
CA PHE A 1896 9.79 16.66 39.89
C PHE A 1896 9.68 15.17 39.52
N GLU A 1937 30.83 23.64 56.06
CA GLU A 1937 30.31 23.07 54.83
C GLU A 1937 28.94 22.42 55.04
N LEU A 1938 28.86 21.12 54.73
CA LEU A 1938 27.63 20.35 54.89
C LEU A 1938 27.70 19.59 56.22
N THR A 1939 27.45 20.32 57.30
CA THR A 1939 27.45 19.76 58.65
C THR A 1939 26.23 18.86 58.80
N LYS A 1940 26.44 17.54 58.76
CA LYS A 1940 25.35 16.58 58.85
C LYS A 1940 25.17 16.19 60.32
N ILE A 1941 24.38 17.00 61.02
CA ILE A 1941 24.01 16.73 62.41
C ILE A 1941 22.49 16.86 62.47
N TYR A 1942 21.78 15.73 62.47
CA TYR A 1942 20.34 15.75 62.25
C TYR A 1942 19.59 15.02 63.36
N ARG A 1943 18.29 14.81 63.15
CA ARG A 1943 17.45 14.14 64.13
C ARG A 1943 17.65 12.63 64.06
N CYS A 1954 26.62 13.34 65.11
CA CYS A 1954 26.80 14.69 64.58
C CYS A 1954 28.05 14.79 63.72
N VAL A 1955 27.86 14.93 62.41
CA VAL A 1955 28.99 15.06 61.49
C VAL A 1955 29.08 16.50 61.01
N GLY A 1956 29.83 17.33 61.72
CA GLY A 1956 29.96 18.72 61.34
C GLY A 1956 31.10 18.95 60.39
N ILE A 1957 30.79 19.03 59.09
CA ILE A 1957 31.82 19.31 58.08
C ILE A 1957 32.09 20.81 58.12
N PRO A 1958 33.22 21.25 58.64
CA PRO A 1958 33.49 22.68 58.77
C PRO A 1958 33.92 23.28 57.44
N PRO A 1959 34.29 24.56 57.42
CA PRO A 1959 34.67 25.21 56.16
C PRO A 1959 36.14 25.05 55.77
N GLY A 1960 36.92 24.25 56.50
CA GLY A 1960 38.32 24.13 56.18
C GLY A 1960 38.80 22.74 55.80
N GLU A 1961 37.99 21.72 56.09
CA GLU A 1961 38.42 20.32 56.02
C GLU A 1961 38.35 19.82 54.59
N CYS A 1962 38.75 18.56 54.41
CA CYS A 1962 38.59 17.84 53.15
C CYS A 1962 37.89 16.52 53.46
N PHE A 1963 36.56 16.54 53.40
CA PHE A 1963 35.77 15.39 53.80
C PHE A 1963 35.79 14.33 52.70
N GLY A 1964 35.07 13.24 52.92
CA GLY A 1964 34.95 12.21 51.90
C GLY A 1964 34.12 11.03 52.35
N LEU A 1965 33.19 10.60 51.50
CA LEU A 1965 32.24 9.54 51.84
C LEU A 1965 32.89 8.20 51.54
N LEU A 1966 33.38 7.53 52.59
CA LEU A 1966 34.01 6.20 52.46
C LEU A 1966 33.35 5.27 53.47
N GLY A 1967 32.24 4.66 53.08
CA GLY A 1967 31.52 3.76 53.95
C GLY A 1967 30.65 2.77 53.20
N VAL A 1968 30.54 1.56 53.74
CA VAL A 1968 29.77 0.50 53.10
C VAL A 1968 28.69 -0.07 54.01
N ASN A 1969 28.61 0.35 55.27
CA ASN A 1969 27.52 -0.07 56.13
C ASN A 1969 26.21 0.62 55.75
N GLY A 1970 26.28 1.77 55.09
CA GLY A 1970 25.10 2.43 54.56
C GLY A 1970 25.10 2.47 53.05
N ALA A 1971 23.94 2.72 52.46
CA ALA A 1971 23.78 2.71 51.01
C ALA A 1971 23.15 3.99 50.47
N GLY A 1972 22.25 4.62 51.23
CA GLY A 1972 21.48 5.76 50.80
C GLY A 1972 22.13 7.12 51.01
N LYS A 1973 23.40 7.16 51.38
CA LYS A 1973 24.09 8.43 51.54
C LYS A 1973 24.39 9.08 50.19
N SER A 1974 24.50 8.30 49.11
CA SER A 1974 24.78 8.86 47.80
C SER A 1974 23.50 9.37 47.14
N SER A 1975 22.39 8.67 47.32
CA SER A 1975 21.10 9.19 46.85
C SER A 1975 20.64 10.35 47.71
N THR A 1976 21.00 10.35 48.99
CA THR A 1976 20.80 11.52 49.85
C THR A 1976 21.86 12.58 49.63
N PHE A 1977 22.88 12.31 48.83
CA PHE A 1977 23.90 13.28 48.47
C PHE A 1977 23.55 14.01 47.19
N LYS A 1978 23.21 13.27 46.12
CA LYS A 1978 22.66 13.90 44.93
C LYS A 1978 21.29 14.49 45.22
N MET A 1979 20.55 13.89 46.15
CA MET A 1979 19.39 14.55 46.72
C MET A 1979 19.81 15.78 47.52
N LEU A 1980 20.86 15.66 48.33
CA LEU A 1980 21.29 16.75 49.19
C LEU A 1980 21.93 17.88 48.38
N THR A 1981 22.70 17.54 47.35
CA THR A 1981 23.13 18.56 46.42
C THR A 1981 21.99 19.03 45.54
N GLY A 1982 20.92 18.26 45.43
CA GLY A 1982 19.77 18.60 44.62
C GLY A 1982 18.69 19.32 45.42
N ASP A 1983 17.45 19.19 44.93
CA ASP A 1983 16.34 19.94 45.52
C ASP A 1983 15.94 19.35 46.87
N THR A 1984 15.49 18.10 46.89
CA THR A 1984 15.04 17.43 48.11
C THR A 1984 16.26 17.08 48.95
N THR A 1985 16.65 18.02 49.82
CA THR A 1985 17.92 17.95 50.53
C THR A 1985 17.97 16.81 51.55
N VAL A 1986 16.83 16.42 52.12
CA VAL A 1986 16.78 15.31 53.03
C VAL A 1986 16.30 14.08 52.26
N THR A 1987 16.46 12.90 52.87
CA THR A 1987 16.10 11.66 52.20
C THR A 1987 14.60 11.40 52.30
N ARG A 1988 14.04 10.87 51.23
CA ARG A 1988 12.60 10.60 51.18
C ARG A 1988 12.29 9.39 52.05
N GLY A 1989 11.41 9.59 53.03
CA GLY A 1989 11.09 8.53 53.97
C GLY A 1989 12.03 8.44 55.15
N ASP A 1990 12.65 9.54 55.54
CA ASP A 1990 13.69 9.54 56.56
C ASP A 1990 13.60 10.87 57.32
N ALA A 1991 14.68 11.22 58.03
CA ALA A 1991 14.68 12.39 58.90
C ALA A 1991 14.61 13.68 58.10
N PHE A 1992 13.77 14.61 58.56
CA PHE A 1992 13.58 15.92 57.96
C PHE A 1992 14.05 16.99 58.93
N LEU A 1993 15.11 17.70 58.57
CA LEU A 1993 15.77 18.64 59.48
C LEU A 1993 16.55 19.65 58.64
N ASN A 1994 17.45 20.39 59.30
CA ASN A 1994 18.20 21.48 58.68
C ASN A 1994 19.62 21.00 58.37
N LYS A 1995 19.79 20.45 57.18
CA LYS A 1995 21.10 20.10 56.63
C LYS A 1995 21.12 20.54 55.18
N ASN A 1996 21.71 21.71 54.92
CA ASN A 1996 21.72 22.39 53.62
C ASN A 1996 20.30 22.60 53.09
N SER A 1997 19.55 23.41 53.85
CA SER A 1997 18.19 23.77 53.48
C SER A 1997 18.20 24.68 52.26
N ILE A 1998 17.55 24.25 51.18
CA ILE A 1998 17.58 24.97 49.91
C ILE A 1998 16.16 25.30 49.46
N LEU A 1999 15.26 25.52 50.41
CA LEU A 1999 13.85 25.78 50.10
C LEU A 1999 13.52 27.27 50.15
N SER A 2000 13.72 27.92 51.30
CA SER A 2000 13.30 29.32 51.46
C SER A 2000 14.26 30.25 50.74
N ASN A 2001 15.53 30.29 51.16
CA ASN A 2001 16.55 31.07 50.48
C ASN A 2001 17.23 30.15 49.48
N ILE A 2002 16.51 29.87 48.40
CA ILE A 2002 16.96 28.96 47.35
C ILE A 2002 18.06 29.63 46.53
N HIS A 2003 18.72 28.82 45.69
CA HIS A 2003 19.83 29.22 44.80
C HIS A 2003 21.03 29.74 45.58
N GLU A 2004 21.21 29.26 46.81
CA GLU A 2004 22.38 29.62 47.62
C GLU A 2004 23.20 28.42 48.06
N VAL A 2005 22.56 27.40 48.62
CA VAL A 2005 23.30 26.33 49.28
C VAL A 2005 23.51 25.15 48.35
N HIS A 2006 22.42 24.51 47.92
CA HIS A 2006 22.52 23.35 47.07
C HIS A 2006 22.80 23.71 45.62
N GLN A 2007 22.66 24.97 45.24
CA GLN A 2007 22.85 25.40 43.87
C GLN A 2007 24.23 25.97 43.59
N ASN A 2008 24.84 26.63 44.57
CA ASN A 2008 26.23 27.03 44.41
C ASN A 2008 27.15 25.83 44.51
N MET A 2009 26.78 24.83 45.31
CA MET A 2009 27.58 23.65 45.57
C MET A 2009 27.71 22.81 44.31
N GLY A 2010 28.92 22.78 43.74
CA GLY A 2010 29.12 22.01 42.53
C GLY A 2010 29.18 20.52 42.81
N TYR A 2011 28.55 19.76 41.93
CA TYR A 2011 28.55 18.31 42.00
C TYR A 2011 29.03 17.75 40.68
N CYS A 2012 28.90 16.43 40.54
CA CYS A 2012 29.24 15.71 39.32
C CYS A 2012 28.53 14.38 39.40
N PRO A 2013 28.01 13.86 38.31
CA PRO A 2013 27.34 12.57 38.35
C PRO A 2013 28.35 11.44 38.31
N GLN A 2014 27.85 10.21 38.41
CA GLN A 2014 28.71 9.03 38.37
C GLN A 2014 29.33 8.84 37.00
N PHE A 2015 28.61 9.24 35.95
CA PHE A 2015 29.13 9.21 34.60
C PHE A 2015 29.88 10.51 34.31
N ASP A 2016 30.20 10.76 33.05
CA ASP A 2016 30.96 11.93 32.63
C ASP A 2016 30.04 12.88 31.87
N ALA A 2017 29.51 13.87 32.59
CA ALA A 2017 28.58 14.84 32.00
C ALA A 2017 29.36 15.77 31.09
N ILE A 2018 29.31 15.50 29.78
CA ILE A 2018 30.37 15.93 28.88
C ILE A 2018 29.91 16.88 27.79
N THR A 2019 28.61 17.23 27.75
CA THR A 2019 28.01 18.11 26.74
C THR A 2019 28.25 17.57 25.33
N GLU A 2020 27.56 16.45 25.07
CA GLU A 2020 27.95 15.34 24.21
C GLU A 2020 28.66 15.70 22.90
N LEU A 2021 28.30 16.81 22.28
CA LEU A 2021 29.05 17.28 21.13
C LEU A 2021 29.17 18.79 21.13
N LEU A 2022 29.20 19.41 22.31
CA LEU A 2022 29.13 20.86 22.28
C LEU A 2022 30.49 21.50 22.00
N THR A 2023 31.36 21.54 23.01
CA THR A 2023 32.74 22.04 22.97
C THR A 2023 33.33 21.89 24.37
N GLY A 2024 34.65 21.83 24.42
CA GLY A 2024 35.34 21.80 25.69
C GLY A 2024 35.43 23.17 26.32
N ARG A 2025 35.99 24.11 25.55
CA ARG A 2025 36.13 25.49 26.02
C ARG A 2025 34.77 26.12 26.27
N GLU A 2026 33.84 25.95 25.34
CA GLU A 2026 32.52 26.52 25.54
C GLU A 2026 31.70 25.73 26.54
N HIS A 2027 32.04 24.46 26.77
CA HIS A 2027 31.44 23.75 27.90
C HIS A 2027 31.90 24.36 29.21
N VAL A 2028 33.17 24.72 29.29
CA VAL A 2028 33.73 25.35 30.48
C VAL A 2028 33.10 26.72 30.70
N GLU A 2029 33.28 27.61 29.72
CA GLU A 2029 32.82 28.99 29.86
C GLU A 2029 31.31 29.08 29.92
N PHE A 2030 30.60 28.14 29.28
CA PHE A 2030 29.15 28.11 29.37
C PHE A 2030 28.71 27.68 30.76
N PHE A 2031 29.34 26.63 31.30
CA PHE A 2031 29.01 26.16 32.63
C PHE A 2031 29.33 27.21 33.69
N ALA A 2032 30.33 28.04 33.43
CA ALA A 2032 30.58 29.20 34.29
C ALA A 2032 29.55 30.30 34.05
N LEU A 2033 29.09 30.44 32.82
CA LEU A 2033 28.23 31.56 32.48
C LEU A 2033 26.83 31.37 33.02
N LEU A 2034 26.38 30.13 33.15
CA LEU A 2034 25.00 29.89 33.57
C LEU A 2034 24.79 30.08 35.06
N ARG A 2035 25.85 30.34 35.84
CA ARG A 2035 25.71 30.34 37.29
C ARG A 2035 26.38 31.49 38.01
N GLY A 2036 27.38 32.14 37.43
CA GLY A 2036 28.19 33.07 38.20
C GLY A 2036 27.68 34.48 38.36
N VAL A 2037 26.90 34.95 37.38
CA VAL A 2037 26.55 36.36 37.14
C VAL A 2037 27.82 37.21 37.11
N PRO A 2038 28.89 36.71 36.52
CA PRO A 2038 30.11 37.52 36.37
C PRO A 2038 30.47 37.76 34.91
N GLU A 2039 29.47 38.03 34.06
CA GLU A 2039 29.51 37.74 32.62
C GLU A 2039 30.73 38.32 31.91
N LYS A 2040 31.20 39.49 32.35
CA LYS A 2040 32.44 40.03 31.81
C LYS A 2040 33.64 39.18 32.22
N GLU A 2041 33.84 39.00 33.53
CA GLU A 2041 34.88 38.10 34.02
C GLU A 2041 34.53 36.63 33.77
N VAL A 2042 33.25 36.33 33.54
CA VAL A 2042 32.89 34.99 33.07
C VAL A 2042 33.10 34.82 31.58
N GLY A 2043 33.51 35.88 30.88
CA GLY A 2043 33.98 35.70 29.52
C GLY A 2043 35.25 34.90 29.46
N LYS A 2044 36.12 35.05 30.47
CA LYS A 2044 37.39 34.34 30.49
C LYS A 2044 37.70 33.76 31.87
N VAL A 2045 36.67 33.41 32.64
CA VAL A 2045 36.91 32.67 33.87
C VAL A 2045 37.38 31.25 33.58
N GLY A 2046 37.10 30.74 32.38
CA GLY A 2046 37.62 29.47 31.91
C GLY A 2046 39.09 29.46 31.59
N GLU A 2047 39.78 30.60 31.66
CA GLU A 2047 41.23 30.55 31.63
C GLU A 2047 41.78 30.27 33.02
N TRP A 2048 41.22 30.92 34.04
CA TRP A 2048 41.55 30.69 35.44
C TRP A 2048 40.84 29.45 36.00
N ALA A 2049 40.12 28.72 35.17
CA ALA A 2049 39.62 27.40 35.52
C ALA A 2049 40.18 26.32 34.60
N ILE A 2050 40.04 26.49 33.29
CA ILE A 2050 40.54 25.49 32.34
C ILE A 2050 42.07 25.44 32.38
N ARG A 2051 42.72 26.59 32.48
CA ARG A 2051 44.15 26.61 32.70
C ARG A 2051 44.49 26.13 34.11
N LYS A 2052 43.59 26.38 35.07
CA LYS A 2052 43.79 25.85 36.41
C LYS A 2052 43.66 24.33 36.45
N LEU A 2053 42.77 23.78 35.63
CA LEU A 2053 42.58 22.34 35.59
C LEU A 2053 43.61 21.65 34.72
N GLY A 2054 44.47 22.39 34.03
CA GLY A 2054 45.48 21.78 33.22
C GLY A 2054 44.96 21.10 31.98
N LEU A 2055 43.71 21.32 31.61
CA LEU A 2055 43.12 20.77 30.39
C LEU A 2055 42.67 21.97 29.56
N VAL A 2056 43.62 22.55 28.83
CA VAL A 2056 43.31 23.59 27.87
C VAL A 2056 43.93 23.35 26.51
N LYS A 2057 45.02 22.58 26.42
CA LYS A 2057 45.61 22.28 25.12
C LYS A 2057 44.82 21.21 24.39
N TYR A 2058 44.73 20.01 24.97
CA TYR A 2058 44.11 18.88 24.29
C TYR A 2058 42.67 18.65 24.71
N GLY A 2059 42.03 19.62 25.36
CA GLY A 2059 40.66 19.43 25.78
C GLY A 2059 39.68 20.48 25.29
N GLU A 2060 40.18 21.68 24.97
CA GLU A 2060 39.33 22.81 24.62
C GLU A 2060 39.38 23.16 23.15
N LYS A 2061 40.55 23.06 22.52
CA LYS A 2061 40.64 23.31 21.08
C LYS A 2061 39.98 22.18 20.30
N TYR A 2062 40.33 20.93 20.61
CA TYR A 2062 39.66 19.76 20.05
C TYR A 2062 38.30 19.62 20.74
N ALA A 2063 37.37 20.43 20.27
CA ALA A 2063 36.14 20.71 20.99
C ALA A 2063 35.16 19.56 20.86
N GLY A 2064 34.60 19.13 21.99
CA GLY A 2064 33.58 18.11 21.97
C GLY A 2064 33.90 16.88 22.80
N ASN A 2065 33.91 15.72 22.15
CA ASN A 2065 34.20 14.46 22.84
C ASN A 2065 35.71 14.24 22.90
N TYR A 2066 36.35 15.01 23.79
CA TYR A 2066 37.77 14.83 24.08
C TYR A 2066 37.96 13.49 24.79
N SER A 2067 38.68 12.58 24.14
CA SER A 2067 38.58 11.16 24.46
C SER A 2067 39.23 10.81 25.79
N GLY A 2068 38.71 9.74 26.41
CA GLY A 2068 39.42 9.08 27.49
C GLY A 2068 39.35 9.84 28.80
N GLY A 2069 40.50 9.93 29.47
CA GLY A 2069 40.56 10.44 30.83
C GLY A 2069 40.38 11.94 30.94
N ASN A 2070 40.48 12.65 29.82
CA ASN A 2070 40.28 14.10 29.86
C ASN A 2070 38.83 14.48 30.12
N LYS A 2071 37.88 13.57 29.87
CA LYS A 2071 36.48 13.88 30.09
C LYS A 2071 36.16 14.07 31.56
N ARG A 2072 36.71 13.21 32.43
CA ARG A 2072 36.50 13.37 33.86
C ARG A 2072 37.21 14.60 34.39
N LYS A 2073 38.34 14.97 33.77
CA LYS A 2073 38.99 16.23 34.08
C LYS A 2073 38.09 17.40 33.73
N LEU A 2074 37.39 17.33 32.60
CA LEU A 2074 36.46 18.39 32.22
C LEU A 2074 35.24 18.41 33.12
N SER A 2075 34.84 17.26 33.66
CA SER A 2075 33.70 17.22 34.56
C SER A 2075 34.03 17.85 35.90
N THR A 2076 35.17 17.47 36.49
CA THR A 2076 35.63 18.12 37.69
C THR A 2076 35.96 19.59 37.46
N ALA A 2077 36.29 19.95 36.22
CA ALA A 2077 36.45 21.35 35.85
C ALA A 2077 35.11 22.07 35.85
N MET A 2078 34.06 21.40 35.38
CA MET A 2078 32.74 22.04 35.38
C MET A 2078 32.18 22.17 36.78
N ALA A 2079 32.63 21.33 37.71
CA ALA A 2079 32.33 21.60 39.11
C ALA A 2079 33.33 22.55 39.74
N LEU A 2080 34.47 22.81 39.08
CA LEU A 2080 35.48 23.65 39.70
C LEU A 2080 35.09 25.11 39.64
N ILE A 2081 34.55 25.57 38.50
CA ILE A 2081 34.32 27.00 38.29
C ILE A 2081 33.12 27.54 39.04
N GLY A 2082 32.40 26.70 39.80
CA GLY A 2082 31.24 27.17 40.53
C GLY A 2082 31.55 28.13 41.65
N GLY A 2083 32.73 28.02 42.25
CA GLY A 2083 33.10 28.86 43.37
C GLY A 2083 32.23 28.57 44.57
N PRO A 2084 32.08 27.28 44.89
CA PRO A 2084 31.05 26.86 45.84
C PRO A 2084 31.49 27.08 47.28
N PRO A 2085 30.55 26.97 48.22
CA PRO A 2085 30.95 26.90 49.63
C PRO A 2085 31.28 25.49 50.07
N VAL A 2086 30.87 24.49 49.29
CA VAL A 2086 31.24 23.09 49.52
C VAL A 2086 31.11 22.35 48.20
N VAL A 2087 32.14 21.60 47.83
CA VAL A 2087 32.20 20.97 46.53
C VAL A 2087 31.79 19.51 46.65
N PHE A 2088 31.57 18.88 45.52
CA PHE A 2088 31.28 17.45 45.48
C PHE A 2088 31.88 16.87 44.21
N LEU A 2089 32.61 15.78 44.35
CA LEU A 2089 33.22 15.13 43.19
C LEU A 2089 33.25 13.63 43.47
N ASP A 2090 32.22 12.94 43.00
CA ASP A 2090 32.13 11.49 43.11
C ASP A 2090 32.62 10.85 41.84
N GLU A 2091 33.27 9.68 41.99
CA GLU A 2091 34.04 9.04 40.94
C GLU A 2091 35.02 10.01 40.28
N PRO A 2092 35.92 10.62 41.06
CA PRO A 2092 36.76 11.69 40.50
C PRO A 2092 37.84 11.20 39.57
N THR A 2093 38.04 9.89 39.44
CA THR A 2093 39.03 9.36 38.52
C THR A 2093 38.65 7.93 38.16
N THR A 2094 38.74 7.61 36.88
CA THR A 2094 38.56 6.23 36.44
C THR A 2094 39.61 5.76 35.44
N GLY A 2095 40.25 6.67 34.71
CA GLY A 2095 41.30 6.30 33.78
C GLY A 2095 42.48 7.23 33.92
N MET A 2096 42.69 7.68 35.16
CA MET A 2096 43.67 8.72 35.48
C MET A 2096 44.96 8.13 36.02
N ASP A 2097 45.38 7.00 35.47
CA ASP A 2097 46.48 6.23 36.06
C ASP A 2097 47.82 6.94 36.01
N PRO A 2098 48.20 7.60 34.91
CA PRO A 2098 49.56 8.16 34.80
C PRO A 2098 49.86 9.30 35.76
N LYS A 2099 49.10 10.39 35.68
CA LYS A 2099 49.42 11.55 36.50
C LYS A 2099 48.18 12.14 37.16
N ALA A 2100 47.03 11.96 36.54
CA ALA A 2100 45.85 12.73 36.89
C ALA A 2100 45.13 12.21 38.12
N ARG A 2101 45.59 11.10 38.71
CA ARG A 2101 44.98 10.65 39.96
C ARG A 2101 45.41 11.53 41.12
N ARG A 2102 46.72 11.62 41.36
CA ARG A 2102 47.25 12.55 42.35
C ARG A 2102 47.39 13.96 41.80
N PHE A 2103 47.18 14.16 40.50
CA PHE A 2103 47.24 15.50 39.92
C PHE A 2103 45.87 16.16 39.92
N LEU A 2104 44.84 15.43 39.50
CA LEU A 2104 43.48 15.90 39.70
C LEU A 2104 43.14 15.92 41.18
N TRP A 2105 43.63 14.92 41.92
CA TRP A 2105 43.53 14.94 43.37
C TRP A 2105 44.35 16.08 43.97
N ASN A 2106 45.42 16.49 43.30
CA ASN A 2106 46.15 17.67 43.73
C ASN A 2106 45.37 18.94 43.43
N CYS A 2107 44.55 18.94 42.38
CA CYS A 2107 43.67 20.06 42.13
C CYS A 2107 42.58 20.15 43.18
N ALA A 2108 42.08 19.00 43.63
CA ALA A 2108 41.17 18.98 44.77
C ALA A 2108 41.88 19.45 46.03
N LEU A 2109 43.17 19.09 46.17
CA LEU A 2109 43.94 19.52 47.34
C LEU A 2109 44.14 21.03 47.33
N SER A 2110 44.28 21.61 46.15
CA SER A 2110 44.32 23.06 46.05
C SER A 2110 42.96 23.67 46.33
N VAL A 2111 41.89 22.96 45.98
CA VAL A 2111 40.53 23.49 46.19
C VAL A 2111 40.22 23.56 47.68
N VAL A 2112 40.29 22.42 48.37
CA VAL A 2112 39.97 22.43 49.79
C VAL A 2112 41.09 23.06 50.62
N LYS A 2113 42.33 23.06 50.12
CA LYS A 2113 43.40 23.75 50.83
C LYS A 2113 43.31 25.26 50.65
N GLU A 2114 42.60 25.73 49.63
CA GLU A 2114 42.32 27.15 49.49
C GLU A 2114 41.10 27.59 50.30
N GLY A 2115 40.48 26.68 51.04
CA GLY A 2115 39.37 27.04 51.90
C GLY A 2115 38.02 26.89 51.24
N ARG A 2116 37.73 25.71 50.68
CA ARG A 2116 36.46 25.46 50.02
C ARG A 2116 35.67 24.29 50.60
N SER A 2117 36.31 23.41 51.38
CA SER A 2117 35.66 22.33 52.15
C SER A 2117 34.88 21.35 51.27
N VAL A 2118 35.64 20.65 50.42
CA VAL A 2118 35.07 19.75 49.42
C VAL A 2118 34.54 18.48 50.06
N VAL A 2119 33.71 17.75 49.30
CA VAL A 2119 33.31 16.40 49.65
C VAL A 2119 33.99 15.45 48.68
N LEU A 2120 33.84 14.15 48.92
CA LEU A 2120 34.47 13.15 48.07
C LEU A 2120 33.72 11.84 48.19
N THR A 2121 33.68 11.09 47.09
CA THR A 2121 33.10 9.75 47.08
C THR A 2121 33.86 8.98 46.00
N SER A 2122 34.28 7.76 46.32
CA SER A 2122 35.15 7.00 45.45
C SER A 2122 34.94 5.51 45.63
N HIS A 2123 35.07 4.79 44.52
CA HIS A 2123 35.16 3.34 44.51
C HIS A 2123 36.60 2.87 44.62
N SER A 2124 37.49 3.73 45.11
CA SER A 2124 38.89 3.38 45.29
C SER A 2124 39.38 4.18 46.49
N MET A 2125 39.42 3.53 47.66
CA MET A 2125 39.73 4.21 48.90
C MET A 2125 41.20 4.62 49.01
N GLU A 2126 42.07 4.13 48.12
CA GLU A 2126 43.49 4.45 48.19
C GLU A 2126 43.76 5.88 47.77
N GLU A 2127 43.46 6.19 46.51
CA GLU A 2127 43.77 7.51 45.98
C GLU A 2127 42.89 8.60 46.57
N CYS A 2128 41.71 8.24 47.08
CA CYS A 2128 40.90 9.21 47.81
C CYS A 2128 41.41 9.38 49.24
N GLU A 2129 41.81 8.28 49.88
CA GLU A 2129 42.24 8.32 51.27
C GLU A 2129 43.58 9.04 51.40
N ALA A 2130 44.41 9.00 50.38
CA ALA A 2130 45.67 9.73 50.42
C ALA A 2130 45.44 11.24 50.43
N LEU A 2131 44.39 11.72 49.77
CA LEU A 2131 44.15 13.15 49.63
C LEU A 2131 43.13 13.70 50.62
N CYS A 2132 42.34 12.86 51.27
CA CYS A 2132 41.27 13.33 52.12
C CYS A 2132 41.81 13.85 53.44
N THR A 2133 40.90 14.32 54.30
CA THR A 2133 41.25 14.73 55.65
C THR A 2133 40.27 14.25 56.71
N ARG A 2134 39.09 13.77 56.34
CA ARG A 2134 38.11 13.28 57.31
C ARG A 2134 37.15 12.35 56.57
N MET A 2135 36.88 11.20 57.17
CA MET A 2135 36.02 10.22 56.52
C MET A 2135 34.56 10.59 56.69
N ALA A 2136 33.68 9.81 56.06
CA ALA A 2136 32.24 9.98 56.19
C ALA A 2136 31.55 8.67 55.86
N ILE A 2137 30.64 8.25 56.74
CA ILE A 2137 29.90 7.01 56.60
C ILE A 2137 28.69 7.10 57.51
N MET A 2138 27.55 6.60 57.03
CA MET A 2138 26.29 6.65 57.76
C MET A 2138 25.81 5.23 58.05
N VAL A 2139 25.51 4.94 59.32
CA VAL A 2139 25.10 3.59 59.69
C VAL A 2139 23.60 3.41 59.46
N ASN A 2140 22.79 4.14 60.21
CA ASN A 2140 21.34 4.12 59.97
C ASN A 2140 20.65 5.46 60.14
N GLY A 2141 21.27 6.46 60.77
CA GLY A 2141 20.64 7.75 61.01
C GLY A 2141 21.27 8.87 60.22
N ARG A 2142 22.12 9.64 60.88
CA ARG A 2142 22.97 10.61 60.20
C ARG A 2142 24.31 9.94 59.89
N PHE A 2143 25.30 10.71 59.44
CA PHE A 2143 26.61 10.13 59.19
C PHE A 2143 27.36 9.93 60.50
N ARG A 2144 27.68 11.04 61.19
CA ARG A 2144 28.40 11.06 62.47
C ARG A 2144 29.75 10.38 62.39
N CYS A 2145 30.38 10.40 61.21
CA CYS A 2145 31.70 9.81 61.02
C CYS A 2145 32.70 10.95 60.90
N LEU A 2146 33.53 11.13 61.93
CA LEU A 2146 34.50 12.22 61.99
C LEU A 2146 35.82 11.63 62.43
N GLY A 2147 36.63 11.21 61.46
CA GLY A 2147 37.92 10.64 61.78
C GLY A 2147 38.95 10.89 60.69
N SER A 2148 40.15 11.29 61.10
CA SER A 2148 41.26 11.34 60.17
C SER A 2148 41.78 9.94 59.91
N VAL A 2149 42.63 9.82 58.88
CA VAL A 2149 43.04 8.51 58.38
C VAL A 2149 43.91 7.79 59.40
N GLN A 2150 44.86 8.51 60.01
CA GLN A 2150 45.74 7.87 60.99
C GLN A 2150 45.00 7.56 62.28
N HIS A 2151 43.95 8.32 62.60
CA HIS A 2151 43.17 8.03 63.79
C HIS A 2151 42.24 6.85 63.57
N LEU A 2152 41.63 6.78 62.38
CA LEU A 2152 40.74 5.68 62.06
C LEU A 2152 41.51 4.38 61.88
N LYS A 2153 42.74 4.47 61.37
CA LYS A 2153 43.60 3.30 61.35
C LYS A 2153 44.13 2.98 62.73
N ASN A 2154 44.30 4.00 63.58
CA ASN A 2154 44.80 3.77 64.92
C ASN A 2154 43.75 3.11 65.81
N ARG A 2155 42.48 3.33 65.53
CA ARG A 2155 41.41 2.72 66.29
C ARG A 2155 40.93 1.42 65.63
N PHE A 2156 40.46 1.53 64.39
CA PHE A 2156 39.94 0.38 63.68
C PHE A 2156 40.74 0.12 62.42
N ILE A 2162 46.10 -0.68 52.01
CA ILE A 2162 46.94 -0.36 53.16
C ILE A 2162 46.12 -0.47 54.43
N VAL A 2163 46.39 0.43 55.37
CA VAL A 2163 45.55 0.53 56.56
C VAL A 2163 44.16 1.02 56.19
N VAL A 2164 44.06 1.84 55.14
CA VAL A 2164 42.76 2.32 54.69
C VAL A 2164 41.96 1.20 54.05
N ARG A 2165 42.65 0.29 53.37
CA ARG A 2165 41.95 -0.84 52.78
C ARG A 2165 41.63 -1.91 53.82
N ILE A 2166 42.48 -2.10 54.82
CA ILE A 2166 42.22 -3.11 55.84
C ILE A 2166 41.10 -2.65 56.77
N ALA A 2167 41.06 -1.35 57.08
CA ALA A 2167 39.96 -0.84 57.90
C ALA A 2167 38.69 -0.67 57.09
N GLY A 2168 38.81 -0.24 55.83
CA GLY A 2168 37.65 -0.16 54.97
C GLY A 2168 37.10 -1.49 54.52
N SER A 2169 37.86 -2.57 54.71
CA SER A 2169 37.43 -3.93 54.38
C SER A 2169 36.94 -4.69 55.61
N ASN A 2170 37.66 -4.58 56.73
CA ASN A 2170 37.16 -5.19 57.97
C ASN A 2170 35.93 -4.46 58.48
N PRO A 2171 36.00 -3.18 58.86
CA PRO A 2171 34.83 -2.47 59.37
C PRO A 2171 34.54 -1.19 58.59
N PHE A 2180 52.16 26.28 67.97
CA PHE A 2180 51.51 25.04 68.39
C PHE A 2180 52.18 23.84 67.73
N GLY A 2181 52.41 23.94 66.42
CA GLY A 2181 53.06 22.87 65.69
C GLY A 2181 54.55 23.09 65.52
N LEU A 2182 55.15 23.86 66.43
CA LEU A 2182 56.58 24.15 66.37
C LEU A 2182 57.44 23.03 66.92
N ALA A 2183 56.84 21.96 67.46
CA ALA A 2183 57.59 20.84 68.00
C ALA A 2183 58.18 19.93 66.93
N PHE A 2184 57.84 20.16 65.66
CA PHE A 2184 58.48 19.47 64.55
C PHE A 2184 59.93 19.93 64.46
N PRO A 2185 60.23 21.17 64.85
CA PRO A 2185 61.63 21.62 64.88
C PRO A 2185 62.43 20.99 66.00
N GLY A 2186 61.79 20.71 67.14
CA GLY A 2186 62.48 20.00 68.21
C GLY A 2186 62.82 18.57 67.80
N SER A 2187 61.93 17.93 67.04
CA SER A 2187 62.27 16.64 66.46
C SER A 2187 63.30 16.79 65.35
N VAL A 2188 63.32 17.95 64.68
CA VAL A 2188 64.33 18.19 63.65
C VAL A 2188 65.70 18.42 64.26
N LEU A 2189 65.76 18.77 65.54
CA LEU A 2189 67.02 18.78 66.27
C LEU A 2189 67.32 17.42 66.89
N LYS A 2190 66.30 16.68 67.30
CA LYS A 2190 66.49 15.32 67.79
C LYS A 2190 66.90 14.39 66.66
N GLU A 2191 66.03 14.25 65.65
CA GLU A 2191 66.41 13.54 64.43
C GLU A 2191 67.28 14.49 63.62
N LYS A 2192 68.60 14.24 63.66
CA LYS A 2192 69.56 15.12 63.01
C LYS A 2192 69.44 15.11 61.49
N HIS A 2193 68.88 14.05 60.91
CA HIS A 2193 68.55 14.04 59.48
C HIS A 2193 67.19 14.72 59.30
N ARG A 2194 67.20 16.03 59.46
CA ARG A 2194 65.97 16.83 59.45
C ARG A 2194 65.47 16.95 58.02
N ASN A 2195 64.50 16.11 57.67
CA ASN A 2195 63.89 16.16 56.34
C ASN A 2195 62.78 17.19 56.33
N MET A 2196 61.97 17.19 55.27
CA MET A 2196 60.85 18.10 55.17
C MET A 2196 59.64 17.51 55.90
N LEU A 2197 58.57 18.30 55.98
CA LEU A 2197 57.34 17.85 56.64
C LEU A 2197 56.17 18.51 55.92
N GLN A 2198 55.56 17.79 54.98
CA GLN A 2198 54.37 18.28 54.31
C GLN A 2198 53.19 18.26 55.29
N TYR A 2199 52.37 19.30 55.21
CA TYR A 2199 51.35 19.54 56.22
C TYR A 2199 50.14 18.63 56.00
N GLN A 2200 49.15 18.79 56.86
CA GLN A 2200 47.90 18.04 56.80
C GLN A 2200 46.82 18.85 57.49
N LEU A 2201 45.66 18.23 57.73
CA LEU A 2201 44.59 18.93 58.42
C LEU A 2201 44.97 19.14 59.87
N PRO A 2202 44.98 18.10 60.69
CA PRO A 2202 45.55 18.20 62.04
C PRO A 2202 46.96 17.65 62.18
N SER A 2203 47.54 17.10 61.12
CA SER A 2203 48.67 16.19 61.22
C SER A 2203 49.91 16.75 60.54
N SER A 2204 51.01 15.99 60.65
CA SER A 2204 52.28 16.33 60.06
C SER A 2204 52.89 15.08 59.42
N LEU A 2205 54.15 15.14 59.02
CA LEU A 2205 54.81 14.01 58.37
C LEU A 2205 56.31 14.11 58.59
N SER A 2206 57.04 13.10 58.12
CA SER A 2206 58.49 13.05 58.27
C SER A 2206 59.04 12.15 57.17
N SER A 2207 59.74 12.73 56.20
CA SER A 2207 60.24 12.00 55.04
C SER A 2207 61.73 11.69 55.15
N LEU A 2208 62.20 11.35 56.34
CA LEU A 2208 63.61 11.09 56.55
C LEU A 2208 64.02 9.77 55.93
N ALA A 2209 65.18 9.75 55.28
CA ALA A 2209 65.66 8.55 54.63
C ALA A 2209 66.18 7.56 55.65
N ARG A 2210 66.21 6.29 55.25
CA ARG A 2210 66.67 5.22 56.12
C ARG A 2210 68.12 4.86 55.80
N ILE A 2211 69.03 5.73 56.25
CA ILE A 2211 70.45 5.47 56.11
C ILE A 2211 70.92 4.80 57.40
N PHE A 2212 70.81 5.51 58.51
CA PHE A 2212 70.97 4.95 59.85
C PHE A 2212 69.76 5.44 60.65
N SER A 2213 68.65 4.71 60.52
CA SER A 2213 67.39 5.08 61.15
C SER A 2213 67.20 4.45 62.51
N ILE A 2214 68.30 4.11 63.19
CA ILE A 2214 68.20 3.46 64.51
C ILE A 2214 67.70 4.45 65.55
N LEU A 2215 68.47 5.50 65.79
CA LEU A 2215 68.09 6.53 66.74
C LEU A 2215 67.10 7.54 66.16
N SER A 2216 66.76 7.40 64.87
CA SER A 2216 65.79 8.30 64.24
C SER A 2216 64.40 8.08 64.80
N GLN A 2217 64.02 6.83 65.04
CA GLN A 2217 62.75 6.51 65.65
C GLN A 2217 62.88 6.04 67.08
N SER A 2218 64.10 5.83 67.58
CA SER A 2218 64.28 5.39 68.97
C SER A 2218 64.06 6.54 69.93
N LYS A 2219 64.87 7.59 69.81
CA LYS A 2219 64.73 8.74 70.70
C LYS A 2219 63.46 9.51 70.40
N LYS A 2220 63.01 9.52 69.14
CA LYS A 2220 61.74 10.14 68.80
C LYS A 2220 60.56 9.25 69.12
N ARG A 2221 60.78 7.97 69.43
CA ARG A 2221 59.69 7.10 69.85
C ARG A 2221 59.52 7.14 71.36
N LEU A 2222 60.61 6.94 72.10
CA LEU A 2222 60.57 7.11 73.55
C LEU A 2222 60.29 8.54 73.93
N HIS A 2223 60.71 9.49 73.10
CA HIS A 2223 60.30 10.88 73.26
C HIS A 2223 58.91 11.12 72.71
N ILE A 2224 58.47 10.30 71.75
CA ILE A 2224 57.12 10.45 71.21
C ILE A 2224 56.08 10.04 72.24
N GLU A 2225 56.37 9.00 73.02
CA GLU A 2225 55.51 8.65 74.14
C GLU A 2225 55.84 9.47 75.38
N ASP A 2226 57.09 9.94 75.49
CA ASP A 2226 57.47 10.76 76.63
C ASP A 2226 56.91 12.17 76.50
N TYR A 2227 57.00 12.75 75.31
CA TYR A 2227 56.54 14.12 75.09
C TYR A 2227 55.35 14.13 74.13
N SER A 2228 54.39 13.23 74.37
CA SER A 2228 53.15 13.22 73.62
C SER A 2228 52.24 14.41 73.93
N VAL A 2229 52.58 15.23 74.93
CA VAL A 2229 51.88 16.47 75.15
C VAL A 2229 52.29 17.55 74.14
N SER A 2230 53.43 17.38 73.48
CA SER A 2230 53.76 18.25 72.35
C SER A 2230 52.81 18.03 71.19
N GLN A 2231 52.45 16.78 70.92
CA GLN A 2231 51.41 16.45 69.96
C GLN A 2231 50.12 16.19 70.74
N THR A 2232 49.50 17.28 71.21
CA THR A 2232 48.38 17.18 72.13
C THR A 2232 47.03 16.98 71.42
N THR A 2233 46.66 17.92 70.54
CA THR A 2233 45.44 17.78 69.78
C THR A 2233 45.62 16.90 68.56
N LEU A 2234 46.86 16.74 68.08
CA LEU A 2234 47.13 15.72 67.08
C LEU A 2234 47.02 14.33 67.69
N ASP A 2235 47.64 14.14 68.88
CA ASP A 2235 47.37 13.02 69.78
C ASP A 2235 47.70 11.65 69.15
N GLN A 2236 48.76 11.62 68.34
CA GLN A 2236 49.06 10.39 67.64
C GLN A 2236 50.56 10.27 67.38
N VAL A 2237 51.02 9.03 67.34
CA VAL A 2237 52.32 8.68 66.80
C VAL A 2237 52.01 7.74 65.64
N PHE A 2238 51.86 8.32 64.45
CA PHE A 2238 51.45 7.55 63.29
C PHE A 2238 52.65 7.11 62.48
N VAL A 2239 52.46 6.08 61.68
CA VAL A 2239 53.47 5.63 60.71
C VAL A 2239 52.80 5.46 59.35
N HIS A 2250 63.88 5.24 52.48
CA HIS A 2250 62.50 5.14 52.93
C HIS A 2250 62.00 6.46 53.50
N LEU A 2251 60.77 6.46 54.00
CA LEU A 2251 60.16 7.65 54.58
C LEU A 2251 59.05 7.21 55.53
N LYS A 2252 58.28 8.17 56.02
CA LYS A 2252 57.20 7.91 56.95
C LYS A 2252 56.26 9.12 56.97
N ASP A 2253 55.34 9.14 57.93
CA ASP A 2253 54.46 10.26 58.23
C ASP A 2253 53.90 10.04 59.63
N LEU A 2254 53.68 11.13 60.35
CA LEU A 2254 53.28 11.01 61.74
C LEU A 2254 52.45 12.21 62.15
N SER A 2255 51.26 11.94 62.68
CA SER A 2255 50.38 12.99 63.17
C SER A 2255 50.89 13.59 64.46
C1 NAG B . -17.97 -22.21 -36.74
C2 NAG B . -19.33 -22.72 -37.19
C3 NAG B . -20.28 -22.82 -36.00
C4 NAG B . -19.65 -23.62 -34.87
C5 NAG B . -18.29 -23.04 -34.55
C6 NAG B . -17.52 -23.85 -33.53
C7 NAG B . -20.70 -22.35 -39.17
C8 NAG B . -21.18 -21.35 -40.18
N2 NAG B . -19.88 -21.88 -38.23
O3 NAG B . -21.49 -23.43 -36.41
O4 NAG B . -20.41 -23.53 -33.67
O5 NAG B . -17.48 -23.01 -35.73
O6 NAG B . -18.13 -23.74 -32.25
O7 NAG B . -21.06 -23.51 -39.21
C1 NAG B . -21.21 -24.67 -33.43
C2 NAG B . -21.10 -25.11 -31.97
C3 NAG B . -22.18 -26.14 -31.61
C4 NAG B . -23.56 -25.65 -32.02
C5 NAG B . -23.55 -25.25 -33.49
C6 NAG B . -24.83 -24.62 -33.94
C7 NAG B . -19.13 -26.67 -32.13
C8 NAG B . -17.78 -26.95 -31.56
N2 NAG B . -19.78 -25.60 -31.62
O3 NAG B . -22.14 -26.38 -30.21
O4 NAG B . -24.49 -26.72 -31.86
O5 NAG B . -22.52 -24.27 -33.70
O6 NAG B . -25.81 -25.61 -34.21
O7 NAG B . -19.62 -27.38 -33.01
C1 BMA B . -25.37 -26.50 -30.75
C2 BMA B . -26.80 -26.71 -31.25
C3 BMA B . -27.78 -26.74 -30.09
C4 BMA B . -27.31 -27.63 -28.93
C5 BMA B . -25.90 -27.23 -28.54
C6 BMA B . -25.31 -28.02 -27.38
O2 BMA B . -26.90 -27.97 -31.87
O3 BMA B . -29.05 -27.15 -30.53
O4 BMA B . -28.17 -27.49 -27.83
O5 BMA B . -25.05 -27.39 -29.68
O6 BMA B . -25.98 -29.25 -27.24
C1 BMA B . -29.84 -25.97 -30.70
C2 BMA B . -30.88 -26.24 -31.81
C3 BMA B . -31.89 -25.09 -31.89
C4 BMA B . -32.42 -24.63 -30.51
C5 BMA B . -31.25 -24.39 -29.54
C6 BMA B . -31.70 -23.99 -28.14
O2 BMA B . -31.63 -27.40 -31.51
O3 BMA B . -32.98 -25.43 -32.73
O4 BMA B . -33.17 -23.44 -30.64
O5 BMA B . -30.47 -25.59 -29.46
O6 BMA B . -32.43 -25.05 -27.56
C1 BMA B . -25.08 -30.31 -27.63
C2 BMA B . -23.97 -30.47 -26.58
C3 BMA B . -23.02 -31.56 -27.04
C4 BMA B . -23.78 -32.88 -27.32
C5 BMA B . -25.02 -32.62 -28.23
C6 BMA B . -25.97 -33.80 -28.30
O2 BMA B . -24.52 -30.89 -25.35
O3 BMA B . -21.97 -31.78 -26.12
O4 BMA B . -22.91 -33.79 -27.97
O5 BMA B . -25.78 -31.52 -27.71
O6 BMA B . -27.23 -33.33 -27.82
C1 NAG C . -17.46 24.54 -21.26
C2 NAG C . -17.74 26.02 -21.33
C3 NAG C . -17.01 26.60 -22.53
C4 NAG C . -15.51 26.33 -22.37
C5 NAG C . -15.23 24.85 -22.10
C6 NAG C . -13.81 24.59 -21.67
C7 NAG C . -19.88 26.56 -20.30
C8 NAG C . -21.33 26.88 -20.53
N2 NAG C . -19.16 26.33 -21.40
O3 NAG C . -17.32 27.98 -22.62
O4 NAG C . -14.81 26.69 -23.55
O5 NAG C . -16.07 24.33 -21.05
O6 NAG C . -13.72 24.47 -20.25
O7 NAG C . -19.40 26.50 -19.18
C1 NAG C . -14.19 27.99 -23.40
C2 NAG C . -12.67 27.87 -23.32
C3 NAG C . -11.95 29.12 -23.89
C4 NAG C . -12.81 30.38 -23.85
C5 NAG C . -14.25 30.16 -24.34
C6 NAG C . -14.53 30.83 -25.66
C7 NAG C . -12.31 28.22 -20.85
C8 NAG C . -11.69 27.61 -19.65
N2 NAG C . -12.17 27.51 -22.00
O3 NAG C . -11.56 28.85 -25.24
O4 NAG C . -12.84 30.90 -22.52
O5 NAG C . -14.53 28.77 -24.51
O6 NAG C . -13.56 31.82 -25.96
O7 NAG C . -12.91 29.29 -20.80
C1 NAG D . -35.83 -17.28 -42.74
C2 NAG D . -34.35 -17.53 -43.08
C3 NAG D . -34.20 -18.25 -44.42
C4 NAG D . -35.04 -19.51 -44.45
C5 NAG D . -36.48 -19.14 -44.19
C6 NAG D . -37.40 -20.36 -44.16
C7 NAG D . -32.92 -15.81 -42.07
C8 NAG D . -32.25 -14.49 -42.27
N2 NAG D . -33.64 -16.26 -43.10
O3 NAG D . -32.82 -18.56 -44.61
O4 NAG D . -34.90 -20.14 -45.73
O5 NAG D . -36.59 -18.51 -42.91
O6 NAG D . -38.23 -20.43 -45.30
O7 NAG D . -32.81 -16.46 -41.03
C1 NAG E . -39.16 16.48 -39.01
C2 NAG E . -39.98 17.51 -39.79
C3 NAG E . -41.36 17.68 -39.15
C4 NAG E . -42.05 16.33 -38.99
C5 NAG E . -41.14 15.37 -38.24
C6 NAG E . -41.70 13.98 -38.13
C7 NAG E . -38.46 19.11 -40.87
C8 NAG E . -37.82 20.46 -40.77
N2 NAG E . -39.28 18.79 -39.86
O3 NAG E . -42.16 18.54 -39.96
O4 NAG E . -43.27 16.50 -38.27
O5 NAG E . -39.89 15.25 -38.91
O6 NAG E . -41.01 13.25 -37.12
O7 NAG E . -38.25 18.35 -41.80
C1 NAG F . -67.08 -3.58 -28.33
C2 NAG F . -68.59 -3.42 -28.25
C3 NAG F . -69.13 -4.14 -27.02
C4 NAG F . -68.65 -5.59 -27.00
C5 NAG F . -67.15 -5.64 -27.11
C6 NAG F . -66.60 -7.04 -27.15
C7 NAG F . -69.55 -1.41 -29.26
C8 NAG F . -69.85 0.05 -29.07
N2 NAG F . -68.96 -2.02 -28.22
O3 NAG F . -70.56 -4.09 -27.05
O4 NAG F . -69.07 -6.23 -25.80
O5 NAG F . -66.74 -4.98 -28.32
O6 NAG F . -66.74 -7.67 -25.89
O7 NAG F . -69.80 -2.00 -30.30
C1 NAG G . -25.76 31.05 -20.09
C2 NAG G . -26.22 32.39 -20.67
C3 NAG G . -26.40 33.42 -19.55
C4 NAG G . -27.33 32.88 -18.47
C5 NAG G . -26.80 31.54 -17.97
C6 NAG G . -27.70 30.88 -16.96
C7 NAG G . -25.39 32.69 -22.97
C8 NAG G . -24.29 33.26 -23.82
N2 NAG G . -25.25 32.88 -21.65
O3 NAG G . -26.94 34.61 -20.11
O4 NAG G . -27.43 33.79 -17.39
O5 NAG G . -26.69 30.63 -19.08
O6 NAG G . -27.45 29.49 -16.85
O7 NAG G . -26.34 32.10 -23.45
C1 NAG H . -10.37 -40.12 -44.08
C2 NAG H . -10.28 -40.76 -42.66
C3 NAG H . -10.94 -42.13 -42.64
C4 NAG H . -12.36 -42.06 -43.18
C5 NAG H . -12.33 -41.51 -44.60
C6 NAG H . -13.69 -41.36 -45.21
C7 NAG H . -8.31 -40.17 -41.26
C8 NAG H . -9.19 -39.19 -40.55
N2 NAG H . -8.88 -40.88 -42.25
O3 NAG H . -10.94 -42.64 -41.31
O4 NAG H . -12.96 -43.35 -43.16
O5 NAG H . -11.74 -40.20 -44.58
O6 NAG H . -13.61 -40.87 -46.54
O7 NAG H . -7.13 -40.32 -40.97
#